data_5GW7
#
_entry.id   5GW7
#
_cell.length_a   56.740
_cell.length_b   137.069
_cell.length_c   81.599
_cell.angle_alpha   90.00
_cell.angle_beta   100.00
_cell.angle_gamma   90.00
#
_symmetry.space_group_name_H-M   'P 1 21 1'
#
loop_
_entity.id
_entity.type
_entity.pdbx_description
1 polymer 'Glucosidase YgjK'
2 branched beta-D-galactopyranose-(1-4)-alpha-D-glucopyranose
3 non-polymer 'CALCIUM ION'
4 non-polymer 'MAGNESIUM ION'
5 non-polymer beta-D-glucopyranose
6 water water
#
_entity_poly.entity_id   1
_entity_poly.type   'polypeptide(L)'
_entity_poly.pdbx_seq_one_letter_code
;NADNYKNVINRTGAPQYMKDYDYDDHQRFNPFFDLGAWHGHLLPDGPNTMGGFPGVALLTEEYINFMASNFDRLTVWQDG
KKVDFTLEAYSIPGALVQKLTAKDVQVEMTLRFATPRTSLLETKITSNKPLDLVWDGELLEKLEAKEGKPLSDKTIAGEY
PDYQRKISATRDGLKVTFGKVRATWDLLTSGESEYQVHKSLPVQTEINGNRFTSKAHINGSTTLYTTYSHLLTAQEVSKE
QMQIRDILARPAFYLTASQQRWEEYLKKGLTNPDATPEQTRVAVKAIETLNGNWRSPGGAVKFNTVTPSVTGRWFSGNQT
WPWDTWKQAFAMAHFNPDIAKENIRAVFSWQIQPGDSVRPQDVGFVPDLIAWNLSPERGGDGGNWNERNTKPSLAAWSVM
EVYNVTQDKTWVAEMYPKLVAYHDWWLRNRDHNGNGVPEYGATRDKAHNTESGEMLFTVKKGDKEETQSGLNNYARVVEK
GQYDSLEIPAQVAASWESGRDDAAVFGFIDKEQLDKYVANGGKRSDWTVKFAENRSQDGTLLGYSLLQESVDQASYMYSD
NHYLAEMATILGKPEEAKRYRQLAQQLADYINTCMFDPTTQFYYDVRIEDKPLANGCAGKPIVERGKGPEGWSPLFNGAA
TQANADAVVKVMLDPKEFNTFVPLGTAALTNPAFGADIYWRGRVWVDQFWFGLKGMERYGYRDDALKLADTFFRHAKGLT
ADGPIQANYNPLTGAQQGAPNFSWSAAHLYMLYNDFFRKQ
;
_entity_poly.pdbx_strand_id   A,B
#
loop_
_chem_comp.id
_chem_comp.type
_chem_comp.name
_chem_comp.formula
BGC D-saccharide, beta linking beta-D-glucopyranose 'C6 H12 O6'
CA non-polymer 'CALCIUM ION' 'Ca 2'
GAL D-saccharide, beta linking beta-D-galactopyranose 'C6 H12 O6'
GLC D-saccharide, alpha linking alpha-D-glucopyranose 'C6 H12 O6'
MG non-polymer 'MAGNESIUM ION' 'Mg 2'
#
# COMPACT_ATOMS: atom_id res chain seq x y z
N ASN A 1 31.01 19.72 38.08
CA ASN A 1 29.90 19.49 39.06
C ASN A 1 28.52 19.45 38.40
N ALA A 2 27.84 18.31 38.54
CA ALA A 2 26.52 18.07 37.98
C ALA A 2 25.50 19.13 38.36
N ASP A 3 25.59 19.69 39.56
CA ASP A 3 24.68 20.74 40.03
C ASP A 3 24.65 22.05 39.21
N ASN A 4 25.64 22.28 38.34
CA ASN A 4 25.59 23.43 37.40
C ASN A 4 24.62 23.29 36.23
N TYR A 5 24.09 22.08 36.02
CA TYR A 5 23.28 21.79 34.85
C TYR A 5 21.95 21.19 35.26
N LYS A 6 21.10 22.02 35.83
CA LYS A 6 19.83 21.56 36.31
C LYS A 6 18.83 21.67 35.18
N ASN A 7 17.99 20.64 35.05
CA ASN A 7 16.83 20.63 34.12
C ASN A 7 17.21 20.90 32.67
N VAL A 8 18.34 20.31 32.27
CA VAL A 8 18.85 20.42 30.92
C VAL A 8 17.82 19.89 29.95
N ILE A 9 17.20 18.76 30.31
CA ILE A 9 16.00 18.28 29.65
C ILE A 9 14.87 18.36 30.67
N ASN A 10 13.68 18.71 30.19
CA ASN A 10 12.48 18.67 31.01
C ASN A 10 12.15 17.22 31.27
N ARG A 11 12.28 16.81 32.53
CA ARG A 11 12.00 15.44 32.92
C ARG A 11 10.80 15.38 33.85
N THR A 12 9.96 16.41 33.80
CA THR A 12 8.76 16.41 34.60
C THR A 12 7.66 15.69 33.85
N GLY A 13 6.70 15.17 34.57
CA GLY A 13 5.50 14.70 33.93
C GLY A 13 4.83 13.64 34.76
N ALA A 14 3.52 13.58 34.59
CA ALA A 14 2.67 12.67 35.30
C ALA A 14 1.94 11.86 34.24
N PRO A 15 2.53 10.73 33.80
CA PRO A 15 1.88 9.85 32.85
C PRO A 15 0.53 9.42 33.32
N GLN A 16 -0.47 9.50 32.45
CA GLN A 16 -1.78 8.97 32.75
C GLN A 16 -2.08 7.73 31.94
N TYR A 17 -1.24 7.44 30.93
CA TYR A 17 -1.45 6.31 30.03
C TYR A 17 -0.17 5.51 29.90
N MET A 18 -0.32 4.21 29.62
CA MET A 18 0.82 3.34 29.42
C MET A 18 1.63 3.84 28.25
N LYS A 19 0.92 4.16 27.17
CA LYS A 19 1.51 4.80 26.02
C LYS A 19 1.07 6.25 26.06
N ASP A 20 1.85 7.11 26.68
CA ASP A 20 1.47 8.52 26.79
C ASP A 20 2.23 9.25 25.73
N TYR A 21 1.77 9.04 24.50
CA TYR A 21 2.53 9.37 23.31
C TYR A 21 2.38 10.84 22.90
N ASP A 22 3.39 11.31 22.18
CA ASP A 22 3.33 12.60 21.51
C ASP A 22 2.75 12.35 20.12
N TYR A 23 2.84 13.32 19.23
CA TYR A 23 2.24 13.19 17.91
C TYR A 23 2.77 12.00 17.09
N ASP A 24 4.04 11.65 17.26
CA ASP A 24 4.70 10.64 16.43
C ASP A 24 4.89 9.32 17.14
N ASP A 25 4.08 9.10 18.19
CA ASP A 25 4.05 7.86 18.97
C ASP A 25 5.24 7.65 19.91
N HIS A 26 6.00 8.69 20.21
CA HIS A 26 7.09 8.55 21.19
C HIS A 26 6.52 8.92 22.53
N GLN A 27 7.01 8.31 23.60
CA GLN A 27 6.54 8.70 24.93
C GLN A 27 6.88 10.18 25.09
N ARG A 28 5.89 10.96 25.48
CA ARG A 28 6.00 12.41 25.40
C ARG A 28 6.64 13.03 26.61
N PHE A 29 7.12 12.17 27.52
CA PHE A 29 7.91 12.55 28.68
C PHE A 29 9.34 11.98 28.55
N ASN A 30 10.26 12.48 29.39
CA ASN A 30 11.66 12.11 29.29
C ASN A 30 12.27 11.54 30.58
N PRO A 31 11.97 10.27 30.90
CA PRO A 31 12.45 9.77 32.18
C PRO A 31 13.97 9.71 32.28
N PHE A 32 14.46 9.71 33.52
CA PHE A 32 15.87 9.55 33.81
C PHE A 32 16.19 8.05 33.79
N PHE A 33 17.16 7.65 33.00
CA PHE A 33 17.70 6.30 33.02
C PHE A 33 19.19 6.44 33.21
N ASP A 34 19.82 5.44 33.80
CA ASP A 34 21.26 5.46 33.97
C ASP A 34 21.78 4.05 34.23
N LEU A 35 23.08 3.89 34.11
CA LEU A 35 23.77 2.63 34.35
C LEU A 35 23.30 1.52 33.42
N GLY A 36 22.58 1.90 32.37
CA GLY A 36 22.04 0.90 31.46
C GLY A 36 20.83 0.20 32.03
N ALA A 37 20.18 0.84 32.99
CA ALA A 37 19.06 0.18 33.65
C ALA A 37 17.83 0.12 32.76
N TRP A 38 16.92 -0.76 33.13
CA TRP A 38 15.72 -1.01 32.34
C TRP A 38 14.44 -0.37 32.92
N HIS A 39 14.60 0.70 33.69
CA HIS A 39 13.45 1.52 34.12
C HIS A 39 13.88 2.95 34.34
N GLY A 40 12.93 3.87 34.28
CA GLY A 40 13.24 5.27 34.39
C GLY A 40 12.22 6.07 35.19
N HIS A 41 12.62 7.26 35.62
CA HIS A 41 11.86 8.01 36.59
C HIS A 41 11.63 9.42 36.10
N LEU A 42 10.50 10.01 36.47
CA LEU A 42 10.21 11.39 36.12
C LEU A 42 10.14 12.24 37.35
N LEU A 43 10.24 13.53 37.14
CA LEU A 43 10.07 14.46 38.23
C LEU A 43 8.59 14.71 38.42
N PRO A 44 8.17 14.97 39.68
CA PRO A 44 6.80 15.43 39.89
C PRO A 44 6.63 16.81 39.27
N ASP A 45 5.45 17.06 38.71
CA ASP A 45 5.17 18.34 38.02
C ASP A 45 4.41 19.32 38.90
N GLY A 46 3.78 18.81 39.96
CA GLY A 46 3.18 19.69 40.94
C GLY A 46 2.67 18.99 42.18
N PRO A 47 1.74 19.66 42.88
CA PRO A 47 1.06 19.16 44.05
C PRO A 47 0.59 17.72 43.96
N ASN A 48 0.05 17.32 42.81
CA ASN A 48 -0.52 15.98 42.66
C ASN A 48 0.51 14.84 42.70
N THR A 49 1.77 15.15 42.41
CA THR A 49 2.77 14.10 42.26
C THR A 49 3.95 14.25 43.22
N MET A 50 3.98 15.36 43.98
CA MET A 50 5.10 15.62 44.86
C MET A 50 5.22 14.59 45.97
N GLY A 51 6.45 14.35 46.38
CA GLY A 51 6.74 13.29 47.33
C GLY A 51 7.15 12.01 46.66
N GLY A 52 7.04 11.96 45.34
CA GLY A 52 7.35 10.75 44.58
C GLY A 52 7.89 11.13 43.22
N PHE A 53 8.54 10.19 42.56
CA PHE A 53 8.97 10.38 41.18
C PHE A 53 7.99 9.63 40.30
N PRO A 54 7.05 10.37 39.71
CA PRO A 54 5.95 9.69 39.05
C PRO A 54 6.40 9.07 37.74
N GLY A 55 5.49 8.36 37.11
CA GLY A 55 5.75 7.82 35.80
C GLY A 55 6.93 6.87 35.80
N VAL A 56 6.82 5.78 36.54
CA VAL A 56 7.79 4.70 36.45
C VAL A 56 7.78 4.19 35.01
N ALA A 57 8.84 4.46 34.26
CA ALA A 57 8.91 4.04 32.88
C ALA A 57 9.60 2.68 32.89
N LEU A 58 8.94 1.68 32.32
CA LEU A 58 9.56 0.36 32.16
C LEU A 58 9.97 0.11 30.73
N LEU A 59 11.14 -0.48 30.55
CA LEU A 59 11.61 -0.90 29.26
C LEU A 59 11.29 -2.38 29.11
N THR A 60 10.16 -2.64 28.46
CA THR A 60 9.64 -4.00 28.39
C THR A 60 10.24 -4.64 27.17
N GLU A 61 11.50 -5.02 27.31
CA GLU A 61 12.30 -5.66 26.28
C GLU A 61 12.64 -4.83 25.03
N GLU A 62 11.63 -4.29 24.36
CA GLU A 62 11.85 -3.52 23.13
C GLU A 62 11.06 -2.21 23.07
N TYR A 63 10.33 -1.89 24.13
CA TYR A 63 9.49 -0.69 24.18
C TYR A 63 9.52 -0.07 25.56
N ILE A 64 9.23 1.23 25.58
CA ILE A 64 9.04 1.98 26.80
C ILE A 64 7.55 2.11 27.13
N ASN A 65 7.20 1.71 28.33
CA ASN A 65 5.82 1.69 28.79
C ASN A 65 5.74 2.20 30.24
N PHE A 66 4.87 3.17 30.50
CA PHE A 66 4.66 3.59 31.86
C PHE A 66 3.89 2.57 32.71
N MET A 67 4.25 2.49 33.99
CA MET A 67 3.70 1.51 34.90
C MET A 67 2.67 2.14 35.82
N ALA A 68 2.95 3.35 36.27
CA ALA A 68 2.13 4.06 37.23
C ALA A 68 2.38 5.53 37.05
N SER A 69 1.45 6.39 37.45
CA SER A 69 1.77 7.81 37.65
C SER A 69 2.45 7.94 39.01
N ASN A 70 1.67 7.93 40.10
CA ASN A 70 2.23 7.99 41.45
C ASN A 70 2.55 6.58 41.90
N PHE A 71 3.82 6.34 42.25
CA PHE A 71 4.22 5.06 42.80
C PHE A 71 5.26 5.32 43.87
N ASP A 72 4.97 4.87 45.09
CA ASP A 72 5.84 5.09 46.27
C ASP A 72 6.00 6.60 46.53
N ARG A 73 4.89 7.32 46.47
CA ARG A 73 4.85 8.73 46.79
C ARG A 73 4.73 8.93 48.33
N LEU A 74 5.59 9.76 48.88
CA LEU A 74 5.58 10.00 50.31
C LEU A 74 4.58 11.10 50.67
N THR A 75 3.79 10.85 51.70
CA THR A 75 3.17 11.94 52.42
C THR A 75 3.56 11.74 53.89
N VAL A 76 3.76 12.85 54.59
CA VAL A 76 4.26 12.79 55.96
C VAL A 76 3.20 13.35 56.90
N TRP A 77 3.03 12.67 58.01
CA TRP A 77 2.07 13.04 59.02
C TRP A 77 2.81 13.30 60.31
N GLN A 78 2.42 14.37 60.98
CA GLN A 78 2.97 14.74 62.28
C GLN A 78 1.82 14.87 63.27
N ASP A 79 1.73 13.90 64.18
CA ASP A 79 0.64 13.82 65.16
C ASP A 79 -0.74 14.03 64.48
N GLY A 80 -0.97 13.35 63.36
CA GLY A 80 -2.30 13.36 62.72
C GLY A 80 -2.57 14.55 61.82
N LYS A 81 -1.56 15.37 61.62
CA LYS A 81 -1.64 16.51 60.73
C LYS A 81 -0.80 16.17 59.52
N LYS A 82 -1.42 16.23 58.34
CA LYS A 82 -0.71 16.00 57.10
C LYS A 82 0.17 17.20 56.84
N VAL A 83 1.46 16.97 56.67
CA VAL A 83 2.39 18.08 56.40
C VAL A 83 2.19 18.58 54.97
N ASP A 84 1.92 19.88 54.85
CA ASP A 84 1.72 20.51 53.56
C ASP A 84 3.07 21.04 53.09
N PHE A 85 3.69 20.33 52.17
CA PHE A 85 5.05 20.64 51.69
C PHE A 85 5.10 21.57 50.47
N THR A 86 6.12 22.43 50.46
CA THR A 86 6.52 23.13 49.24
C THR A 86 7.47 22.27 48.42
N LEU A 87 7.27 22.27 47.10
CA LEU A 87 8.01 21.41 46.18
C LEU A 87 9.13 22.12 45.43
N GLU A 88 10.30 21.50 45.41
CA GLU A 88 11.35 21.88 44.49
C GLU A 88 11.94 20.61 43.91
N ALA A 89 11.84 20.47 42.60
CA ALA A 89 12.26 19.29 41.90
C ALA A 89 13.11 19.66 40.71
N TYR A 90 14.22 18.95 40.53
CA TYR A 90 15.07 19.14 39.36
C TYR A 90 15.89 17.91 39.07
N SER A 91 16.31 17.85 37.82
CA SER A 91 17.24 16.88 37.33
C SER A 91 18.61 17.52 37.22
N ILE A 92 19.64 16.71 37.38
CA ILE A 92 21.03 17.04 37.03
C ILE A 92 21.57 15.83 36.31
N PRO A 93 22.76 15.96 35.68
CA PRO A 93 23.28 14.79 35.04
C PRO A 93 23.57 13.71 36.06
N GLY A 94 22.86 12.60 35.93
CA GLY A 94 23.00 11.46 36.81
C GLY A 94 22.08 11.43 38.00
N ALA A 95 21.23 12.44 38.18
CA ALA A 95 20.25 12.36 39.29
C ALA A 95 18.97 13.13 39.08
N LEU A 96 17.94 12.68 39.79
CA LEU A 96 16.77 13.49 40.09
C LEU A 96 16.78 13.90 41.55
N VAL A 97 16.35 15.13 41.81
CA VAL A 97 16.29 15.63 43.17
C VAL A 97 14.92 16.23 43.40
N GLN A 98 14.33 15.98 44.56
CA GLN A 98 13.22 16.81 44.98
C GLN A 98 13.26 17.13 46.46
N LYS A 99 12.96 18.39 46.76
CA LYS A 99 12.99 18.90 48.12
C LYS A 99 11.58 19.28 48.50
N LEU A 100 11.12 18.70 49.60
CA LEU A 100 9.85 19.02 50.19
C LEU A 100 10.12 19.84 51.43
N THR A 101 9.57 21.04 51.51
CA THR A 101 9.85 21.92 52.63
C THR A 101 8.59 22.37 53.36
N ALA A 102 8.57 22.13 54.67
CA ALA A 102 7.60 22.71 55.55
C ALA A 102 8.35 23.26 56.73
N LYS A 103 7.60 23.94 57.59
CA LYS A 103 8.10 24.56 58.80
C LYS A 103 8.97 23.62 59.63
N ASP A 104 8.37 22.52 60.08
CA ASP A 104 9.01 21.65 61.06
C ASP A 104 9.66 20.43 60.40
N VAL A 105 9.16 20.03 59.23
CA VAL A 105 9.69 18.87 58.53
C VAL A 105 10.19 19.25 57.16
N GLN A 106 11.32 18.67 56.77
CA GLN A 106 11.83 18.81 55.40
C GLN A 106 12.27 17.46 54.92
N VAL A 107 12.14 17.22 53.62
CA VAL A 107 12.60 15.98 53.00
C VAL A 107 13.41 16.33 51.76
N GLU A 108 14.54 15.65 51.61
CA GLU A 108 15.35 15.78 50.42
C GLU A 108 15.51 14.40 49.78
N MET A 109 14.99 14.27 48.57
CA MET A 109 14.93 13.01 47.90
C MET A 109 15.89 13.06 46.75
N THR A 110 16.83 12.11 46.72
CA THR A 110 17.82 12.06 45.67
C THR A 110 17.84 10.67 45.03
N LEU A 111 17.62 10.63 43.73
CA LEU A 111 17.45 9.38 43.01
C LEU A 111 18.61 9.24 42.02
N ARG A 112 19.38 8.18 42.19
CA ARG A 112 20.46 7.83 41.29
C ARG A 112 20.28 6.38 40.98
N PHE A 113 21.11 5.88 40.07
CA PHE A 113 21.14 4.47 39.78
C PHE A 113 22.33 3.82 40.43
N ALA A 114 22.12 2.60 40.86
CA ALA A 114 23.09 1.87 41.63
C ALA A 114 23.62 0.68 40.88
N THR A 115 22.76 0.04 40.08
CA THR A 115 23.20 -1.08 39.25
C THR A 115 22.55 -1.00 37.87
N PRO A 116 22.90 -1.92 36.98
CA PRO A 116 22.22 -2.07 35.69
C PRO A 116 20.71 -2.38 35.77
N ARG A 117 20.21 -2.69 36.96
CA ARG A 117 18.79 -3.00 37.14
C ARG A 117 18.11 -2.23 38.27
N THR A 118 18.84 -1.38 38.98
CA THR A 118 18.35 -0.86 40.24
C THR A 118 18.66 0.61 40.39
N SER A 119 17.65 1.41 40.68
CA SER A 119 17.90 2.78 41.12
C SER A 119 17.84 2.86 42.66
N LEU A 120 18.46 3.90 43.21
CA LEU A 120 18.56 4.10 44.65
C LEU A 120 18.02 5.46 45.03
N LEU A 121 17.04 5.48 45.91
CA LEU A 121 16.45 6.72 46.37
C LEU A 121 16.93 6.98 47.77
N GLU A 122 17.48 8.17 47.98
CA GLU A 122 17.80 8.64 49.31
C GLU A 122 16.70 9.56 49.75
N THR A 123 16.04 9.20 50.84
CA THR A 123 15.01 10.03 51.45
C THR A 123 15.52 10.52 52.82
N LYS A 124 15.95 11.77 52.82
CA LYS A 124 16.58 12.33 53.98
C LYS A 124 15.59 13.24 54.65
N ILE A 125 15.18 12.83 55.85
CA ILE A 125 14.12 13.51 56.57
C ILE A 125 14.67 14.25 57.78
N THR A 126 14.34 15.53 57.85
CA THR A 126 14.74 16.39 58.91
C THR A 126 13.49 16.81 59.68
N SER A 127 13.49 16.52 60.98
CA SER A 127 12.33 16.73 61.84
C SER A 127 12.73 16.67 63.33
N ASN A 128 12.20 17.61 64.11
CA ASN A 128 12.32 17.61 65.57
C ASN A 128 11.57 16.46 66.19
N LYS A 129 10.33 16.28 65.73
CA LYS A 129 9.42 15.31 66.31
C LYS A 129 9.45 14.01 65.51
N PRO A 130 9.04 12.91 66.15
CA PRO A 130 8.71 11.70 65.41
C PRO A 130 7.70 11.98 64.33
N LEU A 131 7.67 11.08 63.35
CA LEU A 131 6.79 11.26 62.22
C LEU A 131 6.26 9.93 61.78
N ASP A 132 5.14 10.02 61.07
CA ASP A 132 4.47 8.91 60.47
C ASP A 132 4.51 9.11 58.98
N LEU A 133 5.14 8.16 58.30
CA LEU A 133 5.37 8.24 56.89
C LEU A 133 4.40 7.33 56.20
N VAL A 134 3.76 7.88 55.16
CA VAL A 134 2.85 7.11 54.33
C VAL A 134 3.29 7.18 52.88
N TRP A 135 3.55 6.03 52.30
CA TRP A 135 3.78 5.98 50.86
C TRP A 135 2.58 5.35 50.18
N ASP A 136 2.19 5.90 49.03
CA ASP A 136 1.13 5.28 48.24
C ASP A 136 1.54 5.12 46.78
N GLY A 137 0.75 4.38 46.04
CA GLY A 137 1.02 4.11 44.64
C GLY A 137 -0.19 3.46 44.01
N GLU A 138 -0.26 3.52 42.69
CA GLU A 138 -1.42 3.10 41.93
C GLU A 138 -0.94 2.80 40.51
N LEU A 139 -1.19 1.58 40.05
CA LEU A 139 -0.82 1.22 38.68
C LEU A 139 -1.73 1.92 37.68
N LEU A 140 -1.17 2.22 36.51
CA LEU A 140 -1.93 2.88 35.46
C LEU A 140 -3.04 1.97 35.01
N GLU A 141 -4.06 2.57 34.44
CA GLU A 141 -5.23 1.83 34.00
C GLU A 141 -5.37 2.02 32.48
N LYS A 142 -5.30 3.27 32.03
CA LYS A 142 -5.61 3.61 30.66
C LYS A 142 -4.42 3.34 29.73
N LEU A 143 -4.74 2.87 28.52
CA LEU A 143 -3.72 2.39 27.59
C LEU A 143 -2.97 3.47 26.82
N GLU A 144 -3.70 4.28 26.07
CA GLU A 144 -3.06 5.03 24.99
C GLU A 144 -3.67 6.40 24.79
N ALA A 145 -2.79 7.38 24.62
CA ALA A 145 -3.20 8.75 24.36
C ALA A 145 -2.19 9.37 23.45
N LYS A 146 -2.59 10.48 22.85
CA LYS A 146 -1.73 11.27 22.01
C LYS A 146 -1.88 12.67 22.53
N GLU A 147 -0.75 13.29 22.91
CA GLU A 147 -0.75 14.67 23.40
C GLU A 147 -1.70 14.83 24.60
N GLY A 148 -1.74 13.82 25.46
CA GLY A 148 -2.64 13.83 26.62
C GLY A 148 -4.07 13.40 26.35
N LYS A 149 -4.44 13.30 25.06
CA LYS A 149 -5.82 13.09 24.65
C LYS A 149 -6.00 11.61 24.28
N PRO A 150 -6.91 10.90 24.97
CA PRO A 150 -7.02 9.47 24.74
C PRO A 150 -7.24 9.09 23.27
N LEU A 151 -6.60 8.00 22.86
CA LEU A 151 -6.74 7.47 21.51
C LEU A 151 -7.92 6.53 21.44
N SER A 152 -8.23 5.89 22.56
CA SER A 152 -9.40 5.06 22.67
C SER A 152 -9.76 5.05 24.14
N ASP A 153 -10.76 4.26 24.52
CA ASP A 153 -11.06 4.08 25.95
C ASP A 153 -10.55 2.69 26.41
N LYS A 154 -9.57 2.17 25.71
CA LYS A 154 -9.00 0.88 26.05
C LYS A 154 -8.17 0.98 27.33
N THR A 155 -8.14 -0.12 28.07
CA THR A 155 -7.38 -0.19 29.29
C THR A 155 -6.22 -1.14 29.02
N ILE A 156 -5.24 -1.07 29.91
CA ILE A 156 -4.07 -1.91 29.82
C ILE A 156 -4.49 -3.38 29.94
N ALA A 157 -5.32 -3.69 30.93
CA ALA A 157 -5.73 -5.07 31.20
C ALA A 157 -6.64 -5.61 30.10
N GLY A 158 -7.44 -4.72 29.54
CA GLY A 158 -8.29 -5.11 28.44
C GLY A 158 -7.41 -5.59 27.31
N GLU A 159 -6.49 -4.72 26.89
CA GLU A 159 -5.62 -4.97 25.75
C GLU A 159 -4.67 -6.16 25.97
N TYR A 160 -4.19 -6.33 27.20
CA TYR A 160 -3.26 -7.39 27.53
C TYR A 160 -3.81 -8.15 28.74
N PRO A 161 -4.77 -9.06 28.49
CA PRO A 161 -5.40 -9.89 29.50
C PRO A 161 -4.42 -10.69 30.32
N ASP A 162 -3.29 -11.07 29.76
CA ASP A 162 -2.32 -11.86 30.51
C ASP A 162 -1.33 -11.01 31.29
N TYR A 163 -1.41 -9.70 31.17
CA TYR A 163 -0.49 -8.82 31.87
C TYR A 163 -0.77 -8.91 33.37
N GLN A 164 -2.05 -8.86 33.74
CA GLN A 164 -2.52 -9.24 35.08
C GLN A 164 -1.54 -8.77 36.17
N ARG A 165 -1.43 -7.46 36.30
CA ARG A 165 -0.47 -6.85 37.20
C ARG A 165 -0.91 -7.00 38.66
N LYS A 166 -0.02 -7.54 39.49
CA LYS A 166 -0.29 -7.63 40.93
C LYS A 166 0.82 -7.08 41.80
N ILE A 167 0.43 -6.24 42.75
CA ILE A 167 1.32 -5.77 43.80
C ILE A 167 1.34 -6.79 44.95
N SER A 168 2.53 -7.19 45.39
CA SER A 168 2.70 -8.01 46.60
C SER A 168 3.56 -7.22 47.58
N ALA A 169 3.64 -7.70 48.82
CA ALA A 169 4.41 -7.00 49.85
C ALA A 169 5.52 -7.90 50.36
N THR A 170 6.65 -7.28 50.66
CA THR A 170 7.82 -8.02 51.10
C THR A 170 8.20 -7.58 52.50
N ARG A 171 9.16 -8.29 53.07
CA ARG A 171 9.59 -8.03 54.44
C ARG A 171 10.36 -6.69 54.60
N ASP A 172 10.53 -5.95 53.50
CA ASP A 172 11.19 -4.63 53.49
C ASP A 172 10.66 -3.67 52.41
N GLY A 173 9.43 -3.89 51.94
CA GLY A 173 8.86 -3.09 50.88
C GLY A 173 7.86 -3.88 50.06
N LEU A 174 7.97 -3.81 48.73
CA LEU A 174 6.95 -4.39 47.87
C LEU A 174 7.41 -4.58 46.41
N LYS A 175 6.61 -5.32 45.65
CA LYS A 175 6.94 -5.71 44.30
C LYS A 175 5.69 -5.73 43.42
N VAL A 176 5.85 -5.33 42.16
CA VAL A 176 4.81 -5.48 41.17
C VAL A 176 5.23 -6.62 40.27
N THR A 177 4.38 -7.62 40.09
CA THR A 177 4.67 -8.70 39.16
C THR A 177 3.83 -8.55 37.90
N PHE A 178 4.35 -9.08 36.79
CA PHE A 178 3.72 -8.97 35.48
C PHE A 178 3.64 -10.34 34.79
N GLY A 179 2.52 -10.61 34.14
CA GLY A 179 2.39 -11.84 33.37
C GLY A 179 3.06 -11.72 32.00
N LYS A 180 3.12 -12.84 31.30
CA LYS A 180 3.76 -12.90 29.99
C LYS A 180 2.90 -12.24 28.92
N VAL A 181 3.42 -11.18 28.32
CA VAL A 181 2.77 -10.54 27.19
C VAL A 181 3.74 -10.46 26.01
N ARG A 182 3.38 -11.08 24.88
CA ARG A 182 4.22 -11.10 23.71
C ARG A 182 3.64 -10.17 22.67
N ALA A 183 3.27 -8.96 23.06
CA ALA A 183 2.71 -8.01 22.13
C ALA A 183 3.85 -7.40 21.32
N THR A 184 4.12 -8.06 20.19
CA THR A 184 5.25 -7.78 19.29
C THR A 184 5.67 -6.32 19.13
N TRP A 185 4.70 -5.44 18.95
CA TRP A 185 4.91 -4.01 18.70
C TRP A 185 4.63 -3.10 19.88
N ASP A 186 4.27 -3.68 21.03
CA ASP A 186 3.81 -2.86 22.15
C ASP A 186 4.41 -3.17 23.50
N LEU A 187 4.57 -4.45 23.81
CA LEU A 187 4.75 -4.86 25.18
C LEU A 187 5.20 -6.29 25.24
N LEU A 188 6.42 -6.47 25.72
CA LEU A 188 7.05 -7.75 25.76
C LEU A 188 7.56 -7.99 27.17
N THR A 189 6.97 -8.96 27.83
CA THR A 189 7.42 -9.37 29.13
C THR A 189 7.70 -10.87 29.10
N SER A 190 8.57 -11.33 29.99
CA SER A 190 8.92 -12.76 30.11
C SER A 190 7.90 -13.59 30.90
N GLY A 191 7.05 -12.93 31.69
CA GLY A 191 6.19 -13.63 32.64
C GLY A 191 6.84 -13.77 34.02
N GLU A 192 8.11 -13.40 34.11
CA GLU A 192 8.90 -13.46 35.33
C GLU A 192 9.38 -12.06 35.73
N SER A 193 8.93 -11.01 35.04
CA SER A 193 9.49 -9.69 35.31
C SER A 193 8.80 -9.11 36.52
N GLU A 194 9.52 -8.24 37.21
CA GLU A 194 9.05 -7.61 38.43
C GLU A 194 9.59 -6.19 38.54
N TYR A 195 8.85 -5.34 39.23
CA TYR A 195 9.39 -4.10 39.71
C TYR A 195 9.45 -4.18 41.22
N GLN A 196 10.66 -4.15 41.78
CA GLN A 196 10.84 -4.33 43.21
C GLN A 196 11.19 -3.05 43.95
N VAL A 197 10.54 -2.85 45.10
CA VAL A 197 10.82 -1.73 46.01
C VAL A 197 11.36 -2.28 47.35
N HIS A 198 12.61 -2.00 47.69
CA HIS A 198 13.14 -2.40 49.01
C HIS A 198 13.58 -1.17 49.76
N LYS A 199 13.48 -1.24 51.10
CA LYS A 199 13.82 -0.09 51.93
C LYS A 199 14.64 -0.46 53.13
N SER A 200 15.38 0.54 53.62
CA SER A 200 16.33 0.39 54.70
C SER A 200 15.67 0.31 56.08
N LEU A 201 14.39 0.63 56.16
CA LEU A 201 13.63 0.53 57.41
C LEU A 201 12.42 -0.36 57.15
N PRO A 202 11.88 -0.98 58.21
CA PRO A 202 10.64 -1.75 58.05
C PRO A 202 9.49 -0.83 57.68
N VAL A 203 8.66 -1.28 56.76
CA VAL A 203 7.44 -0.56 56.44
C VAL A 203 6.31 -1.54 56.50
N GLN A 204 5.11 -1.02 56.68
CA GLN A 204 3.92 -1.82 56.77
C GLN A 204 3.10 -1.44 55.57
N THR A 205 3.05 -2.39 54.64
CA THR A 205 2.47 -2.21 53.31
C THR A 205 1.15 -2.96 53.20
N GLU A 206 0.09 -2.25 52.85
CA GLU A 206 -1.19 -2.88 52.57
C GLU A 206 -1.52 -2.68 51.12
N ILE A 207 -2.15 -3.70 50.54
CA ILE A 207 -2.49 -3.71 49.14
C ILE A 207 -4.01 -3.84 48.96
N ASN A 208 -4.59 -2.92 48.20
CA ASN A 208 -6.00 -2.98 47.79
C ASN A 208 -6.10 -2.96 46.27
N GLY A 209 -6.10 -4.15 45.67
CA GLY A 209 -6.15 -4.31 44.22
C GLY A 209 -4.89 -3.82 43.51
N ASN A 210 -4.99 -2.71 42.81
CA ASN A 210 -3.85 -2.17 42.04
C ASN A 210 -3.27 -0.87 42.61
N ARG A 211 -3.44 -0.70 43.92
CA ARG A 211 -2.77 0.34 44.64
C ARG A 211 -2.28 -0.19 45.99
N PHE A 212 -1.32 0.51 46.56
CA PHE A 212 -0.79 0.15 47.86
C PHE A 212 -0.68 1.38 48.75
N THR A 213 -0.62 1.11 50.05
CA THR A 213 -0.23 2.09 51.04
C THR A 213 0.77 1.45 51.99
N SER A 214 1.92 2.08 52.16
CA SER A 214 2.93 1.61 53.11
C SER A 214 3.13 2.65 54.18
N LYS A 215 3.40 2.15 55.38
CA LYS A 215 3.52 2.98 56.56
C LYS A 215 4.86 2.75 57.20
N ALA A 216 5.37 3.80 57.84
CA ALA A 216 6.51 3.68 58.71
C ALA A 216 6.49 4.81 59.73
N HIS A 217 7.11 4.54 60.87
CA HIS A 217 7.25 5.52 61.91
C HIS A 217 8.73 5.72 62.21
N ILE A 218 9.15 6.98 62.27
CA ILE A 218 10.53 7.33 62.58
C ILE A 218 10.55 8.25 63.78
N ASN A 219 11.62 8.23 64.56
CA ASN A 219 11.66 8.98 65.82
C ASN A 219 12.08 10.45 65.66
N GLY A 220 12.42 10.82 64.44
CA GLY A 220 12.85 12.18 64.12
C GLY A 220 13.74 12.06 62.90
N SER A 221 14.64 13.02 62.73
CA SER A 221 15.48 13.10 61.55
C SER A 221 16.13 11.77 61.24
N THR A 222 16.08 11.35 59.97
CA THR A 222 16.69 10.10 59.57
C THR A 222 16.86 10.09 58.05
N THR A 223 17.81 9.29 57.57
CA THR A 223 17.97 9.09 56.15
C THR A 223 17.55 7.67 55.82
N LEU A 224 16.59 7.55 54.89
CA LEU A 224 16.05 6.28 54.47
C LEU A 224 16.56 6.01 53.09
N TYR A 225 16.63 4.72 52.76
CA TYR A 225 17.07 4.32 51.46
C TYR A 225 16.03 3.41 50.87
N THR A 226 15.75 3.63 49.60
CA THR A 226 14.87 2.79 48.84
C THR A 226 15.52 2.40 47.52
N THR A 227 15.43 1.12 47.18
CA THR A 227 15.82 0.66 45.86
C THR A 227 14.59 0.36 45.00
N TYR A 228 14.71 0.66 43.71
CA TYR A 228 13.68 0.35 42.73
C TYR A 228 14.36 -0.44 41.65
N SER A 229 13.85 -1.62 41.35
CA SER A 229 14.48 -2.53 40.40
C SER A 229 13.46 -3.04 39.41
N HIS A 230 13.71 -2.86 38.10
CA HIS A 230 12.89 -3.52 37.11
C HIS A 230 13.71 -4.72 36.70
N LEU A 231 13.22 -5.91 37.07
CA LEU A 231 13.93 -7.14 36.84
C LEU A 231 13.15 -7.93 35.80
N LEU A 232 13.80 -8.34 34.71
CA LEU A 232 13.07 -8.76 33.51
C LEU A 232 13.00 -10.27 33.35
N THR A 233 13.83 -11.01 34.07
CA THR A 233 13.72 -12.46 34.13
C THR A 233 13.86 -12.93 35.58
N ALA A 234 13.61 -14.22 35.80
CA ALA A 234 13.78 -14.85 37.10
C ALA A 234 15.24 -14.82 37.54
N GLN A 235 16.13 -15.05 36.58
CA GLN A 235 17.57 -15.02 36.82
C GLN A 235 17.99 -13.61 37.28
N GLU A 236 17.43 -12.59 36.65
CA GLU A 236 17.69 -11.22 37.08
C GLU A 236 17.16 -10.97 38.49
N VAL A 237 15.95 -11.43 38.75
CA VAL A 237 15.34 -11.31 40.08
C VAL A 237 16.25 -11.90 41.15
N SER A 238 16.64 -13.17 41.02
CA SER A 238 17.54 -13.80 42.01
C SER A 238 18.86 -13.07 42.16
N LYS A 239 19.52 -12.82 41.03
CA LYS A 239 20.85 -12.22 41.02
C LYS A 239 20.87 -10.82 41.64
N GLU A 240 19.78 -10.07 41.52
CA GLU A 240 19.75 -8.70 42.01
C GLU A 240 19.59 -8.56 43.54
N GLN A 241 19.13 -9.60 44.22
CA GLN A 241 18.81 -9.47 45.65
C GLN A 241 20.03 -9.14 46.49
N MET A 242 21.15 -9.82 46.22
CA MET A 242 22.36 -9.52 46.95
C MET A 242 22.87 -8.13 46.64
N GLN A 243 22.61 -7.62 45.43
CA GLN A 243 22.96 -6.24 45.08
C GLN A 243 22.16 -5.27 45.94
N ILE A 244 20.84 -5.50 46.00
CA ILE A 244 19.93 -4.66 46.78
C ILE A 244 20.36 -4.63 48.26
N ARG A 245 20.73 -5.79 48.81
CA ARG A 245 21.19 -5.84 50.18
C ARG A 245 22.50 -5.08 50.37
N ASP A 246 23.46 -5.25 49.46
CA ASP A 246 24.66 -4.45 49.56
C ASP A 246 24.37 -2.95 49.42
N ILE A 247 23.42 -2.57 48.56
CA ILE A 247 23.07 -1.16 48.37
C ILE A 247 22.57 -0.58 49.67
N LEU A 248 21.61 -1.26 50.28
CA LEU A 248 21.01 -0.79 51.54
C LEU A 248 21.95 -0.92 52.75
N ALA A 249 22.89 -1.85 52.67
CA ALA A 249 23.96 -2.01 53.67
C ALA A 249 24.96 -0.86 53.59
N ARG A 250 25.29 -0.43 52.38
CA ARG A 250 26.25 0.66 52.21
C ARG A 250 25.81 1.59 51.09
N PRO A 251 24.73 2.36 51.31
CA PRO A 251 24.19 3.20 50.25
C PRO A 251 25.12 4.31 49.83
N ALA A 252 25.94 4.81 50.75
CA ALA A 252 26.87 5.89 50.45
C ALA A 252 27.82 5.47 49.36
N PHE A 253 28.26 4.23 49.40
CA PHE A 253 29.18 3.71 48.40
C PHE A 253 28.62 3.84 46.98
N TYR A 254 27.31 3.60 46.83
CA TYR A 254 26.65 3.60 45.53
C TYR A 254 26.31 5.02 45.10
N LEU A 255 25.94 5.87 46.05
CA LEU A 255 25.67 7.26 45.71
C LEU A 255 26.92 7.92 45.24
N THR A 256 28.02 7.65 45.95
CA THR A 256 29.34 8.20 45.60
C THR A 256 29.82 7.66 44.27
N ALA A 257 29.51 6.40 43.97
CA ALA A 257 29.94 5.82 42.70
C ALA A 257 29.20 6.47 41.54
N SER A 258 27.90 6.74 41.72
CA SER A 258 27.13 7.49 40.73
C SER A 258 27.60 8.94 40.64
N GLN A 259 27.77 9.59 41.79
CA GLN A 259 28.26 10.96 41.80
C GLN A 259 29.56 11.01 41.01
N GLN A 260 30.49 10.11 41.34
CA GLN A 260 31.83 10.16 40.76
C GLN A 260 31.84 9.81 39.28
N ARG A 261 31.10 8.77 38.91
CA ARG A 261 31.00 8.37 37.53
C ARG A 261 30.49 9.55 36.68
N TRP A 262 29.50 10.28 37.19
CA TRP A 262 28.97 11.43 36.47
C TRP A 262 29.88 12.64 36.44
N GLU A 263 30.60 12.90 37.53
CA GLU A 263 31.63 13.97 37.51
C GLU A 263 32.63 13.65 36.43
N GLU A 264 32.98 12.39 36.33
CA GLU A 264 33.92 11.95 35.33
C GLU A 264 33.41 12.15 33.90
N TYR A 265 32.14 11.87 33.64
CA TYR A 265 31.58 12.10 32.30
C TYR A 265 31.65 13.57 31.91
N LEU A 266 31.27 14.43 32.83
CA LEU A 266 31.30 15.87 32.59
C LEU A 266 32.72 16.40 32.50
N LYS A 267 33.62 15.85 33.32
CA LYS A 267 35.01 16.33 33.32
C LYS A 267 35.70 15.95 32.03
N LYS A 268 35.55 14.69 31.63
CA LYS A 268 36.13 14.18 30.40
C LYS A 268 35.45 14.78 29.20
N GLY A 269 34.13 14.86 29.25
CA GLY A 269 33.34 15.24 28.12
C GLY A 269 33.32 16.71 27.78
N LEU A 270 33.34 17.58 28.79
CA LEU A 270 33.21 19.03 28.58
C LEU A 270 34.58 19.70 28.40
N THR A 271 35.16 19.49 27.23
CA THR A 271 36.52 19.91 26.91
C THR A 271 36.57 21.22 26.12
N ASN A 272 35.42 21.87 25.99
CA ASN A 272 35.37 23.14 25.32
C ASN A 272 34.67 24.15 26.22
N PRO A 273 35.33 24.52 27.35
CA PRO A 273 34.69 25.48 28.25
C PRO A 273 34.58 26.91 27.69
N ASP A 274 35.22 27.18 26.56
CA ASP A 274 35.03 28.45 25.85
C ASP A 274 33.69 28.51 25.09
N ALA A 275 33.02 27.36 24.93
CA ALA A 275 31.67 27.35 24.37
C ALA A 275 30.73 28.24 25.18
N THR A 276 29.68 28.70 24.53
CA THR A 276 28.65 29.49 25.22
C THR A 276 27.98 28.60 26.26
N PRO A 277 27.36 29.22 27.28
CA PRO A 277 26.73 28.37 28.28
C PRO A 277 25.64 27.50 27.66
N GLU A 278 24.93 28.05 26.68
CA GLU A 278 23.88 27.29 26.02
C GLU A 278 24.47 26.15 25.19
N GLN A 279 25.66 26.35 24.63
CA GLN A 279 26.32 25.29 23.86
C GLN A 279 26.82 24.18 24.78
N THR A 280 27.39 24.59 25.90
CA THR A 280 27.78 23.69 26.94
C THR A 280 26.57 22.88 27.43
N ARG A 281 25.44 23.55 27.63
CA ARG A 281 24.20 22.89 28.03
C ARG A 281 23.72 21.87 26.98
N VAL A 282 23.95 22.18 25.70
CA VAL A 282 23.67 21.23 24.63
C VAL A 282 24.57 19.98 24.78
N ALA A 283 25.85 20.17 25.08
CA ALA A 283 26.74 19.03 25.27
C ALA A 283 26.28 18.16 26.44
N VAL A 284 25.81 18.80 27.51
CA VAL A 284 25.35 18.07 28.68
C VAL A 284 24.05 17.35 28.34
N LYS A 285 23.16 18.03 27.63
CA LYS A 285 21.96 17.34 27.12
C LYS A 285 22.35 16.06 26.35
N ALA A 286 23.37 16.18 25.51
CA ALA A 286 23.82 15.10 24.67
C ALA A 286 24.37 13.94 25.50
N ILE A 287 25.11 14.27 26.54
CA ILE A 287 25.70 13.28 27.40
C ILE A 287 24.59 12.55 28.17
N GLU A 288 23.67 13.36 28.70
CA GLU A 288 22.50 12.82 29.40
C GLU A 288 21.71 11.91 28.48
N THR A 289 21.57 12.31 27.22
CA THR A 289 20.78 11.58 26.24
C THR A 289 21.44 10.24 25.93
N LEU A 290 22.74 10.28 25.63
CA LEU A 290 23.44 9.07 25.24
C LEU A 290 23.46 8.09 26.39
N ASN A 291 23.81 8.56 27.58
CA ASN A 291 23.76 7.72 28.78
C ASN A 291 22.36 7.25 29.14
N GLY A 292 21.37 8.10 28.91
CA GLY A 292 19.98 7.67 29.06
C GLY A 292 19.62 6.52 28.10
N ASN A 293 20.19 6.51 26.89
CA ASN A 293 19.86 5.51 25.87
C ASN A 293 20.69 4.22 25.96
N TRP A 294 21.61 4.21 26.91
CA TRP A 294 22.47 3.08 27.17
C TRP A 294 21.65 2.02 27.92
N ARG A 295 21.69 0.79 27.41
CA ARG A 295 21.04 -0.34 28.05
C ARG A 295 22.06 -1.38 28.37
N SER A 296 21.92 -1.95 29.56
CA SER A 296 22.80 -3.01 30.00
C SER A 296 22.36 -4.28 29.29
N PRO A 297 23.16 -5.35 29.41
CA PRO A 297 22.81 -6.61 28.74
C PRO A 297 21.37 -7.05 29.00
N GLY A 298 20.73 -7.57 27.96
CA GLY A 298 19.34 -8.02 28.07
C GLY A 298 18.92 -8.92 26.92
N GLY A 299 18.36 -10.08 27.29
CA GLY A 299 17.96 -11.06 26.29
C GLY A 299 19.12 -11.46 25.39
N ALA A 300 18.86 -11.44 24.08
CA ALA A 300 19.86 -11.84 23.09
C ALA A 300 21.10 -10.93 23.01
N VAL A 301 21.01 -9.69 23.48
CA VAL A 301 22.12 -8.76 23.44
C VAL A 301 22.91 -8.79 24.75
N LYS A 302 23.98 -9.56 24.75
CA LYS A 302 24.76 -9.84 25.94
C LYS A 302 25.81 -8.76 26.29
N PHE A 303 25.63 -7.55 25.79
CA PHE A 303 26.55 -6.45 26.10
C PHE A 303 25.72 -5.22 26.37
N ASN A 304 26.31 -4.28 27.10
CA ASN A 304 25.76 -2.98 27.16
C ASN A 304 25.69 -2.45 25.73
N THR A 305 24.66 -1.68 25.45
CA THR A 305 24.46 -1.10 24.13
C THR A 305 23.76 0.24 24.27
N VAL A 306 23.64 0.94 23.15
CA VAL A 306 22.98 2.22 23.13
C VAL A 306 22.02 2.21 21.98
N THR A 307 20.75 2.49 22.27
CA THR A 307 19.71 2.50 21.25
C THR A 307 19.50 3.93 20.78
N PRO A 308 18.81 4.10 19.63
CA PRO A 308 18.66 5.46 19.12
C PRO A 308 17.81 6.37 19.99
N SER A 309 16.95 5.81 20.84
CA SER A 309 16.17 6.60 21.77
C SER A 309 15.34 5.73 22.69
N VAL A 310 15.56 5.87 23.98
CA VAL A 310 14.82 5.13 24.99
C VAL A 310 13.32 5.47 25.01
N THR A 311 12.96 6.69 24.59
CA THR A 311 11.54 7.07 24.51
C THR A 311 10.94 6.80 23.14
N GLY A 312 11.78 6.42 22.19
CA GLY A 312 11.35 6.24 20.81
C GLY A 312 10.39 5.09 20.69
N ARG A 313 9.41 5.28 19.81
CA ARG A 313 8.35 4.32 19.63
C ARG A 313 8.91 2.99 19.13
N TRP A 314 9.89 3.06 18.24
CA TRP A 314 10.56 1.90 17.65
C TRP A 314 12.06 1.78 17.97
N PHE A 315 12.54 2.60 18.91
CA PHE A 315 13.98 2.69 19.22
C PHE A 315 14.31 2.30 20.66
N SER A 316 13.34 1.81 21.41
CA SER A 316 13.55 1.63 22.82
C SER A 316 13.94 0.19 23.10
N GLY A 317 13.80 -0.23 24.35
CA GLY A 317 14.41 -1.50 24.73
C GLY A 317 15.89 -1.40 24.47
N ASN A 318 16.49 -2.51 24.06
CA ASN A 318 17.89 -2.48 23.68
C ASN A 318 18.09 -2.61 22.18
N GLN A 319 17.13 -2.07 21.43
CA GLN A 319 17.15 -2.19 19.98
C GLN A 319 18.35 -1.43 19.45
N THR A 320 19.26 -2.16 18.80
CA THR A 320 20.55 -1.62 18.41
C THR A 320 20.84 -1.70 16.89
N TRP A 321 21.27 -0.57 16.33
CA TRP A 321 21.67 -0.48 14.91
C TRP A 321 23.19 -0.28 14.78
N PRO A 322 23.81 -0.85 13.72
CA PRO A 322 25.27 -0.69 13.56
C PRO A 322 25.74 0.74 13.33
N TRP A 323 25.22 1.43 12.33
CA TRP A 323 25.84 2.73 12.05
C TRP A 323 25.47 3.77 13.09
N ASP A 324 24.32 3.58 13.74
CA ASP A 324 23.99 4.36 14.92
C ASP A 324 25.08 4.15 15.96
N THR A 325 25.37 2.86 16.21
CA THR A 325 26.41 2.47 17.16
C THR A 325 27.78 3.05 16.85
N TRP A 326 28.20 2.98 15.59
CA TRP A 326 29.52 3.49 15.23
C TRP A 326 29.61 4.95 15.62
N LYS A 327 28.56 5.71 15.29
CA LYS A 327 28.52 7.14 15.61
C LYS A 327 28.44 7.39 17.10
N GLN A 328 27.58 6.64 17.77
CA GLN A 328 27.42 6.77 19.22
C GLN A 328 28.75 6.50 19.94
N ALA A 329 29.36 5.37 19.60
CA ALA A 329 30.60 4.94 20.25
C ALA A 329 31.73 5.93 20.03
N PHE A 330 31.81 6.46 18.81
CA PHE A 330 32.77 7.51 18.48
C PHE A 330 32.70 8.72 19.39
N ALA A 331 31.49 9.17 19.66
CA ALA A 331 31.26 10.27 20.59
C ALA A 331 31.52 9.84 22.03
N MET A 332 30.99 8.67 22.36
CA MET A 332 31.04 8.19 23.74
C MET A 332 32.43 7.75 24.12
N ALA A 333 33.28 7.46 23.16
CA ALA A 333 34.69 7.22 23.45
C ALA A 333 35.29 8.35 24.30
N HIS A 334 34.81 9.58 24.13
CA HIS A 334 35.38 10.74 24.78
C HIS A 334 34.88 11.03 26.20
N PHE A 335 33.80 10.38 26.64
CA PHE A 335 33.37 10.58 28.01
C PHE A 335 32.89 9.34 28.71
N ASN A 336 32.52 8.32 27.96
CA ASN A 336 32.08 7.09 28.55
C ASN A 336 32.61 5.96 27.68
N PRO A 337 33.92 5.85 27.59
CA PRO A 337 34.50 4.84 26.72
C PRO A 337 34.08 3.42 27.09
N ASP A 338 33.82 3.16 28.36
CA ASP A 338 33.50 1.79 28.76
C ASP A 338 32.34 1.29 27.98
N ILE A 339 31.36 2.17 27.80
CA ILE A 339 30.10 1.82 27.17
C ILE A 339 30.18 1.95 25.64
N ALA A 340 30.98 2.91 25.17
CA ALA A 340 31.37 2.96 23.78
C ALA A 340 31.86 1.57 23.37
N LYS A 341 32.81 1.03 24.11
CA LYS A 341 33.34 -0.31 23.79
C LYS A 341 32.23 -1.34 23.73
N GLU A 342 31.39 -1.33 24.75
CA GLU A 342 30.32 -2.28 24.88
C GLU A 342 29.34 -2.21 23.73
N ASN A 343 28.92 -0.99 23.41
CA ASN A 343 28.01 -0.75 22.33
C ASN A 343 28.48 -1.41 21.05
N ILE A 344 29.74 -1.19 20.72
CA ILE A 344 30.38 -1.80 19.57
C ILE A 344 30.43 -3.34 19.72
N ARG A 345 30.74 -3.84 20.90
CA ARG A 345 30.79 -5.30 21.09
C ARG A 345 29.40 -5.88 20.89
N ALA A 346 28.39 -5.11 21.31
CA ALA A 346 27.00 -5.54 21.23
C ALA A 346 26.60 -5.77 19.78
N VAL A 347 26.92 -4.82 18.90
CA VAL A 347 26.62 -4.93 17.48
C VAL A 347 27.34 -6.14 16.87
N PHE A 348 28.63 -6.26 17.13
CA PHE A 348 29.41 -7.36 16.55
C PHE A 348 29.12 -8.70 17.18
N SER A 349 28.45 -8.72 18.32
CA SER A 349 28.17 -9.99 18.95
C SER A 349 27.21 -10.78 18.08
N TRP A 350 26.54 -10.12 17.11
CA TRP A 350 25.64 -10.87 16.21
C TRP A 350 26.10 -10.92 14.75
N GLN A 351 27.38 -10.68 14.56
CA GLN A 351 27.99 -10.87 13.28
C GLN A 351 27.84 -12.35 12.91
N ILE A 352 27.51 -12.59 11.65
CA ILE A 352 27.21 -13.95 11.19
C ILE A 352 28.51 -14.76 11.17
N GLN A 353 28.45 -15.96 11.71
CA GLN A 353 29.64 -16.82 11.80
C GLN A 353 29.49 -17.94 10.83
N PRO A 354 30.60 -18.62 10.49
CA PRO A 354 30.53 -19.83 9.69
C PRO A 354 29.61 -20.81 10.34
N GLY A 355 28.82 -21.52 9.55
CA GLY A 355 27.87 -22.48 10.09
C GLY A 355 26.60 -21.84 10.63
N ASP A 356 26.43 -20.53 10.51
CA ASP A 356 25.18 -19.91 10.94
C ASP A 356 24.00 -20.63 10.30
N SER A 357 22.99 -20.97 11.10
CA SER A 357 21.85 -21.75 10.63
C SER A 357 20.93 -21.02 9.65
N VAL A 358 20.84 -19.70 9.80
CA VAL A 358 19.92 -18.92 8.99
C VAL A 358 20.54 -18.48 7.70
N ARG A 359 21.77 -17.97 7.76
CA ARG A 359 22.39 -17.38 6.58
C ARG A 359 23.88 -17.66 6.55
N PRO A 360 24.26 -18.93 6.37
CA PRO A 360 25.67 -19.28 6.29
C PRO A 360 26.40 -18.61 5.14
N GLN A 361 25.69 -18.25 4.08
CA GLN A 361 26.25 -17.47 2.99
C GLN A 361 26.63 -16.02 3.35
N ASP A 362 26.30 -15.55 4.57
CA ASP A 362 26.55 -14.16 4.96
C ASP A 362 27.61 -14.04 6.05
N VAL A 363 28.61 -14.90 6.04
CA VAL A 363 29.61 -14.88 7.11
C VAL A 363 30.23 -13.50 7.21
N GLY A 364 30.24 -12.96 8.41
CA GLY A 364 30.81 -11.63 8.64
C GLY A 364 29.80 -10.50 8.54
N PHE A 365 28.61 -10.80 8.01
CA PHE A 365 27.50 -9.83 7.96
C PHE A 365 27.16 -9.33 9.36
N VAL A 366 26.93 -8.03 9.47
CA VAL A 366 26.52 -7.43 10.71
C VAL A 366 25.06 -7.04 10.58
N PRO A 367 24.20 -7.67 11.38
CA PRO A 367 22.77 -7.39 11.30
C PRO A 367 22.43 -5.93 11.54
N ASP A 368 21.39 -5.47 10.87
CA ASP A 368 20.93 -4.08 10.90
C ASP A 368 20.30 -3.70 12.24
N LEU A 369 19.54 -4.62 12.81
CA LEU A 369 18.80 -4.34 14.03
C LEU A 369 18.79 -5.56 14.93
N ILE A 370 19.48 -5.46 16.06
CA ILE A 370 19.41 -6.50 17.06
C ILE A 370 18.69 -5.96 18.29
N ALA A 371 18.16 -6.87 19.09
CA ALA A 371 17.30 -6.48 20.18
C ALA A 371 17.13 -7.65 21.10
N TRP A 372 16.39 -7.42 22.18
CA TRP A 372 16.16 -8.43 23.20
C TRP A 372 15.74 -9.76 22.58
N ASN A 373 14.83 -9.68 21.61
CA ASN A 373 14.26 -10.88 21.02
C ASN A 373 14.72 -11.17 19.62
N LEU A 374 15.23 -12.37 19.43
CA LEU A 374 15.56 -12.85 18.10
C LEU A 374 14.31 -12.93 17.25
N SER A 375 14.52 -12.84 15.95
CA SER A 375 13.44 -13.01 15.01
C SER A 375 12.95 -14.44 15.05
N PRO A 376 11.74 -14.66 14.51
CA PRO A 376 11.25 -16.04 14.35
C PRO A 376 12.24 -16.91 13.62
N GLU A 377 13.01 -16.33 12.70
CA GLU A 377 13.94 -17.09 11.88
C GLU A 377 15.03 -17.71 12.71
N ARG A 378 15.40 -17.03 13.81
CA ARG A 378 16.37 -17.51 14.79
C ARG A 378 15.74 -18.06 16.10
N GLY A 379 14.47 -18.40 16.07
CA GLY A 379 13.85 -19.04 17.22
C GLY A 379 13.24 -18.12 18.25
N GLY A 380 13.21 -16.82 17.98
CA GLY A 380 12.61 -15.87 18.91
C GLY A 380 11.28 -15.41 18.37
N ASP A 381 10.72 -14.38 18.97
CA ASP A 381 9.46 -13.85 18.50
C ASP A 381 9.55 -12.35 18.29
N GLY A 382 10.75 -11.86 18.07
CA GLY A 382 10.98 -10.43 17.85
C GLY A 382 10.58 -9.99 16.46
N GLY A 383 9.79 -8.92 16.37
CA GLY A 383 9.40 -8.35 15.09
C GLY A 383 10.34 -7.27 14.59
N ASN A 384 11.35 -6.91 15.38
CA ASN A 384 12.24 -5.82 15.02
C ASN A 384 13.57 -6.33 14.48
N TRP A 385 14.06 -7.44 15.02
CA TRP A 385 15.30 -8.04 14.55
C TRP A 385 15.38 -8.05 13.02
N ASN A 386 16.47 -7.55 12.46
CA ASN A 386 16.52 -7.35 11.01
C ASN A 386 17.85 -7.72 10.39
N GLU A 387 17.81 -8.64 9.44
CA GLU A 387 18.98 -9.09 8.69
C GLU A 387 18.76 -8.95 7.19
N ARG A 388 17.89 -8.03 6.80
CA ARG A 388 17.64 -7.72 5.41
C ARG A 388 18.86 -7.01 4.80
N ASN A 389 19.58 -6.29 5.65
CA ASN A 389 20.64 -5.43 5.21
C ASN A 389 21.55 -5.10 6.41
N THR A 390 22.72 -4.56 6.15
CA THR A 390 23.51 -4.06 7.23
C THR A 390 23.40 -2.52 7.21
N LYS A 391 24.48 -1.84 7.57
CA LYS A 391 24.57 -0.40 7.45
C LYS A 391 25.98 -0.13 6.95
N PRO A 392 26.33 1.14 6.71
CA PRO A 392 27.63 1.43 6.09
C PRO A 392 28.84 1.18 6.98
N SER A 393 30.00 1.03 6.36
CA SER A 393 31.21 0.66 7.11
C SER A 393 31.86 1.81 7.86
N LEU A 394 31.36 2.14 9.04
CA LEU A 394 32.01 3.11 9.91
C LEU A 394 32.56 2.45 11.18
N ALA A 395 32.72 1.12 11.14
CA ALA A 395 33.02 0.36 12.35
C ALA A 395 34.47 0.52 12.80
N ALA A 396 35.42 0.43 11.88
CA ALA A 396 36.83 0.53 12.26
C ALA A 396 37.11 1.94 12.81
N TRP A 397 36.50 2.94 12.17
CA TRP A 397 36.53 4.33 12.63
C TRP A 397 36.16 4.45 14.10
N SER A 398 35.06 3.82 14.47
CA SER A 398 34.54 3.87 15.82
C SER A 398 35.48 3.15 16.79
N VAL A 399 35.92 1.98 16.39
CA VAL A 399 36.87 1.20 17.18
C VAL A 399 38.18 1.97 17.36
N MET A 400 38.69 2.55 16.28
CA MET A 400 39.94 3.30 16.39
C MET A 400 39.78 4.49 17.34
N GLU A 401 38.63 5.14 17.36
CA GLU A 401 38.44 6.28 18.24
C GLU A 401 38.46 5.89 19.71
N VAL A 402 37.84 4.76 20.01
CA VAL A 402 37.94 4.20 21.34
C VAL A 402 39.40 3.93 21.67
N TYR A 403 40.16 3.38 20.72
CA TYR A 403 41.58 3.13 20.92
C TYR A 403 42.38 4.42 21.05
N ASN A 404 42.03 5.44 20.26
CA ASN A 404 42.67 6.73 20.40
C ASN A 404 42.59 7.22 21.84
N VAL A 405 41.45 6.99 22.48
CA VAL A 405 41.22 7.48 23.84
C VAL A 405 41.84 6.57 24.89
N THR A 406 41.48 5.28 24.84
CA THR A 406 41.90 4.34 25.86
C THR A 406 43.34 3.85 25.72
N GLN A 407 43.89 3.93 24.51
CA GLN A 407 45.22 3.37 24.21
C GLN A 407 45.36 1.90 24.63
N ASP A 408 44.25 1.19 24.55
CA ASP A 408 44.13 -0.17 25.01
C ASP A 408 44.32 -1.08 23.80
N LYS A 409 45.44 -1.78 23.76
CA LYS A 409 45.78 -2.63 22.65
C LYS A 409 44.90 -3.86 22.62
N THR A 410 44.46 -4.30 23.78
CA THR A 410 43.60 -5.48 23.85
C THR A 410 42.26 -5.22 23.14
N TRP A 411 41.78 -3.97 23.22
CA TRP A 411 40.61 -3.54 22.44
C TRP A 411 40.80 -3.78 20.92
N VAL A 412 41.89 -3.26 20.39
CA VAL A 412 42.20 -3.45 18.96
C VAL A 412 42.32 -4.93 18.60
N ALA A 413 42.97 -5.73 19.45
CA ALA A 413 43.13 -7.18 19.18
C ALA A 413 41.78 -7.89 19.20
N GLU A 414 40.90 -7.44 20.08
CA GLU A 414 39.53 -7.97 20.15
C GLU A 414 38.73 -7.62 18.88
N MET A 415 38.79 -6.35 18.46
CA MET A 415 37.94 -5.88 17.38
C MET A 415 38.46 -6.18 15.98
N TYR A 416 39.77 -6.23 15.81
CA TYR A 416 40.36 -6.38 14.48
C TYR A 416 39.72 -7.52 13.64
N PRO A 417 39.68 -8.76 14.15
CA PRO A 417 39.16 -9.81 13.25
C PRO A 417 37.66 -9.66 12.91
N LYS A 418 36.91 -9.05 13.79
CA LYS A 418 35.49 -8.77 13.54
C LYS A 418 35.34 -7.74 12.44
N LEU A 419 36.19 -6.74 12.47
CA LEU A 419 36.22 -5.74 11.42
C LEU A 419 36.69 -6.37 10.09
N VAL A 420 37.70 -7.24 10.17
CA VAL A 420 38.20 -7.92 8.96
C VAL A 420 37.07 -8.70 8.33
N ALA A 421 36.37 -9.47 9.15
CA ALA A 421 35.31 -10.36 8.66
C ALA A 421 34.20 -9.56 8.00
N TYR A 422 33.94 -8.38 8.56
CA TYR A 422 32.91 -7.49 8.05
C TYR A 422 33.32 -6.97 6.68
N HIS A 423 34.54 -6.43 6.59
CA HIS A 423 35.13 -6.04 5.32
C HIS A 423 35.01 -7.18 4.28
N ASP A 424 35.42 -8.38 4.68
CA ASP A 424 35.36 -9.55 3.81
C ASP A 424 33.95 -9.86 3.33
N TRP A 425 32.96 -9.78 4.22
CA TRP A 425 31.56 -9.94 3.77
C TRP A 425 31.18 -8.95 2.63
N TRP A 426 31.50 -7.67 2.80
CA TRP A 426 31.14 -6.69 1.79
C TRP A 426 31.68 -7.10 0.42
N LEU A 427 32.93 -7.52 0.40
CA LEU A 427 33.59 -7.82 -0.86
C LEU A 427 33.12 -9.16 -1.44
N ARG A 428 32.56 -10.01 -0.60
CA ARG A 428 32.11 -11.30 -1.06
C ARG A 428 30.62 -11.23 -1.50
N ASN A 429 29.80 -10.47 -0.79
CA ASN A 429 28.33 -10.48 -0.97
C ASN A 429 27.78 -9.18 -1.50
N ARG A 430 28.64 -8.18 -1.66
CA ARG A 430 28.18 -6.89 -2.18
C ARG A 430 29.11 -6.35 -3.23
N ASP A 431 29.67 -7.24 -4.05
CA ASP A 431 30.56 -6.80 -5.14
C ASP A 431 30.33 -7.66 -6.37
N HIS A 432 29.21 -7.36 -7.02
CA HIS A 432 28.71 -8.18 -8.10
C HIS A 432 29.68 -8.32 -9.26
N ASN A 433 30.33 -7.22 -9.62
CA ASN A 433 31.24 -7.21 -10.74
C ASN A 433 32.69 -7.52 -10.37
N GLY A 434 32.94 -7.84 -9.12
CA GLY A 434 34.24 -8.31 -8.69
C GLY A 434 35.33 -7.26 -8.78
N ASN A 435 34.97 -5.98 -8.80
CA ASN A 435 35.98 -4.93 -8.97
C ASN A 435 36.49 -4.38 -7.65
N GLY A 436 36.14 -5.01 -6.54
CA GLY A 436 36.54 -4.52 -5.21
C GLY A 436 35.83 -3.25 -4.73
N VAL A 437 34.82 -2.81 -5.47
CA VAL A 437 34.05 -1.63 -5.09
C VAL A 437 32.62 -2.08 -4.80
N PRO A 438 32.17 -1.93 -3.53
CA PRO A 438 30.94 -2.56 -3.11
C PRO A 438 29.69 -1.81 -3.55
N GLU A 439 28.61 -2.56 -3.65
CA GLU A 439 27.31 -2.00 -3.87
C GLU A 439 26.51 -2.15 -2.57
N TYR A 440 25.52 -1.31 -2.42
CA TYR A 440 24.45 -1.57 -1.49
C TYR A 440 23.56 -2.62 -2.09
N GLY A 441 22.87 -3.35 -1.23
CA GLY A 441 22.02 -4.37 -1.71
C GLY A 441 21.11 -4.90 -0.64
N ALA A 442 20.91 -6.20 -0.69
CA ALA A 442 19.89 -6.88 0.07
C ALA A 442 20.32 -8.30 0.26
N THR A 443 20.05 -8.81 1.44
CA THR A 443 20.40 -10.19 1.73
C THR A 443 19.35 -11.09 1.11
N ARG A 444 19.72 -12.36 0.91
CA ARG A 444 18.72 -13.37 0.71
C ARG A 444 17.83 -13.30 1.94
N ASP A 445 16.52 -13.14 1.72
CA ASP A 445 15.59 -12.86 2.81
C ASP A 445 14.15 -13.00 2.31
N LYS A 446 13.26 -13.44 3.20
CA LYS A 446 11.85 -13.59 2.83
C LYS A 446 11.20 -12.27 2.39
N ALA A 447 11.66 -11.13 2.90
CA ALA A 447 11.21 -9.82 2.38
C ALA A 447 11.63 -9.55 0.91
N HIS A 448 12.67 -10.24 0.42
CA HIS A 448 13.30 -9.88 -0.87
C HIS A 448 13.08 -10.82 -2.01
N ASN A 449 12.93 -12.10 -1.70
CA ASN A 449 12.85 -13.11 -2.71
C ASN A 449 11.97 -14.25 -2.29
N THR A 450 11.57 -15.03 -3.28
CA THR A 450 10.81 -16.22 -3.06
C THR A 450 11.73 -17.25 -2.44
N GLU A 451 11.17 -18.32 -1.89
CA GLU A 451 11.98 -19.43 -1.40
C GLU A 451 12.95 -19.94 -2.47
N SER A 452 12.47 -20.09 -3.70
CA SER A 452 13.31 -20.46 -4.85
C SER A 452 14.35 -19.40 -5.28
N GLY A 453 14.38 -18.26 -4.58
CA GLY A 453 15.43 -17.28 -4.76
C GLY A 453 15.18 -16.30 -5.88
N GLU A 454 13.91 -16.06 -6.21
CA GLU A 454 13.63 -15.06 -7.24
C GLU A 454 13.19 -13.75 -6.59
N MET A 455 13.78 -12.67 -7.07
CA MET A 455 13.63 -11.36 -6.44
C MET A 455 12.22 -10.85 -6.60
N LEU A 456 11.64 -10.36 -5.50
CA LEU A 456 10.26 -9.91 -5.49
C LEU A 456 10.16 -8.50 -5.97
N PHE A 457 9.06 -8.20 -6.65
CA PHE A 457 8.71 -6.82 -6.96
C PHE A 457 7.22 -6.71 -7.22
N THR A 458 6.69 -5.51 -7.02
CA THR A 458 5.28 -5.24 -7.22
C THR A 458 5.16 -4.16 -8.28
N VAL A 459 4.35 -4.43 -9.30
CA VAL A 459 4.04 -3.47 -10.36
C VAL A 459 2.69 -2.84 -10.08
N LYS A 460 2.63 -1.53 -10.19
CA LYS A 460 1.38 -0.80 -9.93
C LYS A 460 0.98 0.05 -11.12
N LYS A 461 -0.22 -0.19 -11.64
CA LYS A 461 -0.83 0.72 -12.61
C LYS A 461 -2.20 1.08 -12.07
N GLY A 462 -2.49 2.38 -11.99
CA GLY A 462 -3.75 2.85 -11.40
C GLY A 462 -3.94 2.21 -10.05
N ASP A 463 -5.09 1.56 -9.85
CA ASP A 463 -5.37 0.85 -8.61
C ASP A 463 -4.90 -0.63 -8.61
N LYS A 464 -4.34 -1.10 -9.71
CA LYS A 464 -3.82 -2.48 -9.78
C LYS A 464 -2.47 -2.60 -9.09
N GLU A 465 -2.38 -3.50 -8.12
CA GLU A 465 -1.09 -3.92 -7.61
C GLU A 465 -0.88 -5.34 -8.06
N GLU A 466 0.30 -5.61 -8.60
CA GLU A 466 0.61 -6.85 -9.30
C GLU A 466 1.95 -7.37 -8.73
N THR A 467 1.88 -8.24 -7.74
CA THR A 467 3.09 -8.82 -7.15
C THR A 467 3.69 -9.90 -8.05
N GLN A 468 5.00 -9.83 -8.23
CA GLN A 468 5.75 -10.68 -9.16
C GLN A 468 7.13 -11.02 -8.60
N SER A 469 7.84 -11.88 -9.32
CA SER A 469 9.17 -12.27 -8.92
C SER A 469 10.02 -12.58 -10.13
N GLY A 470 11.34 -12.52 -9.93
CA GLY A 470 12.32 -12.86 -10.98
C GLY A 470 13.01 -11.65 -11.57
N LEU A 471 14.35 -11.62 -11.51
CA LEU A 471 15.11 -10.48 -12.05
C LEU A 471 14.93 -10.32 -13.55
N ASN A 472 14.78 -11.44 -14.22
CA ASN A 472 14.60 -11.42 -15.65
C ASN A 472 13.24 -10.90 -16.02
N ASN A 473 12.21 -11.33 -15.29
CA ASN A 473 10.89 -10.72 -15.45
C ASN A 473 10.92 -9.24 -15.08
N TYR A 474 11.65 -8.91 -14.00
CA TYR A 474 11.83 -7.50 -13.60
C TYR A 474 12.46 -6.68 -14.74
N ALA A 475 13.50 -7.21 -15.34
CA ALA A 475 14.14 -6.54 -16.48
C ALA A 475 13.16 -6.25 -17.63
N ARG A 476 12.31 -7.24 -17.96
CA ARG A 476 11.35 -7.09 -19.08
C ARG A 476 10.29 -6.04 -18.77
N VAL A 477 9.85 -6.00 -17.51
CA VAL A 477 8.89 -5.00 -17.04
C VAL A 477 9.46 -3.58 -17.15
N VAL A 478 10.65 -3.43 -16.59
CA VAL A 478 11.34 -2.15 -16.57
C VAL A 478 11.56 -1.55 -17.96
N GLU A 479 12.00 -2.39 -18.91
CA GLU A 479 12.21 -1.96 -20.30
C GLU A 479 10.93 -1.45 -20.93
N LYS A 480 9.85 -2.18 -20.68
CA LYS A 480 8.57 -1.90 -21.30
C LYS A 480 7.89 -0.66 -20.78
N GLY A 481 8.07 -0.35 -19.50
CA GLY A 481 7.51 0.87 -18.93
C GLY A 481 6.00 0.84 -18.74
N GLN A 482 5.42 -0.36 -18.81
CA GLN A 482 3.98 -0.51 -18.66
C GLN A 482 3.63 -0.60 -17.17
N TYR A 483 3.80 0.52 -16.48
CA TYR A 483 3.45 0.64 -15.07
C TYR A 483 3.46 2.11 -14.67
N ASP A 484 2.77 2.42 -13.58
CA ASP A 484 2.86 3.73 -12.93
C ASP A 484 4.08 3.80 -12.00
N SER A 485 4.20 2.79 -11.14
CA SER A 485 5.34 2.68 -10.24
C SER A 485 5.67 1.22 -9.96
N LEU A 486 6.75 1.03 -9.22
CA LEU A 486 7.18 -0.27 -8.75
C LEU A 486 7.58 -0.16 -7.30
N GLU A 487 7.25 -1.16 -6.51
CA GLU A 487 7.82 -1.27 -5.18
C GLU A 487 8.67 -2.51 -5.19
N ILE A 488 9.92 -2.35 -4.77
CA ILE A 488 10.91 -3.43 -4.78
C ILE A 488 11.52 -3.56 -3.38
N PRO A 489 11.17 -4.63 -2.66
CA PRO A 489 11.75 -4.74 -1.33
C PRO A 489 13.29 -4.68 -1.28
N ALA A 490 13.98 -5.19 -2.31
CA ALA A 490 15.44 -5.19 -2.32
C ALA A 490 16.01 -3.79 -2.52
N GLN A 491 15.24 -2.96 -3.18
CA GLN A 491 15.53 -1.53 -3.31
C GLN A 491 15.37 -0.83 -1.97
N VAL A 492 14.29 -1.12 -1.27
CA VAL A 492 14.09 -0.55 0.07
C VAL A 492 15.27 -0.93 0.98
N ALA A 493 15.64 -2.20 0.97
CA ALA A 493 16.73 -2.69 1.83
C ALA A 493 18.09 -2.10 1.45
N ALA A 494 18.33 -1.91 0.17
CA ALA A 494 19.56 -1.29 -0.27
C ALA A 494 19.64 0.11 0.29
N SER A 495 18.54 0.84 0.26
CA SER A 495 18.51 2.21 0.78
C SER A 495 18.66 2.16 2.31
N TRP A 496 18.04 1.15 2.92
CA TRP A 496 18.26 0.89 4.34
C TRP A 496 19.69 0.52 4.65
N GLU A 497 20.37 -0.16 3.73
CA GLU A 497 21.77 -0.51 3.94
C GLU A 497 22.68 0.73 3.90
N SER A 498 22.31 1.74 3.13
CA SER A 498 23.04 3.01 3.17
C SER A 498 22.75 3.77 4.45
N GLY A 499 21.64 3.42 5.10
CA GLY A 499 21.14 4.16 6.23
C GLY A 499 20.22 5.30 5.83
N ARG A 500 20.21 5.64 4.54
N ARG A 500 20.23 5.65 4.53
CA ARG A 500 19.44 6.78 4.06
CA ARG A 500 19.44 6.77 4.03
C ARG A 500 18.20 6.26 3.35
C ARG A 500 18.20 6.24 3.34
N ASP A 501 17.23 5.83 4.16
CA ASP A 501 15.98 5.25 3.68
C ASP A 501 15.32 6.14 2.64
N ASP A 502 14.95 5.54 1.50
CA ASP A 502 14.23 6.24 0.43
C ASP A 502 14.99 7.41 -0.20
N ALA A 503 16.30 7.37 -0.14
CA ALA A 503 17.11 8.45 -0.71
C ALA A 503 17.05 8.42 -2.24
N ALA A 504 17.14 9.60 -2.84
CA ALA A 504 16.93 9.76 -4.28
C ALA A 504 17.82 8.86 -5.14
N VAL A 505 19.09 8.72 -4.76
CA VAL A 505 20.07 8.03 -5.60
C VAL A 505 19.78 6.53 -5.73
N PHE A 506 18.95 6.01 -4.86
CA PHE A 506 18.48 4.62 -4.95
C PHE A 506 17.18 4.53 -5.73
N GLY A 507 16.80 5.59 -6.42
CA GLY A 507 15.69 5.55 -7.36
C GLY A 507 14.36 5.89 -6.71
N PHE A 508 14.40 6.50 -5.53
CA PHE A 508 13.19 6.90 -4.83
C PHE A 508 12.80 8.33 -5.19
N ILE A 509 11.63 8.45 -5.80
CA ILE A 509 11.13 9.73 -6.29
C ILE A 509 9.61 9.62 -6.43
N ASP A 510 8.91 10.66 -5.99
CA ASP A 510 7.44 10.67 -5.98
C ASP A 510 6.93 10.81 -7.38
N LYS A 511 5.71 10.31 -7.62
CA LYS A 511 5.05 10.41 -8.92
C LYS A 511 5.25 11.79 -9.53
N GLU A 512 4.81 12.81 -8.80
CA GLU A 512 4.76 14.17 -9.32
C GLU A 512 6.17 14.69 -9.60
N GLN A 513 7.12 14.31 -8.76
CA GLN A 513 8.52 14.67 -8.97
C GLN A 513 9.08 14.01 -10.25
N LEU A 514 8.73 12.75 -10.49
CA LEU A 514 9.20 12.04 -11.70
C LEU A 514 8.57 12.63 -12.96
N ASP A 515 7.26 12.87 -12.93
CA ASP A 515 6.57 13.57 -14.03
C ASP A 515 7.27 14.86 -14.43
N LYS A 516 7.59 15.67 -13.43
CA LYS A 516 8.20 16.98 -13.64
C LYS A 516 9.61 16.81 -14.20
N TYR A 517 10.32 15.80 -13.69
CA TYR A 517 11.63 15.43 -14.24
C TYR A 517 11.53 15.06 -15.73
N VAL A 518 10.59 14.19 -16.06
CA VAL A 518 10.41 13.79 -17.45
C VAL A 518 9.96 14.98 -18.32
N ALA A 519 8.99 15.75 -17.83
CA ALA A 519 8.54 16.95 -18.56
C ALA A 519 9.72 17.89 -18.91
N ASN A 520 10.62 18.09 -17.94
CA ASN A 520 11.82 18.89 -18.15
C ASN A 520 12.85 18.28 -19.11
N GLY A 521 12.55 17.13 -19.70
CA GLY A 521 13.45 16.52 -20.69
C GLY A 521 14.20 15.30 -20.20
N GLY A 522 13.94 14.89 -18.96
CA GLY A 522 14.60 13.73 -18.41
C GLY A 522 13.92 12.46 -18.86
N LYS A 523 14.66 11.37 -18.93
CA LYS A 523 14.06 10.08 -19.21
C LYS A 523 13.59 9.45 -17.93
N ARG A 524 12.38 8.92 -17.95
CA ARG A 524 11.85 8.13 -16.88
C ARG A 524 12.83 7.01 -16.48
N SER A 525 13.44 6.37 -17.46
CA SER A 525 14.42 5.30 -17.22
C SER A 525 15.72 5.71 -16.49
N ASP A 526 15.98 7.02 -16.37
CA ASP A 526 17.06 7.51 -15.52
C ASP A 526 16.87 7.17 -14.05
N TRP A 527 15.63 7.00 -13.62
CA TRP A 527 15.36 6.68 -12.23
C TRP A 527 15.16 5.19 -11.97
N THR A 528 15.08 4.42 -13.04
CA THR A 528 14.95 2.98 -12.90
C THR A 528 16.19 2.39 -12.28
N VAL A 529 16.00 1.59 -11.25
CA VAL A 529 17.14 0.95 -10.60
C VAL A 529 17.20 -0.49 -11.08
N LYS A 530 18.41 -0.97 -11.29
CA LYS A 530 18.64 -2.31 -11.77
C LYS A 530 19.30 -3.10 -10.67
N PHE A 531 19.15 -4.42 -10.72
CA PHE A 531 19.69 -5.31 -9.71
C PHE A 531 20.30 -6.51 -10.36
N ALA A 532 21.23 -7.10 -9.62
CA ALA A 532 21.80 -8.36 -10.00
C ALA A 532 21.90 -9.25 -8.77
N GLU A 533 21.71 -10.53 -8.98
CA GLU A 533 21.98 -11.50 -7.95
C GLU A 533 23.45 -11.83 -7.85
N ASN A 534 23.93 -11.92 -6.62
CA ASN A 534 25.32 -12.25 -6.39
C ASN A 534 25.36 -13.70 -6.00
N ARG A 535 25.98 -14.51 -6.85
CA ARG A 535 26.07 -15.94 -6.60
C ARG A 535 27.52 -16.39 -6.50
N SER A 536 27.76 -17.32 -5.58
CA SER A 536 29.03 -18.01 -5.47
C SER A 536 29.13 -18.90 -6.68
N GLN A 537 30.34 -19.26 -7.08
CA GLN A 537 30.52 -20.04 -8.29
C GLN A 537 29.80 -21.40 -8.21
N ASP A 538 29.52 -21.87 -6.98
CA ASP A 538 28.78 -23.12 -6.77
C ASP A 538 27.25 -22.95 -6.89
N GLY A 539 26.78 -21.73 -7.14
CA GLY A 539 25.37 -21.48 -7.39
C GLY A 539 24.66 -20.74 -6.28
N THR A 540 25.25 -20.74 -5.08
CA THR A 540 24.61 -20.19 -3.88
C THR A 540 24.27 -18.72 -4.02
N LEU A 541 23.01 -18.40 -3.75
CA LEU A 541 22.55 -17.03 -3.73
C LEU A 541 23.14 -16.37 -2.50
N LEU A 542 23.99 -15.39 -2.73
CA LEU A 542 24.60 -14.65 -1.64
C LEU A 542 23.76 -13.46 -1.28
N GLY A 543 22.95 -12.98 -2.22
CA GLY A 543 22.16 -11.76 -2.03
C GLY A 543 21.99 -11.03 -3.34
N TYR A 544 21.50 -9.81 -3.25
CA TYR A 544 21.30 -8.94 -4.39
C TYR A 544 22.16 -7.69 -4.22
N SER A 545 22.67 -7.18 -5.33
CA SER A 545 23.29 -5.87 -5.39
C SER A 545 22.43 -5.00 -6.26
N LEU A 546 22.22 -3.74 -5.86
CA LEU A 546 21.87 -2.72 -6.84
C LEU A 546 23.00 -2.70 -7.85
N LEU A 547 22.69 -2.56 -9.14
CA LEU A 547 23.73 -2.38 -10.17
C LEU A 547 24.20 -0.96 -10.13
N GLN A 548 24.88 -0.65 -9.03
CA GLN A 548 25.18 0.70 -8.62
C GLN A 548 26.25 0.64 -7.53
N GLU A 549 27.34 1.37 -7.67
CA GLU A 549 28.32 1.45 -6.61
C GLU A 549 28.18 2.83 -5.99
N SER A 550 27.99 2.86 -4.68
CA SER A 550 27.65 4.09 -3.98
C SER A 550 28.89 4.77 -3.44
N VAL A 551 28.98 6.08 -3.64
CA VAL A 551 30.20 6.78 -3.29
C VAL A 551 30.42 6.87 -1.76
N ASP A 552 29.33 6.94 -0.99
CA ASP A 552 29.46 6.95 0.48
C ASP A 552 30.10 5.66 0.99
N GLN A 553 29.58 4.50 0.58
CA GLN A 553 30.10 3.23 1.08
C GLN A 553 31.52 2.99 0.60
N ALA A 554 31.83 3.42 -0.62
CA ALA A 554 33.21 3.29 -1.12
C ALA A 554 34.16 4.11 -0.26
N SER A 555 33.71 5.33 0.06
CA SER A 555 34.48 6.25 0.85
C SER A 555 34.60 5.70 2.29
N TYR A 556 33.53 5.14 2.81
CA TYR A 556 33.58 4.58 4.13
C TYR A 556 34.50 3.35 4.14
N MET A 557 34.42 2.50 3.12
CA MET A 557 35.29 1.35 3.05
C MET A 557 36.73 1.81 2.94
N TYR A 558 36.94 2.91 2.21
CA TYR A 558 38.27 3.53 2.14
C TYR A 558 38.88 3.78 3.53
N SER A 559 38.22 4.63 4.34
CA SER A 559 38.75 4.94 5.67
C SER A 559 38.79 3.69 6.55
N ASP A 560 37.76 2.89 6.50
CA ASP A 560 37.72 1.62 7.22
C ASP A 560 38.97 0.79 6.91
N ASN A 561 39.36 0.77 5.64
CA ASN A 561 40.56 0.07 5.20
C ASN A 561 41.81 0.67 5.81
N HIS A 562 41.90 1.99 5.88
CA HIS A 562 43.04 2.61 6.57
C HIS A 562 43.13 2.30 8.07
N TYR A 563 41.98 2.24 8.73
CA TYR A 563 41.94 1.95 10.15
C TYR A 563 42.30 0.48 10.37
N LEU A 564 41.79 -0.42 9.54
CA LEU A 564 42.25 -1.80 9.58
C LEU A 564 43.78 -1.84 9.44
N ALA A 565 44.32 -1.05 8.51
CA ALA A 565 45.76 -1.03 8.33
C ALA A 565 46.50 -0.60 9.58
N GLU A 566 46.05 0.48 10.23
CA GLU A 566 46.65 0.92 11.50
C GLU A 566 46.54 -0.11 12.60
N MET A 567 45.41 -0.82 12.69
CA MET A 567 45.21 -1.85 13.69
C MET A 567 46.15 -3.01 13.45
N ALA A 568 46.23 -3.43 12.19
CA ALA A 568 47.16 -4.49 11.78
C ALA A 568 48.57 -4.14 12.19
N THR A 569 48.94 -2.89 12.00
CA THR A 569 50.26 -2.42 12.38
C THR A 569 50.41 -2.51 13.89
N ILE A 570 49.45 -1.95 14.63
CA ILE A 570 49.45 -2.01 16.09
C ILE A 570 49.57 -3.46 16.57
N LEU A 571 48.93 -4.41 15.90
CA LEU A 571 49.01 -5.82 16.27
C LEU A 571 50.18 -6.60 15.66
N GLY A 572 51.13 -5.92 15.01
CA GLY A 572 52.27 -6.60 14.41
C GLY A 572 51.91 -7.54 13.27
N LYS A 573 51.02 -7.08 12.40
CA LYS A 573 50.58 -7.86 11.24
C LYS A 573 50.88 -7.05 9.98
N PRO A 574 52.16 -6.91 9.65
CA PRO A 574 52.61 -5.96 8.64
C PRO A 574 52.11 -6.27 7.23
N GLU A 575 51.93 -7.55 6.89
CA GLU A 575 51.46 -7.94 5.56
C GLU A 575 49.99 -7.58 5.39
N GLU A 576 49.23 -7.75 6.46
CA GLU A 576 47.82 -7.48 6.42
C GLU A 576 47.61 -5.98 6.30
N ALA A 577 48.42 -5.22 7.04
CA ALA A 577 48.41 -3.77 7.01
C ALA A 577 48.73 -3.28 5.60
N LYS A 578 49.66 -3.98 4.96
CA LYS A 578 50.01 -3.71 3.59
C LYS A 578 48.79 -3.90 2.68
N ARG A 579 48.20 -5.09 2.74
CA ARG A 579 47.03 -5.37 1.94
C ARG A 579 45.96 -4.30 2.11
N TYR A 580 45.69 -3.87 3.34
CA TYR A 580 44.60 -2.92 3.58
C TYR A 580 44.93 -1.51 3.05
N ARG A 581 46.19 -1.11 3.13
CA ARG A 581 46.63 0.15 2.52
C ARG A 581 46.47 0.17 1.00
N GLN A 582 46.77 -0.95 0.35
CA GLN A 582 46.68 -1.03 -1.11
C GLN A 582 45.23 -1.10 -1.57
N LEU A 583 44.41 -1.79 -0.79
CA LEU A 583 42.96 -1.84 -1.03
C LEU A 583 42.40 -0.43 -0.90
N ALA A 584 42.78 0.27 0.16
CA ALA A 584 42.34 1.64 0.35
C ALA A 584 42.69 2.47 -0.87
N GLN A 585 43.95 2.42 -1.26
CA GLN A 585 44.43 3.20 -2.35
C GLN A 585 43.63 2.91 -3.64
N GLN A 586 43.43 1.65 -3.97
CA GLN A 586 42.58 1.24 -5.10
C GLN A 586 41.18 1.90 -5.03
N LEU A 587 40.55 1.83 -3.86
CA LEU A 587 39.24 2.47 -3.69
C LEU A 587 39.28 3.98 -3.95
N ALA A 588 40.31 4.64 -3.44
CA ALA A 588 40.47 6.08 -3.63
C ALA A 588 40.61 6.41 -5.12
N ASP A 589 41.40 5.59 -5.83
CA ASP A 589 41.55 5.77 -7.28
C ASP A 589 40.21 5.65 -8.01
N TYR A 590 39.39 4.69 -7.57
CA TYR A 590 38.10 4.45 -8.19
C TYR A 590 37.12 5.56 -7.80
N ILE A 591 37.19 6.04 -6.58
CA ILE A 591 36.28 7.10 -6.15
C ILE A 591 36.53 8.32 -7.02
N ASN A 592 37.79 8.68 -7.13
CA ASN A 592 38.17 9.88 -7.82
C ASN A 592 38.04 9.77 -9.31
N THR A 593 38.40 8.62 -9.86
CA THR A 593 38.25 8.37 -11.30
C THR A 593 36.82 8.14 -11.79
N CYS A 594 36.05 7.37 -11.04
CA CYS A 594 34.72 6.93 -11.46
C CYS A 594 33.58 7.73 -10.86
N MET A 595 33.67 8.06 -9.57
CA MET A 595 32.55 8.66 -8.88
C MET A 595 32.58 10.16 -8.92
N PHE A 596 33.73 10.74 -9.25
CA PHE A 596 33.79 12.20 -9.35
C PHE A 596 33.35 12.66 -10.73
N ASP A 597 32.41 13.59 -10.74
CA ASP A 597 32.04 14.27 -11.97
C ASP A 597 32.62 15.67 -11.94
N PRO A 598 33.69 15.91 -12.71
CA PRO A 598 34.26 17.24 -12.77
C PRO A 598 33.30 18.27 -13.32
N THR A 599 32.29 17.86 -14.11
CA THR A 599 31.37 18.83 -14.70
C THR A 599 30.41 19.44 -13.71
N THR A 600 29.72 18.61 -12.92
CA THR A 600 28.84 19.15 -11.89
C THR A 600 29.61 19.28 -10.59
N GLN A 601 30.88 18.88 -10.60
CA GLN A 601 31.78 19.22 -9.51
C GLN A 601 31.38 18.54 -8.21
N PHE A 602 30.98 17.27 -8.34
CA PHE A 602 30.43 16.56 -7.20
C PHE A 602 30.62 15.07 -7.42
N TYR A 603 30.55 14.34 -6.32
CA TYR A 603 30.62 12.91 -6.35
C TYR A 603 29.20 12.36 -6.36
N TYR A 604 29.07 11.20 -7.00
CA TYR A 604 27.83 10.49 -7.13
C TYR A 604 28.12 9.01 -7.18
N ASP A 605 27.07 8.23 -6.91
CA ASP A 605 27.11 6.81 -7.12
C ASP A 605 27.31 6.62 -8.61
N VAL A 606 27.87 5.46 -9.00
CA VAL A 606 27.95 5.08 -10.40
C VAL A 606 27.07 3.89 -10.67
N ARG A 607 26.63 3.78 -11.92
CA ARG A 607 25.94 2.57 -12.37
C ARG A 607 26.96 1.51 -12.66
N ILE A 608 26.58 0.26 -12.41
CA ILE A 608 27.28 -0.84 -13.01
C ILE A 608 26.55 -1.03 -14.32
N GLU A 609 27.15 -0.53 -15.38
CA GLU A 609 26.59 -0.61 -16.71
C GLU A 609 26.91 -1.96 -17.34
N ASP A 610 26.27 -2.22 -18.46
CA ASP A 610 26.42 -3.52 -19.12
C ASP A 610 27.86 -3.77 -19.55
N LYS A 611 28.54 -2.74 -20.01
CA LYS A 611 29.97 -2.83 -20.28
C LYS A 611 30.67 -1.79 -19.41
N PRO A 612 31.82 -2.13 -18.84
CA PRO A 612 32.53 -1.10 -18.10
C PRO A 612 33.05 -0.02 -19.02
N LEU A 613 33.29 1.17 -18.51
CA LEU A 613 33.84 2.24 -19.33
C LEU A 613 35.30 1.90 -19.64
N ALA A 614 35.86 2.59 -20.63
CA ALA A 614 37.25 2.40 -21.07
C ALA A 614 38.28 2.60 -19.96
N ASN A 615 37.98 3.51 -19.02
CA ASN A 615 38.83 3.72 -17.84
C ASN A 615 38.69 2.64 -16.76
N GLY A 616 37.88 1.60 -16.98
CA GLY A 616 37.71 0.53 -15.99
C GLY A 616 36.54 0.71 -15.03
N CYS A 617 36.02 1.93 -14.92
CA CYS A 617 34.84 2.22 -14.11
C CYS A 617 33.63 1.43 -14.57
N ALA A 618 32.85 0.99 -13.60
CA ALA A 618 31.69 0.17 -13.90
C ALA A 618 30.66 0.98 -14.69
N GLY A 619 30.60 2.29 -14.48
CA GLY A 619 29.66 3.12 -15.24
C GLY A 619 29.86 4.59 -14.96
N LYS A 620 28.98 5.41 -15.56
CA LYS A 620 29.01 6.86 -15.40
C LYS A 620 28.45 7.24 -14.04
N PRO A 621 28.89 8.38 -13.49
CA PRO A 621 28.22 8.89 -12.30
C PRO A 621 26.75 9.13 -12.57
N ILE A 622 25.89 8.87 -11.59
CA ILE A 622 24.47 9.05 -11.75
C ILE A 622 24.11 10.50 -11.45
N VAL A 623 24.64 11.40 -12.25
CA VAL A 623 24.42 12.85 -12.03
C VAL A 623 22.95 13.22 -12.08
N GLU A 624 22.20 12.49 -12.86
CA GLU A 624 20.84 12.90 -13.18
C GLU A 624 19.88 12.70 -12.00
N ARG A 625 20.20 11.79 -11.08
CA ARG A 625 19.41 11.60 -9.87
C ARG A 625 19.67 12.64 -8.80
N GLY A 626 20.64 13.52 -9.03
CA GLY A 626 20.83 14.70 -8.21
C GLY A 626 21.90 14.51 -7.18
N LYS A 627 22.19 15.58 -6.46
CA LYS A 627 23.23 15.59 -5.43
C LYS A 627 22.68 15.30 -4.04
N GLY A 628 23.51 14.59 -3.26
CA GLY A 628 23.22 14.31 -1.88
C GLY A 628 24.46 14.36 -1.03
N PRO A 629 24.31 14.03 0.27
CA PRO A 629 25.38 14.07 1.26
C PRO A 629 26.45 13.02 1.04
N GLU A 630 26.10 11.96 0.30
CA GLU A 630 27.09 11.00 -0.15
C GLU A 630 28.21 11.66 -0.99
N GLY A 631 27.90 12.81 -1.60
CA GLY A 631 28.87 13.57 -2.34
C GLY A 631 30.04 14.14 -1.56
N TRP A 632 29.90 14.32 -0.26
CA TRP A 632 31.06 14.74 0.53
C TRP A 632 31.65 13.61 1.37
N SER A 633 31.14 12.40 1.20
CA SER A 633 31.68 11.26 1.91
CA SER A 633 31.69 11.26 1.91
C SER A 633 33.15 11.08 1.56
N PRO A 634 33.51 11.22 0.27
CA PRO A 634 34.94 11.10 -0.03
C PRO A 634 35.81 12.09 0.75
N LEU A 635 35.27 13.24 1.07
CA LEU A 635 35.95 14.26 1.88
C LEU A 635 36.04 13.92 3.36
N PHE A 636 34.92 13.59 3.97
CA PHE A 636 34.94 13.15 5.35
C PHE A 636 35.93 12.00 5.53
N ASN A 637 35.95 11.07 4.58
CA ASN A 637 36.76 9.85 4.71
C ASN A 637 38.20 9.94 4.20
N GLY A 638 38.56 11.09 3.64
CA GLY A 638 39.90 11.34 3.12
C GLY A 638 40.26 10.65 1.82
N ALA A 639 39.27 10.17 1.07
CA ALA A 639 39.53 9.53 -0.22
C ALA A 639 39.77 10.56 -1.33
N ALA A 640 39.17 11.73 -1.20
CA ALA A 640 39.21 12.73 -2.27
C ALA A 640 40.61 13.32 -2.48
N THR A 641 40.95 13.60 -3.73
CA THR A 641 42.05 14.47 -4.00
C THR A 641 41.66 15.89 -3.58
N GLN A 642 42.67 16.71 -3.38
CA GLN A 642 42.44 18.09 -2.97
C GLN A 642 41.59 18.82 -3.97
N ALA A 643 41.82 18.59 -5.26
CA ALA A 643 41.10 19.33 -6.31
C ALA A 643 39.62 18.95 -6.33
N ASN A 644 39.36 17.66 -6.22
CA ASN A 644 37.99 17.14 -6.10
C ASN A 644 37.29 17.70 -4.87
N ALA A 645 37.99 17.70 -3.74
CA ALA A 645 37.42 18.27 -2.53
C ALA A 645 37.09 19.74 -2.69
N ASP A 646 37.99 20.49 -3.35
CA ASP A 646 37.79 21.93 -3.55
C ASP A 646 36.52 22.15 -4.32
N ALA A 647 36.30 21.28 -5.31
CA ALA A 647 35.14 21.38 -6.15
C ALA A 647 33.89 21.08 -5.34
N VAL A 648 33.90 19.96 -4.61
CA VAL A 648 32.75 19.56 -3.80
C VAL A 648 32.38 20.66 -2.81
N VAL A 649 33.38 21.26 -2.17
CA VAL A 649 33.11 22.26 -1.14
C VAL A 649 32.37 23.49 -1.69
N LYS A 650 32.71 23.93 -2.90
CA LYS A 650 31.97 25.04 -3.53
C LYS A 650 30.49 24.67 -3.68
N VAL A 651 30.23 23.41 -4.03
CA VAL A 651 28.86 22.95 -4.13
C VAL A 651 28.18 22.95 -2.75
N MET A 652 28.88 22.45 -1.74
CA MET A 652 28.33 22.43 -0.39
C MET A 652 27.89 23.82 0.09
N LEU A 653 28.71 24.81 -0.24
CA LEU A 653 28.49 26.18 0.22
C LEU A 653 27.49 26.94 -0.63
N ASP A 654 27.05 26.35 -1.74
CA ASP A 654 26.15 27.02 -2.66
C ASP A 654 24.70 27.02 -2.11
N PRO A 655 24.10 28.21 -1.91
CA PRO A 655 22.72 28.31 -1.44
C PRO A 655 21.66 27.61 -2.30
N LYS A 656 21.91 27.44 -3.59
CA LYS A 656 20.95 26.72 -4.42
C LYS A 656 21.15 25.20 -4.30
N GLU A 657 22.22 24.78 -3.67
CA GLU A 657 22.51 23.36 -3.50
C GLU A 657 22.27 22.97 -2.05
N PHE A 658 23.29 23.03 -1.21
CA PHE A 658 23.18 22.58 0.17
C PHE A 658 23.28 23.69 1.22
N ASN A 659 23.50 24.94 0.83
CA ASN A 659 23.67 26.00 1.82
C ASN A 659 22.36 26.71 2.18
N THR A 660 21.52 25.93 2.84
CA THR A 660 20.16 26.26 3.19
C THR A 660 20.11 26.78 4.61
N PHE A 661 18.94 27.26 5.03
CA PHE A 661 18.72 27.84 6.35
C PHE A 661 19.32 26.98 7.48
N VAL A 662 19.11 25.67 7.40
CA VAL A 662 19.90 24.72 8.15
C VAL A 662 20.62 23.98 7.07
N PRO A 663 21.95 24.10 7.03
CA PRO A 663 22.61 23.62 5.82
C PRO A 663 22.94 22.13 5.80
N LEU A 664 23.32 21.68 4.63
CA LEU A 664 23.86 20.34 4.39
C LEU A 664 22.87 19.24 4.66
N GLY A 665 21.68 19.38 4.08
CA GLY A 665 20.66 18.35 4.13
C GLY A 665 20.93 17.14 3.25
N THR A 666 19.97 16.26 3.15
CA THR A 666 20.17 14.92 2.60
C THR A 666 19.86 14.80 1.11
N ALA A 667 19.48 15.92 0.52
CA ALA A 667 19.45 16.06 -0.94
C ALA A 667 19.60 17.55 -1.22
N ALA A 668 20.23 17.89 -2.35
CA ALA A 668 20.40 19.31 -2.69
C ALA A 668 19.04 19.86 -3.10
N LEU A 669 18.87 21.17 -3.09
CA LEU A 669 17.61 21.76 -3.55
C LEU A 669 17.33 21.52 -5.02
N THR A 670 18.39 21.27 -5.79
CA THR A 670 18.29 20.93 -7.21
C THR A 670 18.00 19.44 -7.46
N ASN A 671 18.05 18.62 -6.42
CA ASN A 671 17.76 17.24 -6.58
C ASN A 671 16.29 17.09 -7.00
N PRO A 672 16.04 16.42 -8.13
CA PRO A 672 14.66 16.28 -8.59
C PRO A 672 13.71 15.67 -7.56
N ALA A 673 14.23 14.84 -6.66
CA ALA A 673 13.38 14.16 -5.67
C ALA A 673 13.42 14.82 -4.29
N PHE A 674 13.94 16.05 -4.22
CA PHE A 674 13.98 16.81 -2.97
C PHE A 674 12.60 16.99 -2.35
N GLY A 675 12.57 16.94 -1.02
CA GLY A 675 11.42 17.36 -0.23
C GLY A 675 11.90 17.74 1.14
N ALA A 676 11.48 18.90 1.63
CA ALA A 676 11.91 19.43 2.93
C ALA A 676 11.34 18.63 4.08
N ASP A 677 10.29 17.88 3.80
CA ASP A 677 9.64 17.01 4.75
C ASP A 677 10.09 15.56 4.58
N ILE A 678 11.09 15.30 3.76
CA ILE A 678 11.45 13.93 3.43
C ILE A 678 12.77 13.60 4.08
N TYR A 679 12.75 12.57 4.92
CA TYR A 679 13.84 12.26 5.82
C TYR A 679 15.21 12.29 5.12
N TRP A 680 15.33 11.52 4.05
CA TRP A 680 16.61 11.35 3.41
C TRP A 680 16.60 11.86 1.98
N ARG A 681 15.68 12.79 1.68
CA ARG A 681 15.73 13.57 0.45
C ARG A 681 15.62 15.07 0.75
N GLY A 682 16.18 15.51 1.84
CA GLY A 682 16.18 16.93 2.12
C GLY A 682 16.41 17.30 3.55
N ARG A 683 15.88 16.53 4.48
CA ARG A 683 16.01 16.91 5.89
C ARG A 683 17.47 16.87 6.26
N VAL A 684 17.82 17.69 7.24
CA VAL A 684 19.17 17.83 7.70
C VAL A 684 19.34 16.94 8.92
N TRP A 685 20.22 15.97 8.79
CA TRP A 685 20.59 15.15 9.93
C TRP A 685 21.97 15.60 10.40
N VAL A 686 22.17 15.55 11.73
CA VAL A 686 23.37 16.06 12.39
C VAL A 686 24.60 15.21 12.04
N ASP A 687 24.41 13.91 11.81
CA ASP A 687 25.54 13.06 11.38
C ASP A 687 26.08 13.50 10.03
N GLN A 688 25.19 13.68 9.06
CA GLN A 688 25.63 13.97 7.72
C GLN A 688 26.17 15.36 7.77
N PHE A 689 25.52 16.25 8.51
CA PHE A 689 26.00 17.62 8.70
C PHE A 689 27.41 17.62 9.23
N TRP A 690 27.62 16.89 10.30
CA TRP A 690 28.94 16.82 10.91
C TRP A 690 29.99 16.18 9.97
N PHE A 691 29.61 15.14 9.23
CA PHE A 691 30.54 14.50 8.28
C PHE A 691 31.00 15.50 7.23
N GLY A 692 30.13 16.41 6.86
CA GLY A 692 30.46 17.45 5.90
C GLY A 692 31.40 18.49 6.48
N LEU A 693 31.12 18.91 7.70
CA LEU A 693 32.00 19.83 8.39
C LEU A 693 33.40 19.21 8.52
N LYS A 694 33.46 17.95 8.91
CA LYS A 694 34.74 17.25 9.04
C LYS A 694 35.44 17.12 7.71
N GLY A 695 34.69 16.73 6.68
CA GLY A 695 35.24 16.67 5.34
C GLY A 695 35.84 17.99 4.94
N MET A 696 35.07 19.06 5.12
CA MET A 696 35.56 20.43 4.81
C MET A 696 36.86 20.75 5.54
N GLU A 697 36.85 20.55 6.84
CA GLU A 697 38.06 20.75 7.64
C GLU A 697 39.25 19.93 7.12
N ARG A 698 39.01 18.69 6.74
CA ARG A 698 40.12 17.82 6.37
C ARG A 698 40.81 18.30 5.09
N TYR A 699 40.08 19.01 4.25
CA TYR A 699 40.60 19.52 3.00
C TYR A 699 40.78 21.02 3.06
N GLY A 700 40.88 21.57 4.26
CA GLY A 700 41.38 22.92 4.44
C GLY A 700 40.32 23.97 4.66
N TYR A 701 39.07 23.55 4.80
CA TYR A 701 37.93 24.47 4.81
C TYR A 701 37.28 24.60 6.16
N ARG A 702 38.09 24.50 7.22
CA ARG A 702 37.61 24.59 8.58
C ARG A 702 36.92 25.91 8.85
N ASP A 703 37.45 27.01 8.29
CA ASP A 703 36.79 28.31 8.52
C ASP A 703 35.37 28.30 8.00
N ASP A 704 35.14 27.72 6.84
CA ASP A 704 33.80 27.64 6.32
C ASP A 704 32.93 26.71 7.17
N ALA A 705 33.50 25.62 7.66
CA ALA A 705 32.76 24.68 8.51
C ALA A 705 32.30 25.35 9.81
N LEU A 706 33.14 26.19 10.41
CA LEU A 706 32.75 26.91 11.63
C LEU A 706 31.52 27.75 11.45
N LYS A 707 31.42 28.42 10.31
CA LYS A 707 30.27 29.27 10.00
C LYS A 707 29.02 28.44 9.75
N LEU A 708 29.15 27.30 9.08
CA LEU A 708 28.03 26.37 8.96
C LEU A 708 27.59 25.87 10.33
N ALA A 709 28.55 25.57 11.19
CA ALA A 709 28.25 25.17 12.55
C ALA A 709 27.52 26.29 13.31
N ASP A 710 27.95 27.53 13.14
CA ASP A 710 27.30 28.66 13.80
C ASP A 710 25.88 28.84 13.25
N THR A 711 25.74 28.75 11.92
CA THR A 711 24.46 28.88 11.28
C THR A 711 23.50 27.81 11.80
N PHE A 712 23.97 26.57 11.83
CA PHE A 712 23.22 25.47 12.38
C PHE A 712 22.80 25.77 13.82
N PHE A 713 23.72 26.20 14.66
CA PHE A 713 23.37 26.50 16.05
C PHE A 713 22.31 27.60 16.21
N ARG A 714 22.37 28.63 15.36
CA ARG A 714 21.37 29.70 15.41
C ARG A 714 20.03 29.31 14.81
N HIS A 715 20.04 28.38 13.85
CA HIS A 715 18.84 28.11 13.03
C HIS A 715 18.13 26.82 13.37
N ALA A 716 18.86 25.78 13.75
CA ALA A 716 18.23 24.52 14.11
C ALA A 716 17.35 24.76 15.33
N LYS A 717 16.04 24.58 15.18
CA LYS A 717 15.07 25.02 16.21
C LYS A 717 15.03 24.13 17.43
N GLY A 718 14.80 24.76 18.59
CA GLY A 718 14.71 24.02 19.85
C GLY A 718 16.03 23.66 20.52
N LEU A 719 17.13 24.06 19.91
CA LEU A 719 18.46 23.62 20.33
C LEU A 719 18.82 24.17 21.71
N THR A 720 18.48 25.42 21.99
CA THR A 720 18.81 26.02 23.29
C THR A 720 17.66 25.88 24.31
N ALA A 721 16.57 25.24 23.91
CA ALA A 721 15.46 25.00 24.85
C ALA A 721 15.71 23.67 25.58
N ASP A 722 14.73 23.28 26.40
CA ASP A 722 14.88 22.12 27.27
C ASP A 722 14.15 20.88 26.76
N GLY A 723 13.83 20.86 25.46
CA GLY A 723 13.19 19.72 24.85
C GLY A 723 14.21 18.63 24.56
N PRO A 724 13.75 17.40 24.33
CA PRO A 724 14.64 16.33 23.92
C PRO A 724 15.24 16.55 22.52
N ILE A 725 16.42 15.99 22.32
CA ILE A 725 17.12 16.10 21.06
C ILE A 725 16.40 15.19 20.07
N GLN A 726 16.16 15.71 18.86
CA GLN A 726 15.48 14.94 17.83
C GLN A 726 16.41 14.63 16.65
N ALA A 727 15.86 14.01 15.61
CA ALA A 727 16.66 13.34 14.57
C ALA A 727 17.09 14.21 13.41
N ASN A 728 16.23 15.14 13.00
CA ASN A 728 16.52 15.90 11.82
C ASN A 728 15.76 17.21 11.75
N TYR A 729 16.10 18.00 10.75
CA TYR A 729 15.58 19.33 10.62
C TYR A 729 15.13 19.62 9.18
N ASN A 730 14.11 20.46 9.10
CA ASN A 730 13.67 21.03 7.85
C ASN A 730 14.77 21.98 7.44
N PRO A 731 15.32 21.79 6.23
CA PRO A 731 16.43 22.65 5.82
C PRO A 731 16.00 24.09 5.54
N LEU A 732 14.72 24.31 5.29
CA LEU A 732 14.22 25.63 4.93
C LEU A 732 13.75 26.44 6.12
N THR A 733 13.15 25.76 7.09
CA THR A 733 12.57 26.43 8.24
C THR A 733 13.22 26.03 9.58
N GLY A 734 14.10 25.02 9.56
CA GLY A 734 14.75 24.54 10.78
C GLY A 734 13.87 23.83 11.80
N ALA A 735 12.60 23.62 11.49
CA ALA A 735 11.74 22.87 12.39
C ALA A 735 12.28 21.42 12.61
N GLN A 736 12.19 20.95 13.86
CA GLN A 736 12.69 19.63 14.24
C GLN A 736 11.68 18.56 13.90
N GLN A 737 12.17 17.40 13.45
CA GLN A 737 11.34 16.21 13.36
C GLN A 737 12.13 14.99 13.84
N GLY A 738 11.44 13.88 14.01
CA GLY A 738 12.10 12.61 14.28
C GLY A 738 12.02 12.32 15.75
N ALA A 739 12.54 11.16 16.12
CA ALA A 739 12.41 10.65 17.48
C ALA A 739 13.07 11.59 18.46
N PRO A 740 12.44 11.80 19.63
CA PRO A 740 13.09 12.55 20.69
C PRO A 740 14.14 11.69 21.42
N ASN A 741 15.09 12.35 22.07
CA ASN A 741 16.20 11.69 22.73
C ASN A 741 17.00 10.86 21.73
N PHE A 742 17.19 11.41 20.53
CA PHE A 742 17.80 10.65 19.45
C PHE A 742 19.31 10.61 19.57
N SER A 743 19.84 9.38 19.70
CA SER A 743 21.23 9.17 20.09
C SER A 743 22.25 9.80 19.17
N TRP A 744 22.25 9.48 17.88
CA TRP A 744 23.32 9.99 17.05
C TRP A 744 23.19 11.50 16.84
N SER A 745 22.02 12.08 17.06
CA SER A 745 21.96 13.54 17.11
C SER A 745 22.74 14.05 18.31
N ALA A 746 22.49 13.44 19.47
CA ALA A 746 23.31 13.69 20.66
C ALA A 746 24.80 13.45 20.42
N ALA A 747 25.16 12.30 19.86
CA ALA A 747 26.57 12.03 19.58
C ALA A 747 27.17 13.16 18.74
N HIS A 748 26.52 13.52 17.64
CA HIS A 748 27.06 14.53 16.73
C HIS A 748 26.86 15.97 17.19
N LEU A 749 25.85 16.24 18.00
CA LEU A 749 25.73 17.56 18.62
C LEU A 749 26.85 17.75 19.64
N TYR A 750 27.24 16.64 20.27
CA TYR A 750 28.38 16.62 21.19
C TYR A 750 29.70 16.84 20.44
N MET A 751 29.87 16.17 19.30
CA MET A 751 31.07 16.32 18.52
CA MET A 751 31.08 16.31 18.51
C MET A 751 31.17 17.72 17.96
N LEU A 752 30.02 18.32 17.63
CA LEU A 752 29.99 19.70 17.15
C LEU A 752 30.39 20.63 18.27
N TYR A 753 29.93 20.34 19.48
CA TYR A 753 30.36 21.10 20.65
C TYR A 753 31.87 21.03 20.76
N ASN A 754 32.39 19.83 20.62
CA ASN A 754 33.83 19.60 20.71
C ASN A 754 34.63 20.19 19.53
N ASP A 755 34.15 19.95 18.31
CA ASP A 755 34.91 20.25 17.10
C ASP A 755 34.62 21.62 16.50
N PHE A 756 33.38 22.11 16.59
CA PHE A 756 32.94 23.25 15.78
C PHE A 756 32.16 24.40 16.43
N PHE A 757 31.58 24.23 17.63
CA PHE A 757 30.88 25.31 18.33
C PHE A 757 31.84 26.20 19.11
N ARG A 758 31.75 27.51 18.84
CA ARG A 758 32.64 28.53 19.42
C ARG A 758 31.81 29.70 19.94
N ASN B 1 -39.44 1.00 -38.10
CA ASN B 1 -39.62 0.98 -36.61
C ASN B 1 -38.39 1.41 -35.83
N ALA B 2 -37.22 0.94 -36.25
CA ALA B 2 -35.99 1.50 -35.73
C ALA B 2 -36.01 3.03 -35.87
N ASP B 3 -36.71 3.53 -36.90
CA ASP B 3 -36.77 4.96 -37.21
C ASP B 3 -37.61 5.75 -36.22
N ASN B 4 -38.36 5.06 -35.37
CA ASN B 4 -39.06 5.74 -34.30
C ASN B 4 -38.16 6.14 -33.14
N TYR B 5 -36.91 5.66 -33.14
CA TYR B 5 -36.00 5.85 -31.99
C TYR B 5 -34.72 6.45 -32.42
N LYS B 6 -34.80 7.71 -32.86
CA LYS B 6 -33.65 8.50 -33.28
C LYS B 6 -32.91 9.04 -32.05
N ASN B 7 -31.59 8.87 -32.05
CA ASN B 7 -30.70 9.51 -31.08
C ASN B 7 -31.05 9.20 -29.65
N VAL B 8 -31.27 7.91 -29.41
CA VAL B 8 -31.63 7.48 -28.10
C VAL B 8 -30.48 7.81 -27.18
N ILE B 9 -29.28 7.45 -27.63
CA ILE B 9 -28.06 7.85 -26.97
C ILE B 9 -27.38 8.87 -27.85
N ASN B 10 -26.69 9.81 -27.23
CA ASN B 10 -25.92 10.76 -27.98
C ASN B 10 -24.63 10.12 -28.43
N ARG B 11 -24.53 9.82 -29.71
CA ARG B 11 -23.33 9.18 -30.26
C ARG B 11 -22.51 10.18 -31.08
N THR B 12 -22.68 11.47 -30.79
CA THR B 12 -21.95 12.53 -31.48
C THR B 12 -20.62 12.67 -30.80
N GLY B 13 -19.63 13.15 -31.54
CA GLY B 13 -18.30 13.36 -31.01
C GLY B 13 -17.25 13.52 -32.09
N ALA B 14 -16.18 14.20 -31.72
CA ALA B 14 -15.03 14.38 -32.56
C ALA B 14 -13.91 14.25 -31.59
N PRO B 15 -13.46 13.01 -31.34
CA PRO B 15 -12.43 12.79 -30.34
C PRO B 15 -11.13 13.44 -30.71
N GLN B 16 -10.42 13.92 -29.68
CA GLN B 16 -9.12 14.54 -29.86
C GLN B 16 -7.98 13.68 -29.37
N TYR B 17 -8.28 12.62 -28.63
CA TYR B 17 -7.25 11.80 -28.01
C TYR B 17 -7.51 10.34 -28.32
N MET B 18 -6.47 9.51 -28.27
CA MET B 18 -6.67 8.07 -28.34
C MET B 18 -7.55 7.67 -27.16
N LYS B 19 -7.18 8.19 -26.00
CA LYS B 19 -7.94 8.04 -24.77
C LYS B 19 -8.64 9.37 -24.52
N ASP B 20 -9.81 9.54 -25.10
CA ASP B 20 -10.58 10.74 -24.87
C ASP B 20 -11.54 10.46 -23.71
N TYR B 21 -10.96 10.46 -22.52
CA TYR B 21 -11.64 9.95 -21.33
C TYR B 21 -12.48 10.98 -20.58
N ASP B 22 -13.58 10.48 -19.99
CA ASP B 22 -14.31 11.20 -18.96
C ASP B 22 -13.51 11.20 -17.65
N TYR B 23 -14.10 11.79 -16.61
CA TYR B 23 -13.38 11.93 -15.35
C TYR B 23 -12.96 10.61 -14.75
N ASP B 24 -13.70 9.56 -15.05
CA ASP B 24 -13.43 8.27 -14.47
C ASP B 24 -12.67 7.33 -15.43
N ASP B 25 -12.08 7.91 -16.48
CA ASP B 25 -11.18 7.23 -17.43
C ASP B 25 -11.84 6.35 -18.48
N HIS B 26 -13.12 6.58 -18.73
CA HIS B 26 -13.82 5.87 -19.78
C HIS B 26 -13.89 6.78 -20.97
N GLN B 27 -13.99 6.21 -22.18
CA GLN B 27 -14.17 7.04 -23.39
C GLN B 27 -15.49 7.81 -23.28
N ARG B 28 -15.41 9.12 -23.48
CA ARG B 28 -16.50 10.05 -23.17
C ARG B 28 -17.50 10.20 -24.32
N PHE B 29 -17.25 9.47 -25.40
CA PHE B 29 -18.20 9.32 -26.49
C PHE B 29 -18.74 7.90 -26.54
N ASN B 30 -19.88 7.78 -27.23
CA ASN B 30 -20.66 6.56 -27.25
C ASN B 30 -20.72 6.03 -28.66
N PRO B 31 -19.65 5.34 -29.10
CA PRO B 31 -19.64 4.90 -30.47
C PRO B 31 -20.58 3.74 -30.72
N PHE B 32 -20.96 3.59 -31.98
CA PHE B 32 -21.87 2.56 -32.44
C PHE B 32 -21.05 1.34 -32.81
N PHE B 33 -21.35 0.24 -32.14
CA PHE B 33 -20.74 -1.05 -32.41
C PHE B 33 -21.89 -2.01 -32.62
N ASP B 34 -21.72 -3.00 -33.48
CA ASP B 34 -22.76 -3.99 -33.63
C ASP B 34 -22.14 -5.27 -34.21
N LEU B 35 -22.90 -6.34 -34.11
CA LEU B 35 -22.56 -7.62 -34.69
C LEU B 35 -21.32 -8.21 -34.05
N GLY B 36 -20.90 -7.65 -32.92
CA GLY B 36 -19.73 -8.14 -32.21
C GLY B 36 -18.42 -7.62 -32.75
N ALA B 37 -18.51 -6.53 -33.51
CA ALA B 37 -17.35 -5.99 -34.16
C ALA B 37 -16.38 -5.34 -33.18
N TRP B 38 -15.15 -5.25 -33.64
CA TRP B 38 -14.06 -4.72 -32.84
C TRP B 38 -13.69 -3.32 -33.27
N HIS B 39 -14.65 -2.59 -33.82
CA HIS B 39 -14.48 -1.17 -34.06
C HIS B 39 -15.83 -0.50 -34.12
N GLY B 40 -15.84 0.83 -33.94
CA GLY B 40 -17.10 1.55 -33.85
C GLY B 40 -17.00 2.99 -34.25
N HIS B 41 -18.15 3.63 -34.40
CA HIS B 41 -18.23 4.93 -35.06
C HIS B 41 -19.09 5.90 -34.31
N LEU B 42 -18.84 7.17 -34.54
CA LEU B 42 -19.64 8.22 -33.96
C LEU B 42 -20.36 8.97 -35.04
N LEU B 43 -21.30 9.77 -34.60
CA LEU B 43 -22.03 10.63 -35.46
C LEU B 43 -21.28 11.94 -35.63
N PRO B 44 -21.42 12.55 -36.80
CA PRO B 44 -20.92 13.91 -36.92
C PRO B 44 -21.72 14.89 -36.06
N ASP B 45 -21.02 15.81 -35.42
CA ASP B 45 -21.65 16.86 -34.60
C ASP B 45 -22.08 18.05 -35.44
N GLY B 46 -21.27 18.43 -36.42
CA GLY B 46 -21.60 19.57 -37.25
C GLY B 46 -20.67 19.76 -38.45
N PRO B 47 -20.37 21.02 -38.78
CA PRO B 47 -19.56 21.34 -39.96
C PRO B 47 -18.24 20.57 -40.14
N ASN B 48 -17.53 20.32 -39.05
CA ASN B 48 -16.19 19.74 -39.11
C ASN B 48 -16.14 18.23 -39.31
N THR B 49 -17.25 17.54 -39.06
CA THR B 49 -17.31 16.10 -39.21
C THR B 49 -18.38 15.67 -40.18
N MET B 50 -19.20 16.62 -40.63
CA MET B 50 -20.19 16.40 -41.67
C MET B 50 -19.57 15.69 -42.87
N GLY B 51 -20.19 14.61 -43.31
CA GLY B 51 -19.72 13.88 -44.48
C GLY B 51 -19.02 12.57 -44.14
N GLY B 52 -18.76 12.36 -42.85
CA GLY B 52 -18.21 11.10 -42.41
C GLY B 52 -18.75 10.77 -41.04
N PHE B 53 -18.30 9.61 -40.57
CA PHE B 53 -18.66 9.12 -39.28
C PHE B 53 -17.36 9.13 -38.51
N PRO B 54 -17.15 10.20 -37.74
CA PRO B 54 -15.87 10.40 -37.09
C PRO B 54 -15.68 9.47 -35.90
N GLY B 55 -14.48 9.45 -35.34
CA GLY B 55 -14.22 8.68 -34.15
C GLY B 55 -14.20 7.21 -34.49
N VAL B 56 -13.17 6.79 -35.21
CA VAL B 56 -12.95 5.36 -35.44
C VAL B 56 -12.44 4.80 -34.11
N ALA B 57 -13.30 4.08 -33.42
CA ALA B 57 -12.96 3.51 -32.13
C ALA B 57 -12.45 2.11 -32.39
N LEU B 58 -11.23 1.83 -31.98
CA LEU B 58 -10.66 0.51 -32.17
C LEU B 58 -10.62 -0.24 -30.86
N LEU B 59 -10.95 -1.51 -30.92
CA LEU B 59 -10.91 -2.37 -29.78
C LEU B 59 -9.66 -3.19 -29.92
N THR B 60 -8.62 -2.72 -29.23
CA THR B 60 -7.29 -3.28 -29.30
C THR B 60 -7.18 -4.38 -28.26
N GLU B 61 -7.77 -5.53 -28.62
CA GLU B 61 -7.79 -6.74 -27.82
C GLU B 61 -8.53 -6.61 -26.47
N GLU B 62 -8.08 -5.71 -25.61
CA GLU B 62 -8.71 -5.57 -24.30
C GLU B 62 -9.04 -4.12 -23.95
N TYR B 63 -8.82 -3.18 -24.86
CA TYR B 63 -9.11 -1.77 -24.56
C TYR B 63 -9.72 -1.10 -25.74
N ILE B 64 -10.45 -0.04 -25.47
CA ILE B 64 -10.96 0.84 -26.52
C ILE B 64 -10.03 2.04 -26.72
N ASN B 65 -9.62 2.22 -27.97
CA ASN B 65 -8.68 3.28 -28.34
C ASN B 65 -9.13 3.94 -29.65
N PHE B 66 -9.28 5.26 -29.62
CA PHE B 66 -9.64 6.01 -30.84
C PHE B 66 -8.46 6.07 -31.79
N MET B 67 -8.70 5.81 -33.06
CA MET B 67 -7.65 5.89 -34.09
C MET B 67 -7.64 7.25 -34.77
N ALA B 68 -8.82 7.84 -34.94
CA ALA B 68 -9.00 8.99 -35.81
C ALA B 68 -10.23 9.73 -35.39
N SER B 69 -10.26 11.04 -35.60
CA SER B 69 -11.53 11.76 -35.60
C SER B 69 -12.08 11.65 -37.04
N ASN B 70 -11.74 12.56 -37.93
CA ASN B 70 -12.19 12.47 -39.31
C ASN B 70 -11.41 11.38 -40.01
N PHE B 71 -12.14 10.46 -40.62
CA PHE B 71 -11.53 9.35 -41.32
C PHE B 71 -12.55 8.80 -42.31
N ASP B 72 -12.17 8.89 -43.58
CA ASP B 72 -13.05 8.70 -44.73
C ASP B 72 -14.19 9.73 -44.77
N ARG B 73 -13.89 10.97 -44.41
CA ARG B 73 -14.90 12.02 -44.51
C ARG B 73 -15.08 12.45 -45.96
N LEU B 74 -16.32 12.46 -46.44
CA LEU B 74 -16.63 12.83 -47.82
C LEU B 74 -16.91 14.31 -47.98
N THR B 75 -16.18 14.96 -48.88
CA THR B 75 -16.58 16.26 -49.38
C THR B 75 -16.88 16.12 -50.86
N VAL B 76 -17.78 16.97 -51.35
CA VAL B 76 -18.28 16.86 -52.69
C VAL B 76 -18.02 18.16 -53.45
N TRP B 77 -17.55 18.02 -54.67
CA TRP B 77 -17.18 19.14 -55.49
C TRP B 77 -17.87 19.02 -56.82
N GLN B 78 -18.39 20.14 -57.30
CA GLN B 78 -18.78 20.24 -58.70
C GLN B 78 -18.14 21.50 -59.25
N ASP B 79 -17.50 21.37 -60.41
CA ASP B 79 -16.73 22.45 -61.03
C ASP B 79 -15.70 23.03 -60.06
N GLY B 80 -15.13 22.18 -59.21
CA GLY B 80 -14.18 22.62 -58.19
C GLY B 80 -14.71 23.62 -57.15
N LYS B 81 -16.04 23.71 -57.00
CA LYS B 81 -16.62 24.44 -55.88
C LYS B 81 -17.25 23.42 -54.95
N LYS B 82 -17.01 23.58 -53.65
CA LYS B 82 -17.52 22.63 -52.68
C LYS B 82 -19.02 22.77 -52.59
N VAL B 83 -19.71 21.62 -52.68
CA VAL B 83 -21.16 21.60 -52.51
C VAL B 83 -21.43 21.83 -51.03
N ASP B 84 -22.10 22.92 -50.69
CA ASP B 84 -22.37 23.22 -49.28
C ASP B 84 -23.67 22.52 -48.88
N PHE B 85 -23.58 21.58 -47.93
CA PHE B 85 -24.73 20.78 -47.50
C PHE B 85 -25.23 21.24 -46.14
N THR B 86 -26.53 21.09 -45.92
CA THR B 86 -27.06 21.03 -44.55
C THR B 86 -26.94 19.57 -44.09
N LEU B 87 -26.70 19.42 -42.80
CA LEU B 87 -26.55 18.12 -42.13
C LEU B 87 -27.78 17.74 -41.30
N GLU B 88 -28.30 16.54 -41.55
CA GLU B 88 -29.16 15.87 -40.58
C GLU B 88 -28.47 14.56 -40.29
N ALA B 89 -28.19 14.34 -39.01
CA ALA B 89 -27.50 13.12 -38.59
C ALA B 89 -28.20 12.53 -37.39
N TYR B 90 -28.40 11.22 -37.43
CA TYR B 90 -28.99 10.55 -36.31
C TYR B 90 -28.60 9.11 -36.21
N SER B 91 -28.64 8.62 -34.99
CA SER B 91 -28.54 7.20 -34.74
C SER B 91 -29.94 6.61 -34.70
N ILE B 92 -30.05 5.36 -35.07
CA ILE B 92 -31.24 4.56 -34.79
C ILE B 92 -30.71 3.24 -34.25
N PRO B 93 -31.60 2.39 -33.73
CA PRO B 93 -31.09 1.09 -33.33
C PRO B 93 -30.55 0.33 -34.51
N GLY B 94 -29.25 0.05 -34.47
CA GLY B 94 -28.59 -0.68 -35.55
C GLY B 94 -27.99 0.14 -36.68
N ALA B 95 -28.06 1.45 -36.61
CA ALA B 95 -27.46 2.26 -37.67
C ALA B 95 -27.18 3.69 -37.30
N LEU B 96 -26.27 4.28 -38.05
CA LEU B 96 -26.04 5.70 -38.06
C LEU B 96 -26.38 6.15 -39.45
N VAL B 97 -27.08 7.27 -39.50
CA VAL B 97 -27.52 7.84 -40.74
C VAL B 97 -27.07 9.28 -40.77
N GLN B 98 -26.59 9.73 -41.93
CA GLN B 98 -26.53 11.14 -42.19
C GLN B 98 -26.96 11.48 -43.59
N LYS B 99 -27.76 12.53 -43.66
CA LYS B 99 -28.30 13.03 -44.90
C LYS B 99 -27.72 14.43 -45.10
N LEU B 100 -27.02 14.58 -46.22
CA LEU B 100 -26.43 15.86 -46.60
C LEU B 100 -27.27 16.42 -47.70
N THR B 101 -27.82 17.60 -47.48
CA THR B 101 -28.84 18.13 -48.39
C THR B 101 -28.36 19.42 -49.10
N ALA B 102 -28.44 19.40 -50.42
CA ALA B 102 -28.35 20.60 -51.26
C ALA B 102 -29.40 20.49 -52.37
N LYS B 103 -29.45 21.49 -53.25
CA LYS B 103 -30.55 21.57 -54.22
C LYS B 103 -30.41 20.61 -55.40
N ASP B 104 -29.23 20.59 -56.00
CA ASP B 104 -28.95 19.70 -57.11
C ASP B 104 -28.28 18.41 -56.63
N VAL B 105 -27.60 18.47 -55.47
CA VAL B 105 -26.96 17.29 -54.87
C VAL B 105 -27.54 16.95 -53.50
N GLN B 106 -27.87 15.66 -53.31
CA GLN B 106 -28.15 15.11 -51.99
C GLN B 106 -27.30 13.86 -51.79
N VAL B 107 -26.90 13.63 -50.54
CA VAL B 107 -26.15 12.45 -50.15
C VAL B 107 -26.89 11.79 -48.98
N GLU B 108 -27.15 10.50 -49.10
CA GLU B 108 -27.71 9.73 -47.99
C GLU B 108 -26.74 8.63 -47.58
N MET B 109 -26.23 8.75 -46.36
CA MET B 109 -25.31 7.81 -45.80
C MET B 109 -25.96 6.99 -44.68
N THR B 110 -25.80 5.68 -44.77
CA THR B 110 -26.31 4.76 -43.78
C THR B 110 -25.16 3.84 -43.45
N LEU B 111 -24.83 3.76 -42.17
CA LEU B 111 -23.72 2.93 -41.72
C LEU B 111 -24.32 1.87 -40.86
N ARG B 112 -24.06 0.62 -41.22
CA ARG B 112 -24.51 -0.55 -40.48
C ARG B 112 -23.37 -1.52 -40.41
N PHE B 113 -23.46 -2.49 -39.51
CA PHE B 113 -22.45 -3.55 -39.46
C PHE B 113 -22.85 -4.72 -40.33
N ALA B 114 -21.86 -5.21 -41.08
CA ALA B 114 -22.06 -6.27 -42.05
C ALA B 114 -21.57 -7.62 -41.54
N THR B 115 -20.43 -7.64 -40.86
CA THR B 115 -19.87 -8.85 -40.28
C THR B 115 -19.29 -8.53 -38.90
N PRO B 116 -18.77 -9.55 -38.20
CA PRO B 116 -18.09 -9.32 -36.94
C PRO B 116 -16.79 -8.49 -37.01
N ARG B 117 -16.31 -8.13 -38.19
CA ARG B 117 -15.14 -7.27 -38.29
C ARG B 117 -15.35 -6.09 -39.20
N THR B 118 -16.52 -5.94 -39.78
CA THR B 118 -16.69 -5.01 -40.88
C THR B 118 -18.02 -4.26 -40.82
N SER B 119 -17.96 -2.94 -40.81
CA SER B 119 -19.16 -2.13 -41.07
C SER B 119 -19.25 -1.75 -42.54
N LEU B 120 -20.45 -1.37 -42.97
CA LEU B 120 -20.73 -1.06 -44.35
C LEU B 120 -21.39 0.28 -44.43
N LEU B 121 -20.84 1.16 -45.25
CA LEU B 121 -21.42 2.47 -45.47
C LEU B 121 -22.03 2.50 -46.85
N GLU B 122 -23.33 2.72 -46.90
CA GLU B 122 -23.97 3.10 -48.15
C GLU B 122 -23.93 4.62 -48.31
N THR B 123 -23.33 5.07 -49.42
CA THR B 123 -23.34 6.48 -49.78
C THR B 123 -24.16 6.64 -51.07
N LYS B 124 -25.34 7.23 -50.94
CA LYS B 124 -26.18 7.48 -52.07
C LYS B 124 -26.09 8.94 -52.48
N ILE B 125 -25.63 9.17 -53.69
CA ILE B 125 -25.51 10.52 -54.18
C ILE B 125 -26.52 10.73 -55.29
N THR B 126 -27.31 11.79 -55.15
CA THR B 126 -28.26 12.17 -56.18
C THR B 126 -27.79 13.51 -56.74
N SER B 127 -27.53 13.51 -58.04
CA SER B 127 -27.02 14.71 -58.70
C SER B 127 -27.43 14.68 -60.16
N ASN B 128 -27.95 15.81 -60.65
CA ASN B 128 -28.25 15.95 -62.06
C ASN B 128 -26.94 15.89 -62.83
N LYS B 129 -25.90 16.47 -62.23
CA LYS B 129 -24.61 16.65 -62.89
C LYS B 129 -23.46 15.79 -62.29
N PRO B 130 -22.35 15.62 -63.05
CA PRO B 130 -21.17 14.92 -62.54
C PRO B 130 -20.49 15.56 -61.34
N LEU B 131 -19.80 14.74 -60.54
CA LEU B 131 -19.25 15.20 -59.27
C LEU B 131 -17.86 14.67 -59.03
N ASP B 132 -17.08 15.42 -58.29
CA ASP B 132 -15.79 14.97 -57.80
C ASP B 132 -15.87 14.69 -56.30
N LEU B 133 -15.59 13.46 -55.93
CA LEU B 133 -15.70 13.03 -54.56
C LEU B 133 -14.34 12.98 -53.95
N VAL B 134 -14.19 13.63 -52.80
CA VAL B 134 -12.96 13.66 -52.05
C VAL B 134 -13.24 13.14 -50.66
N TRP B 135 -12.57 12.05 -50.32
CA TRP B 135 -12.58 11.57 -48.96
C TRP B 135 -11.23 11.89 -48.36
N ASP B 136 -11.25 12.37 -47.12
CA ASP B 136 -10.01 12.62 -46.40
C ASP B 136 -10.09 11.97 -45.04
N GLY B 137 -8.96 11.89 -44.36
CA GLY B 137 -8.90 11.37 -43.02
C GLY B 137 -7.54 11.61 -42.44
N GLU B 138 -7.45 11.52 -41.10
CA GLU B 138 -6.16 11.54 -40.42
C GLU B 138 -6.19 10.81 -39.10
N LEU B 139 -5.02 10.30 -38.70
CA LEU B 139 -4.88 9.62 -37.42
C LEU B 139 -4.76 10.67 -36.35
N LEU B 140 -5.25 10.34 -35.17
CA LEU B 140 -5.05 11.19 -34.02
C LEU B 140 -3.57 11.20 -33.65
N GLU B 141 -3.10 12.35 -33.15
CA GLU B 141 -1.73 12.48 -32.68
C GLU B 141 -1.66 12.35 -31.14
N LYS B 142 -2.62 12.93 -30.44
CA LYS B 142 -2.52 13.08 -28.99
C LYS B 142 -2.99 11.84 -28.25
N LEU B 143 -2.28 11.51 -27.18
CA LEU B 143 -2.54 10.29 -26.41
C LEU B 143 -3.71 10.43 -25.45
N GLU B 144 -3.61 11.40 -24.55
CA GLU B 144 -4.61 11.65 -23.51
C GLU B 144 -4.49 13.06 -22.92
N ALA B 145 -5.58 13.60 -22.39
CA ALA B 145 -5.47 14.76 -21.50
C ALA B 145 -5.00 14.27 -20.11
N LYS B 146 -3.68 14.26 -19.94
CA LYS B 146 -3.03 13.90 -18.68
C LYS B 146 -3.57 14.76 -17.53
N GLU B 147 -4.01 14.09 -16.47
CA GLU B 147 -4.74 14.78 -15.39
C GLU B 147 -3.81 15.76 -14.68
N GLY B 148 -4.30 16.99 -14.50
CA GLY B 148 -3.54 18.03 -13.84
C GLY B 148 -2.42 18.60 -14.70
N LYS B 149 -2.33 18.18 -15.96
CA LYS B 149 -1.24 18.61 -16.84
C LYS B 149 -1.79 18.94 -18.26
N PRO B 150 -2.52 20.07 -18.39
CA PRO B 150 -3.15 20.47 -19.67
C PRO B 150 -2.21 20.71 -20.86
N LEU B 151 -0.93 20.98 -20.59
CA LEU B 151 0.05 21.22 -21.64
C LEU B 151 1.01 20.03 -21.81
N SER B 152 0.70 18.88 -21.20
CA SER B 152 1.43 17.66 -21.50
C SER B 152 1.17 17.26 -22.93
N ASP B 153 2.20 17.34 -23.77
CA ASP B 153 2.12 16.88 -25.16
C ASP B 153 2.52 15.39 -25.23
N LYS B 154 1.77 14.53 -24.55
CA LYS B 154 1.97 13.08 -24.74
C LYS B 154 1.32 12.70 -26.06
N THR B 155 2.14 12.20 -26.96
CA THR B 155 1.66 11.72 -28.23
C THR B 155 1.56 10.20 -28.15
N ILE B 156 0.82 9.66 -29.10
CA ILE B 156 0.69 8.23 -29.23
C ILE B 156 2.02 7.64 -29.71
N ALA B 157 2.60 8.29 -30.71
CA ALA B 157 3.89 7.86 -31.27
C ALA B 157 4.96 7.90 -30.21
N GLY B 158 4.99 8.98 -29.43
CA GLY B 158 5.98 9.10 -28.39
C GLY B 158 5.80 8.08 -27.28
N GLU B 159 4.56 7.87 -26.87
CA GLU B 159 4.26 6.97 -25.76
C GLU B 159 4.38 5.50 -26.17
N TYR B 160 3.95 5.18 -27.39
CA TYR B 160 3.98 3.80 -27.89
C TYR B 160 4.71 3.78 -29.22
N PRO B 161 6.04 3.90 -29.19
CA PRO B 161 6.81 4.00 -30.44
C PRO B 161 6.71 2.79 -31.36
N ASP B 162 6.37 1.62 -30.83
CA ASP B 162 6.21 0.44 -31.67
C ASP B 162 4.82 0.29 -32.29
N TYR B 163 3.92 1.22 -32.00
CA TYR B 163 2.59 1.21 -32.61
C TYR B 163 2.71 1.49 -34.10
N GLN B 164 3.61 2.41 -34.43
CA GLN B 164 3.91 2.87 -35.80
C GLN B 164 2.76 2.73 -36.79
N ARG B 165 1.71 3.49 -36.53
CA ARG B 165 0.54 3.49 -37.39
C ARG B 165 1.00 3.99 -38.75
N LYS B 166 0.46 3.41 -39.81
CA LYS B 166 0.91 3.71 -41.17
C LYS B 166 -0.28 3.52 -42.09
N ILE B 167 -0.70 4.62 -42.73
CA ILE B 167 -1.73 4.56 -43.75
C ILE B 167 -1.03 4.27 -45.10
N SER B 168 -1.65 3.37 -45.88
CA SER B 168 -1.16 2.98 -47.21
CA SER B 168 -1.16 3.02 -47.21
C SER B 168 -2.35 2.84 -48.15
N ALA B 169 -2.17 3.22 -49.41
CA ALA B 169 -3.24 3.06 -50.38
C ALA B 169 -3.31 1.61 -50.85
N THR B 170 -4.50 1.24 -51.28
CA THR B 170 -4.76 -0.04 -51.89
C THR B 170 -5.51 0.25 -53.18
N ARG B 171 -5.76 -0.81 -53.94
CA ARG B 171 -6.53 -0.75 -55.20
C ARG B 171 -7.90 -0.11 -55.00
N ASP B 172 -8.58 -0.57 -53.95
CA ASP B 172 -9.96 -0.23 -53.72
C ASP B 172 -10.16 0.60 -52.45
N GLY B 173 -9.07 1.20 -51.97
CA GLY B 173 -9.15 2.11 -50.84
C GLY B 173 -7.81 2.31 -50.17
N LEU B 174 -7.69 1.82 -48.95
CA LEU B 174 -6.52 2.11 -48.14
C LEU B 174 -6.60 1.29 -46.88
N LYS B 175 -5.52 1.29 -46.11
CA LYS B 175 -5.49 0.56 -44.86
C LYS B 175 -4.61 1.30 -43.90
N VAL B 176 -4.87 1.15 -42.61
CA VAL B 176 -3.93 1.54 -41.57
C VAL B 176 -3.30 0.28 -41.00
N THR B 177 -1.98 0.21 -40.98
CA THR B 177 -1.31 -0.89 -40.33
C THR B 177 -0.74 -0.44 -38.98
N PHE B 178 -0.62 -1.41 -38.08
CA PHE B 178 -0.17 -1.19 -36.74
C PHE B 178 0.92 -2.19 -36.42
N GLY B 179 2.02 -1.69 -35.88
CA GLY B 179 3.03 -2.50 -35.27
C GLY B 179 2.56 -3.12 -33.96
N LYS B 180 3.41 -3.98 -33.42
CA LYS B 180 3.08 -4.80 -32.27
C LYS B 180 3.35 -4.03 -31.01
N VAL B 181 2.32 -3.85 -30.17
CA VAL B 181 2.48 -3.21 -28.89
C VAL B 181 1.84 -4.08 -27.86
N ARG B 182 2.59 -4.41 -26.81
CA ARG B 182 2.07 -5.22 -25.72
C ARG B 182 1.95 -4.37 -24.47
N ALA B 183 1.23 -3.25 -24.59
CA ALA B 183 1.00 -2.39 -23.45
C ALA B 183 -0.15 -2.97 -22.67
N THR B 184 0.19 -3.94 -21.81
CA THR B 184 -0.78 -4.70 -20.99
C THR B 184 -2.01 -3.96 -20.47
N TRP B 185 -1.84 -2.71 -20.05
CA TRP B 185 -2.89 -1.97 -19.37
C TRP B 185 -3.49 -0.89 -20.23
N ASP B 186 -3.07 -0.82 -21.49
CA ASP B 186 -3.48 0.28 -22.35
C ASP B 186 -3.81 -0.04 -23.80
N LEU B 187 -3.03 -0.92 -24.42
CA LEU B 187 -2.99 -1.03 -25.88
C LEU B 187 -2.32 -2.30 -26.30
N LEU B 188 -3.07 -3.21 -26.90
CA LEU B 188 -2.54 -4.52 -27.24
C LEU B 188 -2.79 -4.82 -28.70
N THR B 189 -1.70 -5.02 -29.46
CA THR B 189 -1.75 -5.35 -30.87
C THR B 189 -0.81 -6.52 -31.18
N SER B 190 -1.19 -7.36 -32.16
CA SER B 190 -0.36 -8.50 -32.56
C SER B 190 0.83 -8.08 -33.43
N GLY B 191 0.75 -6.91 -34.02
CA GLY B 191 1.67 -6.53 -35.06
C GLY B 191 1.18 -6.88 -36.45
N GLU B 192 -0.01 -7.48 -36.54
CA GLU B 192 -0.63 -7.87 -37.80
C GLU B 192 -1.99 -7.19 -37.99
N SER B 193 -2.35 -6.26 -37.10
CA SER B 193 -3.68 -5.70 -37.10
C SER B 193 -3.74 -4.60 -38.16
N GLU B 194 -4.92 -4.42 -38.77
CA GLU B 194 -5.14 -3.39 -39.76
C GLU B 194 -6.56 -2.81 -39.60
N TYR B 195 -6.69 -1.55 -39.97
CA TYR B 195 -7.98 -0.95 -40.22
C TYR B 195 -8.02 -0.71 -41.72
N GLN B 196 -8.99 -1.33 -42.39
CA GLN B 196 -9.08 -1.28 -43.84
C GLN B 196 -10.35 -0.62 -44.32
N VAL B 197 -10.22 0.13 -45.41
CA VAL B 197 -11.32 0.76 -46.11
C VAL B 197 -11.28 0.21 -47.54
N HIS B 198 -12.42 -0.29 -48.01
CA HIS B 198 -12.56 -0.79 -49.37
C HIS B 198 -13.80 -0.14 -49.98
N LYS B 199 -13.75 0.16 -51.28
CA LYS B 199 -14.86 0.81 -51.95
C LYS B 199 -15.22 0.12 -53.24
N SER B 200 -16.45 0.38 -53.66
CA SER B 200 -17.08 -0.31 -54.76
C SER B 200 -16.71 0.34 -56.08
N LEU B 201 -16.06 1.50 -56.00
CA LEU B 201 -15.77 2.27 -57.20
C LEU B 201 -14.31 2.58 -57.24
N PRO B 202 -13.76 2.80 -58.44
CA PRO B 202 -12.33 3.08 -58.46
C PRO B 202 -12.00 4.38 -57.69
N VAL B 203 -10.93 4.33 -56.90
CA VAL B 203 -10.42 5.48 -56.17
C VAL B 203 -8.89 5.52 -56.21
N GLN B 204 -8.36 6.74 -56.24
CA GLN B 204 -6.92 7.02 -56.14
C GLN B 204 -6.73 7.65 -54.76
N THR B 205 -5.71 7.22 -54.02
CA THR B 205 -5.51 7.75 -52.66
C THR B 205 -4.11 8.29 -52.48
N GLU B 206 -4.02 9.55 -52.11
CA GLU B 206 -2.76 10.19 -51.75
C GLU B 206 -2.60 10.08 -50.25
N ILE B 207 -1.48 9.54 -49.83
CA ILE B 207 -1.16 9.42 -48.43
C ILE B 207 0.11 10.17 -48.11
N ASN B 208 0.01 11.11 -47.18
CA ASN B 208 1.16 11.86 -46.70
C ASN B 208 1.17 11.91 -45.20
N GLY B 209 2.11 11.19 -44.58
CA GLY B 209 2.27 11.16 -43.14
C GLY B 209 1.10 10.41 -42.53
N ASN B 210 0.37 11.08 -41.64
CA ASN B 210 -0.80 10.48 -40.99
C ASN B 210 -2.15 10.88 -41.60
N ARG B 211 -2.14 11.51 -42.77
CA ARG B 211 -3.38 11.91 -43.45
C ARG B 211 -3.48 11.24 -44.80
N PHE B 212 -4.70 11.14 -45.31
CA PHE B 212 -4.93 10.67 -46.66
C PHE B 212 -6.02 11.47 -47.33
N THR B 213 -5.92 11.53 -48.65
CA THR B 213 -6.96 12.10 -49.49
C THR B 213 -7.25 11.10 -50.62
N SER B 214 -8.48 10.59 -50.65
CA SER B 214 -8.94 9.72 -51.73
C SER B 214 -9.88 10.47 -52.67
N LYS B 215 -9.86 10.08 -53.94
CA LYS B 215 -10.59 10.78 -54.96
C LYS B 215 -11.24 9.82 -55.92
N ALA B 216 -12.47 10.14 -56.30
CA ALA B 216 -13.15 9.49 -57.39
C ALA B 216 -14.02 10.53 -58.09
N HIS B 217 -14.35 10.26 -59.34
CA HIS B 217 -15.20 11.13 -60.13
C HIS B 217 -16.39 10.31 -60.60
N ILE B 218 -17.59 10.87 -60.47
CA ILE B 218 -18.82 10.18 -60.89
C ILE B 218 -19.65 11.04 -61.87
N ASN B 219 -20.33 10.36 -62.80
CA ASN B 219 -21.10 11.04 -63.85
C ASN B 219 -22.35 11.73 -63.31
N GLY B 220 -22.80 11.26 -62.16
CA GLY B 220 -24.04 11.72 -61.56
C GLY B 220 -24.56 10.69 -60.58
N SER B 221 -25.88 10.65 -60.42
CA SER B 221 -26.51 9.89 -59.37
C SER B 221 -26.00 8.47 -59.32
N THR B 222 -25.49 8.10 -58.14
CA THR B 222 -25.03 6.75 -57.92
C THR B 222 -25.05 6.41 -56.44
N THR B 223 -25.08 5.12 -56.16
CA THR B 223 -24.92 4.67 -54.79
C THR B 223 -23.68 3.80 -54.73
N LEU B 224 -22.71 4.24 -53.95
CA LEU B 224 -21.51 3.46 -53.70
C LEU B 224 -21.48 2.91 -52.28
N TYR B 225 -20.54 2.01 -52.08
CA TYR B 225 -20.47 1.21 -50.90
C TYR B 225 -19.06 1.21 -50.40
N THR B 226 -18.92 1.42 -49.10
CA THR B 226 -17.62 1.39 -48.44
C THR B 226 -17.64 0.47 -47.24
N THR B 227 -16.69 -0.45 -47.18
CA THR B 227 -16.51 -1.25 -45.98
C THR B 227 -15.42 -0.68 -45.11
N TYR B 228 -15.64 -0.77 -43.81
CA TYR B 228 -14.64 -0.43 -42.80
C TYR B 228 -14.42 -1.67 -41.93
N SER B 229 -13.17 -2.08 -41.76
CA SER B 229 -12.85 -3.32 -41.04
C SER B 229 -11.66 -3.13 -40.12
N HIS B 230 -11.82 -3.51 -38.86
CA HIS B 230 -10.69 -3.63 -37.93
C HIS B 230 -10.40 -5.11 -37.74
N LEU B 231 -9.21 -5.51 -38.15
CA LEU B 231 -8.81 -6.90 -38.15
C LEU B 231 -7.60 -7.00 -37.26
N LEU B 232 -7.61 -7.92 -36.31
CA LEU B 232 -6.64 -7.88 -35.22
C LEU B 232 -5.44 -8.82 -35.38
N THR B 233 -5.53 -9.76 -36.31
CA THR B 233 -4.44 -10.69 -36.63
C THR B 233 -4.37 -10.89 -38.15
N ALA B 234 -3.30 -11.55 -38.60
CA ALA B 234 -3.11 -11.87 -40.01
C ALA B 234 -4.18 -12.85 -40.46
N GLN B 235 -4.55 -13.76 -39.57
CA GLN B 235 -5.64 -14.68 -39.85
C GLN B 235 -6.94 -13.91 -40.12
N GLU B 236 -7.28 -12.97 -39.25
CA GLU B 236 -8.49 -12.16 -39.45
C GLU B 236 -8.43 -11.33 -40.71
N VAL B 237 -7.26 -10.80 -41.05
CA VAL B 237 -7.08 -10.04 -42.29
C VAL B 237 -7.39 -10.86 -43.56
N SER B 238 -6.78 -12.04 -43.67
CA SER B 238 -7.08 -12.97 -44.78
C SER B 238 -8.57 -13.26 -44.88
N LYS B 239 -9.14 -13.71 -43.75
CA LYS B 239 -10.55 -14.00 -43.67
C LYS B 239 -11.38 -12.86 -44.24
N GLU B 240 -11.14 -11.64 -43.78
CA GLU B 240 -12.08 -10.58 -44.14
C GLU B 240 -12.05 -10.15 -45.61
N GLN B 241 -10.98 -10.49 -46.33
CA GLN B 241 -10.87 -10.05 -47.72
C GLN B 241 -11.99 -10.59 -48.58
N MET B 242 -12.23 -11.89 -48.51
CA MET B 242 -13.38 -12.49 -49.19
C MET B 242 -14.71 -11.92 -48.69
N GLN B 243 -14.82 -11.73 -47.37
CA GLN B 243 -16.01 -11.12 -46.80
C GLN B 243 -16.26 -9.75 -47.38
N ILE B 244 -15.21 -8.94 -47.47
CA ILE B 244 -15.32 -7.60 -48.02
C ILE B 244 -15.74 -7.65 -49.49
N ARG B 245 -15.14 -8.53 -50.29
CA ARG B 245 -15.55 -8.64 -51.69
C ARG B 245 -17.03 -9.01 -51.75
N ASP B 246 -17.41 -10.03 -50.99
CA ASP B 246 -18.81 -10.43 -50.88
C ASP B 246 -19.72 -9.25 -50.52
N ILE B 247 -19.30 -8.46 -49.56
CA ILE B 247 -20.10 -7.34 -49.07
C ILE B 247 -20.27 -6.27 -50.13
N LEU B 248 -19.22 -6.02 -50.89
CA LEU B 248 -19.28 -5.04 -51.95
C LEU B 248 -20.04 -5.61 -53.13
N ALA B 249 -20.08 -6.93 -53.27
CA ALA B 249 -20.85 -7.58 -54.32
C ALA B 249 -22.36 -7.63 -54.02
N ARG B 250 -22.74 -7.77 -52.75
CA ARG B 250 -24.15 -7.76 -52.35
C ARG B 250 -24.42 -6.89 -51.15
N PRO B 251 -24.19 -5.57 -51.30
CA PRO B 251 -24.40 -4.61 -50.22
C PRO B 251 -25.81 -4.65 -49.72
N ALA B 252 -26.78 -4.75 -50.62
CA ALA B 252 -28.18 -4.73 -50.27
C ALA B 252 -28.54 -5.86 -49.31
N PHE B 253 -27.90 -7.02 -49.49
CA PHE B 253 -28.15 -8.17 -48.64
C PHE B 253 -27.67 -7.86 -47.23
N TYR B 254 -26.50 -7.26 -47.12
CA TYR B 254 -26.03 -6.89 -45.79
C TYR B 254 -26.88 -5.81 -45.14
N LEU B 255 -27.26 -4.78 -45.89
CA LEU B 255 -28.07 -3.71 -45.33
C LEU B 255 -29.39 -4.26 -44.77
N THR B 256 -30.07 -5.04 -45.59
CA THR B 256 -31.32 -5.63 -45.21
C THR B 256 -31.12 -6.54 -43.99
N ALA B 257 -30.03 -7.30 -43.97
CA ALA B 257 -29.81 -8.26 -42.90
C ALA B 257 -29.65 -7.54 -41.56
N SER B 258 -28.96 -6.41 -41.57
CA SER B 258 -28.88 -5.57 -40.39
C SER B 258 -30.22 -4.98 -40.02
N GLN B 259 -30.94 -4.45 -40.99
CA GLN B 259 -32.25 -3.86 -40.71
C GLN B 259 -33.19 -4.87 -40.07
N GLN B 260 -33.26 -6.04 -40.68
CA GLN B 260 -34.16 -7.11 -40.21
C GLN B 260 -33.78 -7.61 -38.81
N ARG B 261 -32.48 -7.79 -38.55
CA ARG B 261 -31.98 -8.24 -37.24
C ARG B 261 -32.36 -7.24 -36.13
N TRP B 262 -32.27 -5.96 -36.43
CA TRP B 262 -32.67 -4.91 -35.50
C TRP B 262 -34.17 -4.72 -35.30
N GLU B 263 -34.96 -4.87 -36.35
CA GLU B 263 -36.42 -4.82 -36.22
C GLU B 263 -36.85 -5.96 -35.33
N GLU B 264 -36.19 -7.09 -35.49
CA GLU B 264 -36.44 -8.23 -34.61
C GLU B 264 -36.05 -7.94 -33.14
N TYR B 265 -34.94 -7.24 -32.91
CA TYR B 265 -34.60 -6.88 -31.53
C TYR B 265 -35.69 -6.00 -30.96
N LEU B 266 -36.17 -5.04 -31.73
CA LEU B 266 -37.15 -4.11 -31.20
C LEU B 266 -38.49 -4.81 -31.05
N LYS B 267 -38.81 -5.69 -31.98
CA LYS B 267 -40.07 -6.41 -31.98
C LYS B 267 -40.15 -7.28 -30.73
N LYS B 268 -39.08 -8.00 -30.43
CA LYS B 268 -39.12 -8.89 -29.29
C LYS B 268 -38.94 -8.11 -28.00
N GLY B 269 -38.18 -7.03 -28.07
CA GLY B 269 -37.80 -6.31 -26.87
C GLY B 269 -38.89 -5.43 -26.33
N LEU B 270 -39.56 -4.72 -27.24
CA LEU B 270 -40.51 -3.69 -26.86
C LEU B 270 -41.92 -4.25 -26.71
N THR B 271 -42.15 -4.97 -25.60
CA THR B 271 -43.37 -5.74 -25.39
C THR B 271 -44.32 -5.13 -24.37
N ASN B 272 -43.98 -3.98 -23.80
CA ASN B 272 -44.83 -3.34 -22.80
C ASN B 272 -45.55 -2.10 -23.37
N PRO B 273 -46.86 -2.23 -23.70
CA PRO B 273 -47.64 -1.10 -24.25
C PRO B 273 -48.01 -0.05 -23.22
N ASP B 274 -47.89 -0.36 -21.93
CA ASP B 274 -48.22 0.59 -20.87
C ASP B 274 -47.10 1.56 -20.54
N ALA B 275 -45.87 1.19 -20.85
CA ALA B 275 -44.72 2.08 -20.60
C ALA B 275 -44.89 3.41 -21.31
N THR B 276 -44.48 4.52 -20.70
CA THR B 276 -44.52 5.79 -21.43
C THR B 276 -43.50 5.74 -22.56
N PRO B 277 -43.61 6.67 -23.52
CA PRO B 277 -42.57 6.77 -24.54
C PRO B 277 -41.16 6.95 -23.96
N GLU B 278 -41.06 7.61 -22.79
CA GLU B 278 -39.78 7.81 -22.09
C GLU B 278 -39.20 6.46 -21.66
N GLN B 279 -40.04 5.61 -21.09
CA GLN B 279 -39.55 4.35 -20.57
C GLN B 279 -39.25 3.39 -21.71
N THR B 280 -40.00 3.53 -22.78
CA THR B 280 -39.80 2.76 -24.00
C THR B 280 -38.41 3.08 -24.55
N ARG B 281 -38.10 4.37 -24.54
CA ARG B 281 -36.85 4.88 -25.05
C ARG B 281 -35.67 4.43 -24.19
N VAL B 282 -35.88 4.26 -22.89
CA VAL B 282 -34.87 3.65 -22.01
C VAL B 282 -34.65 2.18 -22.37
N ALA B 283 -35.74 1.48 -22.68
CA ALA B 283 -35.63 0.09 -23.11
C ALA B 283 -34.79 -0.03 -24.40
N VAL B 284 -35.04 0.88 -25.33
CA VAL B 284 -34.28 0.91 -26.59
C VAL B 284 -32.80 1.27 -26.31
N LYS B 285 -32.60 2.24 -25.43
CA LYS B 285 -31.27 2.60 -24.98
C LYS B 285 -30.57 1.36 -24.45
N ALA B 286 -31.29 0.57 -23.66
CA ALA B 286 -30.73 -0.62 -23.05
C ALA B 286 -30.29 -1.62 -24.11
N ILE B 287 -31.16 -1.83 -25.08
CA ILE B 287 -30.92 -2.76 -26.16
C ILE B 287 -29.72 -2.34 -27.00
N GLU B 288 -29.67 -1.06 -27.36
CA GLU B 288 -28.53 -0.51 -28.11
C GLU B 288 -27.26 -0.69 -27.34
N THR B 289 -27.33 -0.52 -26.03
CA THR B 289 -26.17 -0.61 -25.16
C THR B 289 -25.70 -2.04 -25.05
N LEU B 290 -26.61 -2.96 -24.79
CA LEU B 290 -26.19 -4.34 -24.66
C LEU B 290 -25.59 -4.84 -25.97
N ASN B 291 -26.23 -4.46 -27.09
CA ASN B 291 -25.82 -4.97 -28.37
C ASN B 291 -24.51 -4.37 -28.81
N GLY B 292 -24.21 -3.15 -28.35
CA GLY B 292 -22.90 -2.54 -28.58
C GLY B 292 -21.75 -3.16 -27.79
N ASN B 293 -22.06 -3.68 -26.60
CA ASN B 293 -21.09 -4.33 -25.71
C ASN B 293 -20.84 -5.80 -26.05
N TRP B 294 -21.65 -6.32 -26.95
CA TRP B 294 -21.47 -7.63 -27.54
C TRP B 294 -20.20 -7.63 -28.41
N ARG B 295 -19.29 -8.57 -28.12
CA ARG B 295 -18.08 -8.77 -28.88
C ARG B 295 -18.10 -10.13 -29.47
N SER B 296 -17.65 -10.23 -30.71
CA SER B 296 -17.45 -11.50 -31.37
C SER B 296 -16.24 -12.22 -30.80
N PRO B 297 -16.06 -13.51 -31.17
CA PRO B 297 -14.91 -14.24 -30.66
C PRO B 297 -13.58 -13.52 -30.93
N GLY B 298 -12.70 -13.53 -29.95
CA GLY B 298 -11.36 -13.02 -30.15
C GLY B 298 -10.35 -13.58 -29.18
N GLY B 299 -9.15 -13.83 -29.67
CA GLY B 299 -8.05 -14.35 -28.86
C GLY B 299 -8.45 -15.66 -28.21
N ALA B 300 -8.26 -15.75 -26.91
CA ALA B 300 -8.53 -17.00 -26.18
C ALA B 300 -10.02 -17.24 -25.97
N VAL B 301 -10.86 -16.23 -26.21
CA VAL B 301 -12.32 -16.36 -26.06
C VAL B 301 -13.00 -16.71 -27.40
N LYS B 302 -13.43 -17.97 -27.50
CA LYS B 302 -13.88 -18.57 -28.75
C LYS B 302 -15.37 -18.34 -29.02
N PHE B 303 -16.04 -17.61 -28.14
CA PHE B 303 -17.46 -17.38 -28.25
C PHE B 303 -17.79 -15.91 -28.35
N ASN B 304 -18.96 -15.60 -28.89
CA ASN B 304 -19.49 -14.27 -28.75
C ASN B 304 -19.73 -13.99 -27.27
N THR B 305 -19.49 -12.76 -26.85
CA THR B 305 -19.60 -12.43 -25.45
C THR B 305 -20.17 -11.02 -25.32
N VAL B 306 -20.45 -10.62 -24.09
CA VAL B 306 -20.85 -9.24 -23.83
C VAL B 306 -20.04 -8.76 -22.64
N THR B 307 -19.36 -7.63 -22.82
CA THR B 307 -18.48 -7.08 -21.81
C THR B 307 -19.26 -6.04 -21.04
N PRO B 308 -18.74 -5.60 -19.89
CA PRO B 308 -19.49 -4.61 -19.11
C PRO B 308 -19.61 -3.27 -19.78
N SER B 309 -18.62 -2.87 -20.57
CA SER B 309 -18.71 -1.61 -21.28
C SER B 309 -17.65 -1.47 -22.35
N VAL B 310 -18.10 -1.36 -23.59
CA VAL B 310 -17.23 -1.18 -24.72
C VAL B 310 -16.42 0.11 -24.59
N THR B 311 -16.98 1.14 -23.96
CA THR B 311 -16.27 2.39 -23.72
C THR B 311 -15.51 2.43 -22.38
N GLY B 312 -15.66 1.37 -21.58
CA GLY B 312 -15.08 1.31 -20.24
C GLY B 312 -13.57 1.16 -20.22
N ARG B 313 -12.93 1.72 -19.18
CA ARG B 313 -11.49 1.79 -19.08
C ARG B 313 -10.90 0.38 -18.90
N TRP B 314 -11.59 -0.46 -18.15
CA TRP B 314 -11.14 -1.77 -17.81
C TRP B 314 -12.15 -2.83 -18.24
N PHE B 315 -13.14 -2.43 -19.04
CA PHE B 315 -14.29 -3.25 -19.35
C PHE B 315 -14.43 -3.54 -20.84
N SER B 316 -13.46 -3.11 -21.65
CA SER B 316 -13.62 -3.14 -23.08
C SER B 316 -12.94 -4.36 -23.69
N GLY B 317 -12.67 -4.31 -24.98
CA GLY B 317 -12.20 -5.50 -25.67
C GLY B 317 -13.26 -6.56 -25.49
N ASN B 318 -12.85 -7.81 -25.30
CA ASN B 318 -13.84 -8.85 -24.98
C ASN B 318 -13.75 -9.34 -23.53
N GLN B 319 -13.29 -8.46 -22.65
CA GLN B 319 -13.15 -8.84 -21.22
C GLN B 319 -14.50 -9.17 -20.61
N THR B 320 -14.62 -10.41 -20.14
CA THR B 320 -15.90 -10.93 -19.63
C THR B 320 -15.81 -11.45 -18.20
N TRP B 321 -16.81 -11.08 -17.39
CA TRP B 321 -16.95 -11.51 -16.02
C TRP B 321 -18.22 -12.34 -15.89
N PRO B 322 -18.23 -13.30 -14.94
CA PRO B 322 -19.40 -14.17 -14.83
C PRO B 322 -20.70 -13.49 -14.42
N TRP B 323 -20.75 -12.81 -13.30
CA TRP B 323 -22.03 -12.27 -12.84
C TRP B 323 -22.55 -11.13 -13.71
N ASP B 324 -21.65 -10.43 -14.43
CA ASP B 324 -22.08 -9.47 -15.45
C ASP B 324 -22.84 -10.26 -16.52
N THR B 325 -22.26 -11.39 -16.90
CA THR B 325 -22.79 -12.22 -17.94
C THR B 325 -24.13 -12.80 -17.55
N TRP B 326 -24.28 -13.19 -16.29
CA TRP B 326 -25.55 -13.75 -15.87
C TRP B 326 -26.65 -12.68 -15.99
N LYS B 327 -26.38 -11.48 -15.49
CA LYS B 327 -27.33 -10.36 -15.55
C LYS B 327 -27.66 -9.94 -16.98
N GLN B 328 -26.61 -9.88 -17.80
CA GLN B 328 -26.70 -9.54 -19.20
C GLN B 328 -27.61 -10.51 -19.95
N ALA B 329 -27.34 -11.79 -19.79
CA ALA B 329 -28.04 -12.84 -20.53
C ALA B 329 -29.51 -12.93 -20.08
N PHE B 330 -29.74 -12.65 -18.80
CA PHE B 330 -31.08 -12.65 -18.27
C PHE B 330 -31.94 -11.68 -19.08
N ALA B 331 -31.43 -10.48 -19.31
CA ALA B 331 -32.17 -9.48 -20.06
C ALA B 331 -32.07 -9.74 -21.58
N MET B 332 -30.89 -10.09 -22.07
CA MET B 332 -30.73 -10.25 -23.50
C MET B 332 -31.50 -11.45 -24.03
N ALA B 333 -31.89 -12.37 -23.13
CA ALA B 333 -32.73 -13.49 -23.53
C ALA B 333 -34.02 -13.00 -24.17
N HIS B 334 -34.52 -11.85 -23.73
CA HIS B 334 -35.80 -11.32 -24.23
C HIS B 334 -35.73 -10.50 -25.51
N PHE B 335 -34.53 -10.31 -26.05
CA PHE B 335 -34.43 -9.61 -27.32
C PHE B 335 -33.32 -10.07 -28.26
N ASN B 336 -32.18 -10.51 -27.72
CA ASN B 336 -31.10 -11.08 -28.54
C ASN B 336 -30.67 -12.41 -27.90
N PRO B 337 -31.58 -13.38 -27.94
CA PRO B 337 -31.28 -14.63 -27.25
C PRO B 337 -30.05 -15.38 -27.78
N ASP B 338 -29.73 -15.24 -29.05
CA ASP B 338 -28.59 -15.93 -29.63
C ASP B 338 -27.34 -15.54 -28.91
N ILE B 339 -27.22 -14.24 -28.61
CA ILE B 339 -26.01 -13.73 -27.99
C ILE B 339 -26.03 -13.95 -26.49
N ALA B 340 -27.21 -13.98 -25.89
CA ALA B 340 -27.29 -14.35 -24.50
C ALA B 340 -26.67 -15.75 -24.33
N LYS B 341 -27.09 -16.70 -25.16
CA LYS B 341 -26.58 -18.04 -25.02
C LYS B 341 -25.07 -18.02 -25.15
N GLU B 342 -24.58 -17.28 -26.14
CA GLU B 342 -23.16 -17.32 -26.47
C GLU B 342 -22.34 -16.74 -25.34
N ASN B 343 -22.89 -15.70 -24.73
CA ASN B 343 -22.22 -14.97 -23.66
C ASN B 343 -22.01 -15.86 -22.44
N ILE B 344 -23.05 -16.60 -22.09
CA ILE B 344 -23.00 -17.61 -21.06
C ILE B 344 -21.97 -18.68 -21.44
N ARG B 345 -22.00 -19.10 -22.70
CA ARG B 345 -21.03 -20.07 -23.23
C ARG B 345 -19.61 -19.57 -23.17
N ALA B 346 -19.42 -18.28 -23.41
CA ALA B 346 -18.08 -17.70 -23.35
C ALA B 346 -17.51 -17.88 -21.94
N VAL B 347 -18.31 -17.55 -20.94
CA VAL B 347 -17.87 -17.65 -19.54
C VAL B 347 -17.58 -19.11 -19.16
N PHE B 348 -18.53 -19.98 -19.45
CA PHE B 348 -18.32 -21.40 -19.15
C PHE B 348 -17.20 -22.05 -19.97
N SER B 349 -16.84 -21.52 -21.13
CA SER B 349 -15.80 -22.15 -21.90
C SER B 349 -14.49 -22.24 -21.11
N TRP B 350 -14.30 -21.38 -20.11
CA TRP B 350 -13.07 -21.41 -19.33
C TRP B 350 -13.24 -21.94 -17.90
N GLN B 351 -14.37 -22.58 -17.64
CA GLN B 351 -14.57 -23.29 -16.40
C GLN B 351 -13.44 -24.32 -16.23
N ILE B 352 -12.92 -24.40 -15.03
CA ILE B 352 -11.77 -25.24 -14.77
C ILE B 352 -12.15 -26.71 -14.85
N GLN B 353 -11.39 -27.45 -15.63
CA GLN B 353 -11.63 -28.85 -15.86
C GLN B 353 -10.70 -29.66 -14.98
N PRO B 354 -11.07 -30.92 -14.73
CA PRO B 354 -10.14 -31.81 -14.04
C PRO B 354 -8.81 -31.86 -14.77
N GLY B 355 -7.70 -31.78 -14.03
CA GLY B 355 -6.37 -31.85 -14.63
C GLY B 355 -5.87 -30.52 -15.17
N ASP B 356 -6.65 -29.47 -15.01
CA ASP B 356 -6.21 -28.15 -15.45
C ASP B 356 -4.75 -27.95 -15.10
N SER B 357 -4.01 -27.40 -16.04
CA SER B 357 -2.56 -27.27 -15.90
C SER B 357 -2.15 -26.24 -14.84
N VAL B 358 -3.04 -25.31 -14.51
CA VAL B 358 -2.75 -24.22 -13.58
C VAL B 358 -3.37 -24.44 -12.22
N ARG B 359 -4.63 -24.85 -12.17
CA ARG B 359 -5.30 -24.96 -10.88
C ARG B 359 -6.23 -26.14 -10.80
N PRO B 360 -5.66 -27.37 -10.82
CA PRO B 360 -6.48 -28.57 -10.78
C PRO B 360 -7.31 -28.70 -9.49
N GLN B 361 -6.89 -28.03 -8.42
CA GLN B 361 -7.69 -27.92 -7.21
C GLN B 361 -8.99 -27.09 -7.36
N ASP B 362 -9.20 -26.44 -8.51
CA ASP B 362 -10.32 -25.49 -8.65
C ASP B 362 -11.33 -25.96 -9.70
N VAL B 363 -11.45 -27.27 -9.87
CA VAL B 363 -12.44 -27.83 -10.78
C VAL B 363 -13.80 -27.20 -10.54
N GLY B 364 -14.42 -26.74 -11.63
CA GLY B 364 -15.74 -26.11 -11.54
C GLY B 364 -15.68 -24.61 -11.41
N PHE B 365 -14.55 -24.10 -10.91
CA PHE B 365 -14.31 -22.67 -10.80
C PHE B 365 -14.55 -22.02 -12.15
N VAL B 366 -15.15 -20.85 -12.08
CA VAL B 366 -15.40 -20.07 -13.22
C VAL B 366 -14.54 -18.84 -13.08
N PRO B 367 -13.56 -18.67 -13.98
CA PRO B 367 -12.69 -17.50 -13.89
C PRO B 367 -13.41 -16.16 -13.81
N ASP B 368 -12.95 -15.33 -12.89
CA ASP B 368 -13.49 -14.01 -12.70
C ASP B 368 -13.47 -13.20 -13.97
N LEU B 369 -12.37 -13.28 -14.72
CA LEU B 369 -12.17 -12.43 -15.85
C LEU B 369 -11.41 -13.14 -16.96
N ILE B 370 -12.07 -13.26 -18.11
CA ILE B 370 -11.48 -13.82 -19.33
C ILE B 370 -11.45 -12.74 -20.40
N ALA B 371 -10.48 -12.84 -21.29
CA ALA B 371 -10.23 -11.81 -22.26
C ALA B 371 -9.33 -12.35 -23.36
N TRP B 372 -9.17 -11.53 -24.40
CA TRP B 372 -8.34 -11.87 -25.53
C TRP B 372 -7.10 -12.63 -25.10
N ASN B 373 -6.37 -12.10 -24.11
CA ASN B 373 -5.05 -12.59 -23.77
C ASN B 373 -5.04 -13.41 -22.49
N LEU B 374 -4.60 -14.65 -22.63
CA LEU B 374 -4.38 -15.49 -21.48
C LEU B 374 -3.36 -14.87 -20.53
N SER B 375 -3.50 -15.16 -19.23
CA SER B 375 -2.49 -14.77 -18.24
C SER B 375 -1.17 -15.44 -18.57
N PRO B 376 -0.07 -14.91 -17.99
CA PRO B 376 1.22 -15.61 -18.15
C PRO B 376 1.15 -17.08 -17.71
N GLU B 377 0.37 -17.39 -16.68
CA GLU B 377 0.24 -18.77 -16.20
C GLU B 377 -0.31 -19.73 -17.24
N ARG B 378 -1.14 -19.21 -18.14
CA ARG B 378 -1.73 -20.03 -19.21
C ARG B 378 -1.09 -19.73 -20.54
N GLY B 379 0.02 -19.01 -20.51
CA GLY B 379 0.88 -18.86 -21.67
C GLY B 379 0.63 -17.65 -22.55
N GLY B 380 -0.13 -16.66 -22.08
CA GLY B 380 -0.25 -15.38 -22.80
C GLY B 380 0.47 -14.26 -22.06
N ASP B 381 0.25 -13.02 -22.46
CA ASP B 381 0.80 -11.88 -21.74
C ASP B 381 -0.33 -10.98 -21.22
N GLY B 382 -1.53 -11.53 -21.10
CA GLY B 382 -2.69 -10.78 -20.60
C GLY B 382 -2.55 -10.42 -19.12
N GLY B 383 -2.70 -9.14 -18.81
CA GLY B 383 -2.66 -8.69 -17.43
C GLY B 383 -4.01 -8.68 -16.74
N ASN B 384 -5.09 -8.85 -17.50
CA ASN B 384 -6.43 -8.76 -16.93
C ASN B 384 -7.01 -10.09 -16.56
N TRP B 385 -6.72 -11.09 -17.39
CA TRP B 385 -7.11 -12.45 -17.09
C TRP B 385 -6.94 -12.71 -15.59
N ASN B 386 -8.03 -13.06 -14.90
CA ASN B 386 -8.02 -13.19 -13.44
C ASN B 386 -8.65 -14.49 -12.96
N GLU B 387 -7.90 -15.25 -12.16
CA GLU B 387 -8.42 -16.47 -11.54
C GLU B 387 -8.17 -16.44 -10.05
N ARG B 388 -8.11 -15.25 -9.49
CA ARG B 388 -7.95 -15.08 -8.05
C ARG B 388 -9.23 -15.39 -7.28
N ASN B 389 -10.34 -15.38 -8.00
CA ASN B 389 -11.65 -15.45 -7.44
C ASN B 389 -12.65 -15.62 -8.59
N THR B 390 -13.88 -15.95 -8.23
CA THR B 390 -14.99 -16.06 -9.15
C THR B 390 -15.98 -14.90 -8.85
N LYS B 391 -17.25 -15.06 -9.19
CA LYS B 391 -18.27 -14.08 -8.84
C LYS B 391 -19.48 -14.84 -8.29
N PRO B 392 -20.48 -14.11 -7.77
CA PRO B 392 -21.57 -14.82 -7.07
C PRO B 392 -22.44 -15.71 -7.96
N SER B 393 -23.20 -16.56 -7.28
CA SER B 393 -23.98 -17.59 -7.96
C SER B 393 -25.30 -17.10 -8.50
N LEU B 394 -25.25 -16.50 -9.69
CA LEU B 394 -26.45 -16.13 -10.46
C LEU B 394 -26.47 -16.86 -11.78
N ALA B 395 -25.68 -17.91 -11.93
CA ALA B 395 -25.52 -18.58 -13.21
C ALA B 395 -26.76 -19.36 -13.62
N ALA B 396 -27.35 -20.09 -12.70
CA ALA B 396 -28.52 -20.88 -13.04
C ALA B 396 -29.74 -20.02 -13.35
N TRP B 397 -29.94 -18.99 -12.56
CA TRP B 397 -30.94 -17.94 -12.82
C TRP B 397 -30.91 -17.46 -14.26
N SER B 398 -29.72 -17.14 -14.74
CA SER B 398 -29.50 -16.64 -16.10
C SER B 398 -29.77 -17.68 -17.15
N VAL B 399 -29.20 -18.86 -16.94
CA VAL B 399 -29.37 -20.00 -17.85
C VAL B 399 -30.84 -20.39 -17.97
N MET B 400 -31.57 -20.34 -16.84
CA MET B 400 -33.00 -20.60 -16.83
C MET B 400 -33.79 -19.56 -17.59
N GLU B 401 -33.39 -18.29 -17.50
CA GLU B 401 -34.14 -17.23 -18.14
C GLU B 401 -34.05 -17.40 -19.64
N VAL B 402 -32.87 -17.78 -20.12
CA VAL B 402 -32.70 -18.16 -21.50
C VAL B 402 -33.61 -19.33 -21.87
N TYR B 403 -33.66 -20.38 -21.05
CA TYR B 403 -34.59 -21.50 -21.29
C TYR B 403 -36.07 -21.06 -21.28
N ASN B 404 -36.45 -20.21 -20.33
CA ASN B 404 -37.82 -19.68 -20.31
C ASN B 404 -38.18 -19.05 -21.66
N VAL B 405 -37.21 -18.35 -22.27
CA VAL B 405 -37.45 -17.72 -23.56
C VAL B 405 -37.41 -18.70 -24.74
N THR B 406 -36.41 -19.57 -24.79
CA THR B 406 -36.26 -20.47 -25.95
C THR B 406 -36.96 -21.82 -25.82
N GLN B 407 -37.26 -22.25 -24.59
CA GLN B 407 -37.81 -23.56 -24.35
C GLN B 407 -36.93 -24.68 -24.93
N ASP B 408 -35.63 -24.45 -25.01
CA ASP B 408 -34.70 -25.40 -25.58
C ASP B 408 -34.10 -26.30 -24.50
N LYS B 409 -34.58 -27.54 -24.41
CA LYS B 409 -34.10 -28.48 -23.39
C LYS B 409 -32.63 -28.87 -23.50
N THR B 410 -32.11 -28.93 -24.71
CA THR B 410 -30.71 -29.27 -24.95
C THR B 410 -29.79 -28.16 -24.45
N TRP B 411 -30.30 -26.94 -24.39
CA TRP B 411 -29.57 -25.81 -23.76
C TRP B 411 -29.40 -26.06 -22.27
N VAL B 412 -30.49 -26.41 -21.62
CA VAL B 412 -30.45 -26.79 -20.23
C VAL B 412 -29.55 -28.01 -20.01
N ALA B 413 -29.62 -29.01 -20.90
CA ALA B 413 -28.75 -30.20 -20.80
C ALA B 413 -27.30 -29.83 -20.92
N GLU B 414 -26.98 -28.93 -21.83
CA GLU B 414 -25.61 -28.48 -22.00
C GLU B 414 -25.11 -27.79 -20.72
N MET B 415 -25.92 -26.91 -20.15
CA MET B 415 -25.47 -26.02 -19.09
C MET B 415 -25.50 -26.65 -17.71
N TYR B 416 -26.40 -27.59 -17.49
CA TYR B 416 -26.63 -28.18 -16.19
C TYR B 416 -25.37 -28.74 -15.49
N PRO B 417 -24.58 -29.60 -16.17
CA PRO B 417 -23.37 -30.11 -15.49
C PRO B 417 -22.36 -29.02 -15.11
N LYS B 418 -22.31 -27.97 -15.92
CA LYS B 418 -21.41 -26.84 -15.68
C LYS B 418 -21.85 -26.07 -14.44
N LEU B 419 -23.15 -25.81 -14.36
CA LEU B 419 -23.76 -25.14 -13.23
C LEU B 419 -23.59 -25.94 -11.93
N VAL B 420 -23.77 -27.26 -12.04
CA VAL B 420 -23.57 -28.17 -10.90
C VAL B 420 -22.11 -28.20 -10.46
N ALA B 421 -21.20 -28.25 -11.43
CA ALA B 421 -19.76 -28.23 -11.15
C ALA B 421 -19.35 -26.97 -10.39
N TYR B 422 -20.05 -25.88 -10.68
CA TYR B 422 -19.73 -24.56 -10.14
C TYR B 422 -20.24 -24.50 -8.72
N HIS B 423 -21.47 -24.94 -8.55
CA HIS B 423 -22.08 -25.10 -7.24
C HIS B 423 -21.18 -25.97 -6.32
N ASP B 424 -20.70 -27.12 -6.82
CA ASP B 424 -19.82 -28.02 -6.07
C ASP B 424 -18.49 -27.37 -5.71
N TRP B 425 -17.98 -26.56 -6.62
CA TRP B 425 -16.77 -25.83 -6.33
C TRP B 425 -17.04 -24.94 -5.11
N TRP B 426 -18.16 -24.24 -5.09
CA TRP B 426 -18.47 -23.38 -3.95
C TRP B 426 -18.44 -24.16 -2.63
N LEU B 427 -19.08 -25.32 -2.61
CA LEU B 427 -19.16 -26.11 -1.39
C LEU B 427 -17.84 -26.81 -1.01
N ARG B 428 -17.00 -27.08 -1.99
N ARG B 428 -17.00 -27.08 -2.00
CA ARG B 428 -15.71 -27.73 -1.72
CA ARG B 428 -15.70 -27.72 -1.76
C ARG B 428 -14.61 -26.72 -1.34
C ARG B 428 -14.63 -26.72 -1.34
N ASN B 429 -14.56 -25.60 -2.05
CA ASN B 429 -13.48 -24.66 -1.91
C ASN B 429 -13.86 -23.37 -1.18
N ARG B 430 -15.12 -23.21 -0.78
CA ARG B 430 -15.58 -21.97 -0.12
C ARG B 430 -16.54 -22.29 0.99
N ASP B 431 -16.27 -23.35 1.72
CA ASP B 431 -17.05 -23.63 2.90
C ASP B 431 -16.17 -24.24 3.96
N HIS B 432 -15.39 -23.40 4.61
CA HIS B 432 -14.33 -23.87 5.50
C HIS B 432 -14.80 -24.77 6.62
N ASN B 433 -15.94 -24.41 7.21
CA ASN B 433 -16.49 -25.09 8.41
C ASN B 433 -17.51 -26.14 8.06
N GLY B 434 -17.73 -26.35 6.77
CA GLY B 434 -18.49 -27.50 6.30
C GLY B 434 -19.96 -27.48 6.60
N ASN B 435 -20.55 -26.29 6.78
CA ASN B 435 -21.96 -26.18 7.14
C ASN B 435 -22.88 -25.97 5.93
N GLY B 436 -22.30 -25.96 4.73
CA GLY B 436 -23.06 -25.79 3.51
C GLY B 436 -23.33 -24.34 3.16
N VAL B 437 -22.95 -23.41 4.04
CA VAL B 437 -23.16 -22.00 3.82
C VAL B 437 -21.83 -21.46 3.35
N PRO B 438 -21.81 -20.84 2.16
CA PRO B 438 -20.49 -20.54 1.60
C PRO B 438 -19.89 -19.28 2.16
N GLU B 439 -18.57 -19.19 2.01
CA GLU B 439 -17.85 -17.98 2.26
C GLU B 439 -17.29 -17.50 0.92
N TYR B 440 -17.26 -16.18 0.74
CA TYR B 440 -16.37 -15.58 -0.23
C TYR B 440 -14.95 -15.80 0.24
N GLY B 441 -14.03 -15.78 -0.70
CA GLY B 441 -12.68 -16.19 -0.40
C GLY B 441 -11.78 -15.92 -1.57
N ALA B 442 -10.76 -16.77 -1.71
CA ALA B 442 -9.68 -16.48 -2.64
C ALA B 442 -9.00 -17.77 -2.99
N THR B 443 -8.65 -17.92 -4.27
CA THR B 443 -8.00 -19.15 -4.74
C THR B 443 -6.53 -19.16 -4.34
N ARG B 444 -5.90 -20.34 -4.46
N ARG B 444 -5.90 -20.34 -4.45
CA ARG B 444 -4.45 -20.45 -4.37
CA ARG B 444 -4.46 -20.39 -4.39
C ARG B 444 -3.93 -19.74 -5.64
C ARG B 444 -3.96 -19.70 -5.63
N ASP B 445 -3.09 -18.72 -5.44
CA ASP B 445 -2.66 -17.85 -6.49
C ASP B 445 -1.39 -17.15 -6.03
N LYS B 446 -0.57 -16.74 -6.99
CA LYS B 446 0.68 -16.04 -6.71
C LYS B 446 0.44 -14.76 -5.92
N ALA B 447 -0.70 -14.10 -6.15
CA ALA B 447 -1.05 -12.89 -5.41
C ALA B 447 -1.48 -13.19 -3.97
N HIS B 448 -1.82 -14.43 -3.65
CA HIS B 448 -2.41 -14.70 -2.35
C HIS B 448 -1.47 -15.35 -1.36
N ASN B 449 -0.46 -16.03 -1.85
CA ASN B 449 0.33 -16.89 -1.01
C ASN B 449 1.67 -17.14 -1.61
N THR B 450 2.61 -17.55 -0.77
CA THR B 450 3.95 -17.92 -1.23
C THR B 450 3.90 -19.20 -2.04
N GLU B 451 5.04 -19.54 -2.64
CA GLU B 451 5.20 -20.78 -3.41
C GLU B 451 4.88 -22.00 -2.54
N SER B 452 5.16 -21.91 -1.26
CA SER B 452 4.90 -23.01 -0.35
C SER B 452 3.54 -22.89 0.35
N GLY B 453 2.67 -22.02 -0.16
CA GLY B 453 1.30 -21.94 0.33
C GLY B 453 1.10 -21.13 1.58
N GLU B 454 1.97 -20.17 1.84
CA GLU B 454 1.83 -19.34 3.03
C GLU B 454 1.04 -18.11 2.65
N MET B 455 -0.02 -17.81 3.38
CA MET B 455 -0.88 -16.68 3.00
C MET B 455 -0.13 -15.36 3.14
N LEU B 456 -0.23 -14.53 2.11
CA LEU B 456 0.41 -13.23 2.16
C LEU B 456 -0.49 -12.24 2.87
N PHE B 457 0.12 -11.42 3.70
CA PHE B 457 -0.51 -10.27 4.30
C PHE B 457 0.51 -9.25 4.65
N THR B 458 0.07 -8.01 4.74
CA THR B 458 0.95 -6.90 5.05
C THR B 458 0.43 -6.22 6.28
N VAL B 459 1.28 -6.03 7.28
CA VAL B 459 0.88 -5.41 8.54
C VAL B 459 1.38 -3.97 8.61
N LYS B 460 0.48 -3.05 8.95
CA LYS B 460 0.91 -1.71 9.29
C LYS B 460 0.61 -1.44 10.77
N LYS B 461 1.64 -1.03 11.49
CA LYS B 461 1.50 -0.60 12.89
C LYS B 461 2.16 0.76 13.04
N GLY B 462 1.37 1.77 13.36
CA GLY B 462 1.87 3.13 13.32
C GLY B 462 2.51 3.32 11.96
N ASP B 463 3.80 3.66 11.94
CA ASP B 463 4.50 3.91 10.68
C ASP B 463 5.30 2.69 10.23
N LYS B 464 5.22 1.60 11.01
CA LYS B 464 5.80 0.31 10.65
C LYS B 464 4.98 -0.39 9.58
N GLU B 465 5.64 -0.83 8.51
CA GLU B 465 4.98 -1.57 7.43
C GLU B 465 5.81 -2.81 7.11
N GLU B 466 5.16 -3.97 7.10
CA GLU B 466 5.87 -5.24 6.94
C GLU B 466 4.97 -6.30 6.30
N THR B 467 5.42 -6.87 5.19
CA THR B 467 4.73 -8.00 4.58
C THR B 467 5.26 -9.28 5.22
N GLN B 468 4.35 -10.15 5.59
CA GLN B 468 4.66 -11.42 6.24
C GLN B 468 3.90 -12.48 5.48
N SER B 469 4.05 -13.72 5.90
CA SER B 469 3.22 -14.76 5.34
C SER B 469 2.87 -15.73 6.42
N GLY B 470 1.88 -16.57 6.14
CA GLY B 470 1.51 -17.66 7.02
C GLY B 470 0.24 -17.34 7.75
N LEU B 471 -0.68 -18.29 7.74
CA LEU B 471 -1.98 -18.09 8.32
C LEU B 471 -1.91 -18.00 9.84
N ASN B 472 -1.22 -18.94 10.49
CA ASN B 472 -1.07 -18.85 11.93
C ASN B 472 -0.43 -17.53 12.39
N ASN B 473 0.54 -17.03 11.63
CA ASN B 473 1.12 -15.72 11.91
C ASN B 473 0.05 -14.63 11.88
N TYR B 474 -0.71 -14.60 10.78
CA TYR B 474 -1.84 -13.68 10.65
C TYR B 474 -2.81 -13.80 11.84
N ALA B 475 -3.16 -15.03 12.20
CA ALA B 475 -4.07 -15.27 13.33
C ALA B 475 -3.53 -14.68 14.61
N ARG B 476 -2.27 -14.97 14.91
CA ARG B 476 -1.63 -14.39 16.08
C ARG B 476 -1.68 -12.85 16.07
N VAL B 477 -1.32 -12.27 14.92
CA VAL B 477 -1.31 -10.81 14.76
C VAL B 477 -2.68 -10.19 15.07
N VAL B 478 -3.74 -10.84 14.59
CA VAL B 478 -5.09 -10.39 14.83
C VAL B 478 -5.50 -10.61 16.29
N GLU B 479 -5.25 -11.82 16.81
CA GLU B 479 -5.54 -12.14 18.21
C GLU B 479 -4.89 -11.17 19.19
N LYS B 480 -3.62 -10.84 18.98
CA LYS B 480 -2.89 -9.94 19.90
C LYS B 480 -3.08 -8.45 19.58
N GLY B 481 -3.78 -8.14 18.51
CA GLY B 481 -4.05 -6.75 18.15
C GLY B 481 -2.84 -6.02 17.59
N GLN B 482 -1.86 -6.76 17.09
CA GLN B 482 -0.57 -6.19 16.66
C GLN B 482 -0.57 -5.64 15.22
N TYR B 483 -1.36 -4.60 15.04
CA TYR B 483 -1.55 -3.92 13.76
C TYR B 483 -2.42 -2.70 14.05
N ASP B 484 -2.37 -1.73 13.16
CA ASP B 484 -3.39 -0.68 13.08
C ASP B 484 -4.25 -0.92 11.87
N SER B 485 -3.60 -1.35 10.79
CA SER B 485 -4.27 -1.73 9.55
C SER B 485 -3.58 -2.95 8.96
N LEU B 486 -4.33 -3.69 8.14
CA LEU B 486 -3.83 -4.90 7.48
C LEU B 486 -4.26 -4.90 6.02
N GLU B 487 -3.34 -5.25 5.12
CA GLU B 487 -3.64 -5.45 3.70
C GLU B 487 -3.43 -6.92 3.41
N ILE B 488 -4.49 -7.59 3.02
CA ILE B 488 -4.41 -9.01 2.72
C ILE B 488 -4.99 -9.20 1.32
N PRO B 489 -4.15 -9.60 0.35
CA PRO B 489 -4.62 -9.86 -1.01
C PRO B 489 -5.83 -10.81 -1.09
N ALA B 490 -5.86 -11.85 -0.24
CA ALA B 490 -7.03 -12.74 -0.18
C ALA B 490 -8.29 -11.98 0.20
N GLN B 491 -8.17 -10.99 1.07
CA GLN B 491 -9.33 -10.18 1.45
C GLN B 491 -9.85 -9.35 0.28
N VAL B 492 -8.95 -8.74 -0.50
CA VAL B 492 -9.34 -8.00 -1.69
C VAL B 492 -10.10 -8.94 -2.64
N ALA B 493 -9.54 -10.14 -2.83
CA ALA B 493 -10.07 -11.12 -3.76
C ALA B 493 -11.45 -11.62 -3.34
N ALA B 494 -11.63 -11.77 -2.03
CA ALA B 494 -12.92 -12.17 -1.51
C ALA B 494 -13.95 -11.09 -1.79
N SER B 495 -13.63 -9.81 -1.60
CA SER B 495 -14.61 -8.75 -1.92
C SER B 495 -14.91 -8.71 -3.42
N TRP B 496 -13.87 -8.93 -4.23
CA TRP B 496 -14.03 -9.10 -5.66
C TRP B 496 -14.94 -10.27 -5.96
N GLU B 497 -14.84 -11.32 -5.17
CA GLU B 497 -15.62 -12.50 -5.44
C GLU B 497 -17.08 -12.22 -5.16
N SER B 498 -17.38 -11.34 -4.21
CA SER B 498 -18.75 -10.86 -4.03
C SER B 498 -19.20 -9.93 -5.14
N GLY B 499 -18.25 -9.43 -5.92
CA GLY B 499 -18.52 -8.47 -6.95
C GLY B 499 -18.52 -7.06 -6.39
N ARG B 500 -18.49 -6.93 -5.07
CA ARG B 500 -18.61 -5.61 -4.45
C ARG B 500 -17.27 -5.21 -3.85
N ASP B 501 -16.36 -4.85 -4.74
CA ASP B 501 -14.98 -4.54 -4.41
C ASP B 501 -14.97 -3.58 -3.21
N ASP B 502 -14.15 -3.90 -2.21
CA ASP B 502 -13.93 -3.00 -1.07
C ASP B 502 -15.22 -2.64 -0.33
N ALA B 503 -16.18 -3.57 -0.27
CA ALA B 503 -17.41 -3.29 0.46
C ALA B 503 -17.21 -3.33 1.97
N ALA B 504 -17.99 -2.52 2.68
CA ALA B 504 -17.84 -2.34 4.11
C ALA B 504 -17.87 -3.67 4.82
N VAL B 505 -18.85 -4.51 4.48
CA VAL B 505 -18.99 -5.79 5.14
C VAL B 505 -17.76 -6.69 5.04
N PHE B 506 -16.88 -6.44 4.06
CA PHE B 506 -15.63 -7.19 3.94
C PHE B 506 -14.48 -6.53 4.70
N GLY B 507 -14.82 -5.59 5.55
CA GLY B 507 -13.84 -4.96 6.42
C GLY B 507 -13.03 -3.93 5.69
N PHE B 508 -13.64 -3.31 4.69
CA PHE B 508 -13.02 -2.20 4.01
C PHE B 508 -13.67 -0.93 4.48
N ILE B 509 -12.84 -0.02 4.97
CA ILE B 509 -13.30 1.24 5.49
C ILE B 509 -12.08 2.11 5.46
N ASP B 510 -12.24 3.38 5.09
CA ASP B 510 -11.08 4.28 4.98
C ASP B 510 -10.57 4.56 6.38
N LYS B 511 -9.27 4.79 6.51
CA LYS B 511 -8.69 5.14 7.81
C LYS B 511 -9.51 6.20 8.56
N GLU B 512 -9.84 7.30 7.86
CA GLU B 512 -10.62 8.42 8.44
C GLU B 512 -11.97 7.95 8.95
N GLN B 513 -12.65 7.14 8.15
CA GLN B 513 -13.92 6.58 8.54
C GLN B 513 -13.79 5.61 9.73
N LEU B 514 -12.72 4.81 9.74
CA LEU B 514 -12.48 3.85 10.82
C LEU B 514 -12.17 4.57 12.13
N ASP B 515 -11.28 5.55 12.05
CA ASP B 515 -11.00 6.44 13.18
C ASP B 515 -12.28 7.00 13.82
N LYS B 516 -13.18 7.55 12.98
CA LYS B 516 -14.50 8.03 13.45
C LYS B 516 -15.32 6.96 14.17
N TYR B 517 -15.31 5.76 13.61
CA TYR B 517 -16.05 4.66 14.16
C TYR B 517 -15.56 4.32 15.57
N VAL B 518 -14.25 4.20 15.72
CA VAL B 518 -13.66 3.92 17.04
C VAL B 518 -13.92 5.08 18.01
N ALA B 519 -13.85 6.31 17.52
CA ALA B 519 -13.97 7.49 18.38
C ALA B 519 -15.33 7.62 19.06
N ASN B 520 -16.41 7.25 18.39
CA ASN B 520 -17.72 7.33 19.03
C ASN B 520 -18.33 5.96 19.40
N GLY B 521 -17.47 5.06 19.87
CA GLY B 521 -17.92 3.82 20.52
C GLY B 521 -17.28 2.52 20.06
N GLY B 522 -16.85 2.45 18.81
CA GLY B 522 -16.48 1.17 18.20
C GLY B 522 -15.09 0.64 18.50
N LYS B 523 -14.94 -0.68 18.40
CA LYS B 523 -13.63 -1.31 18.39
C LYS B 523 -13.03 -1.38 16.98
N ARG B 524 -11.78 -0.95 16.85
CA ARG B 524 -11.06 -1.06 15.59
C ARG B 524 -11.08 -2.51 15.03
N SER B 525 -10.99 -3.50 15.91
CA SER B 525 -10.93 -4.89 15.51
C SER B 525 -12.24 -5.45 14.91
N ASP B 526 -13.34 -4.68 15.00
CA ASP B 526 -14.60 -5.01 14.32
C ASP B 526 -14.52 -5.04 12.80
N TRP B 527 -13.52 -4.39 12.23
CA TRP B 527 -13.33 -4.32 10.80
C TRP B 527 -12.20 -5.23 10.31
N THR B 528 -11.70 -6.08 11.19
CA THR B 528 -10.60 -6.98 10.86
C THR B 528 -11.21 -8.30 10.54
N VAL B 529 -10.71 -8.92 9.48
CA VAL B 529 -11.31 -10.14 8.97
C VAL B 529 -10.37 -11.29 9.31
N LYS B 530 -10.94 -12.43 9.63
CA LYS B 530 -10.15 -13.62 9.87
C LYS B 530 -10.28 -14.51 8.66
N PHE B 531 -9.23 -15.29 8.40
CA PHE B 531 -9.15 -16.18 7.26
C PHE B 531 -8.94 -17.60 7.71
N ALA B 532 -9.27 -18.52 6.81
CA ALA B 532 -9.01 -19.92 6.99
C ALA B 532 -8.50 -20.46 5.65
N GLU B 533 -7.76 -21.55 5.71
CA GLU B 533 -7.38 -22.27 4.50
C GLU B 533 -8.26 -23.49 4.32
N ASN B 534 -8.57 -23.78 3.07
CA ASN B 534 -9.52 -24.80 2.74
C ASN B 534 -8.84 -25.98 2.15
N ARG B 535 -9.16 -27.16 2.66
CA ARG B 535 -8.75 -28.41 2.08
C ARG B 535 -9.99 -29.29 1.97
N SER B 536 -9.95 -30.28 1.10
CA SER B 536 -11.07 -31.22 1.01
C SER B 536 -10.58 -32.57 1.51
N GLN B 537 -10.24 -33.45 0.59
CA GLN B 537 -10.01 -34.83 0.93
C GLN B 537 -8.53 -35.13 1.16
N ASP B 538 -7.65 -34.25 0.74
CA ASP B 538 -6.24 -34.44 0.99
C ASP B 538 -5.64 -33.16 1.59
N GLY B 539 -4.36 -32.93 1.39
CA GLY B 539 -3.70 -31.79 1.99
C GLY B 539 -3.50 -30.65 1.03
N THR B 540 -3.93 -30.81 -0.22
CA THR B 540 -3.81 -29.76 -1.22
C THR B 540 -4.55 -28.51 -0.77
N LEU B 541 -3.85 -27.38 -0.73
CA LEU B 541 -4.44 -26.08 -0.47
C LEU B 541 -5.40 -25.72 -1.57
N LEU B 542 -6.67 -25.57 -1.23
CA LEU B 542 -7.69 -25.22 -2.22
C LEU B 542 -7.80 -23.72 -2.39
N GLY B 543 -7.40 -22.98 -1.37
CA GLY B 543 -7.58 -21.54 -1.32
C GLY B 543 -7.98 -21.15 0.08
N TYR B 544 -8.61 -19.99 0.18
CA TYR B 544 -8.94 -19.37 1.43
C TYR B 544 -10.40 -18.96 1.47
N SER B 545 -10.98 -19.01 2.66
CA SER B 545 -12.27 -18.44 2.95
C SER B 545 -12.06 -17.30 3.92
N LEU B 546 -12.76 -16.20 3.72
CA LEU B 546 -13.03 -15.29 4.82
C LEU B 546 -13.71 -16.11 5.88
N LEU B 547 -13.37 -15.91 7.14
CA LEU B 547 -14.10 -16.58 8.23
C LEU B 547 -15.35 -15.75 8.44
N GLN B 548 -16.21 -15.79 7.42
CA GLN B 548 -17.35 -14.91 7.35
C GLN B 548 -18.27 -15.43 6.27
N GLU B 549 -19.53 -15.67 6.62
CA GLU B 549 -20.50 -16.18 5.67
C GLU B 549 -21.40 -15.04 5.20
N SER B 550 -21.48 -14.87 3.88
CA SER B 550 -22.09 -13.65 3.35
C SER B 550 -23.52 -13.90 2.95
N VAL B 551 -24.35 -12.94 3.33
CA VAL B 551 -25.77 -13.09 3.22
C VAL B 551 -26.20 -13.07 1.77
N ASP B 552 -25.52 -12.27 0.95
CA ASP B 552 -25.84 -12.25 -0.47
C ASP B 552 -25.58 -13.60 -1.13
N GLN B 553 -24.40 -14.17 -0.94
CA GLN B 553 -24.07 -15.43 -1.61
C GLN B 553 -24.88 -16.60 -1.06
N ALA B 554 -25.16 -16.59 0.25
CA ALA B 554 -26.10 -17.57 0.82
C ALA B 554 -27.43 -17.51 0.07
N SER B 555 -27.94 -16.29 -0.13
CA SER B 555 -29.23 -16.08 -0.76
C SER B 555 -29.14 -16.43 -2.25
N TYR B 556 -28.05 -16.07 -2.91
CA TYR B 556 -27.84 -16.46 -4.28
C TYR B 556 -27.71 -17.97 -4.44
N MET B 557 -27.03 -18.62 -3.50
CA MET B 557 -26.90 -20.07 -3.59
C MET B 557 -28.24 -20.71 -3.35
N TYR B 558 -29.01 -20.10 -2.45
CA TYR B 558 -30.39 -20.50 -2.22
C TYR B 558 -31.18 -20.55 -3.52
N SER B 559 -31.22 -19.42 -4.21
CA SER B 559 -31.98 -19.32 -5.43
C SER B 559 -31.37 -20.17 -6.53
N ASP B 560 -30.04 -20.18 -6.62
CA ASP B 560 -29.34 -21.00 -7.62
C ASP B 560 -29.70 -22.47 -7.43
N ASN B 561 -29.74 -22.91 -6.18
CA ASN B 561 -30.18 -24.26 -5.82
C ASN B 561 -31.60 -24.57 -6.32
N HIS B 562 -32.51 -23.62 -6.16
CA HIS B 562 -33.87 -23.77 -6.70
C HIS B 562 -33.89 -23.87 -8.22
N TYR B 563 -33.07 -23.06 -8.89
CA TYR B 563 -33.00 -23.12 -10.33
C TYR B 563 -32.37 -24.41 -10.78
N LEU B 564 -31.31 -24.85 -10.12
CA LEU B 564 -30.76 -26.19 -10.37
C LEU B 564 -31.86 -27.25 -10.22
N ALA B 565 -32.65 -27.16 -9.15
CA ALA B 565 -33.74 -28.10 -8.97
C ALA B 565 -34.68 -28.03 -10.18
N GLU B 566 -35.04 -26.82 -10.62
CA GLU B 566 -35.94 -26.64 -11.78
C GLU B 566 -35.34 -27.32 -13.02
N MET B 567 -34.06 -27.12 -13.23
CA MET B 567 -33.37 -27.76 -14.35
C MET B 567 -33.29 -29.27 -14.19
N ALA B 568 -33.02 -29.73 -12.97
CA ALA B 568 -32.96 -31.14 -12.69
C ALA B 568 -34.30 -31.76 -13.06
N THR B 569 -35.38 -31.05 -12.77
CA THR B 569 -36.74 -31.56 -13.05
C THR B 569 -36.97 -31.65 -14.55
N ILE B 570 -36.67 -30.56 -15.26
CA ILE B 570 -36.73 -30.50 -16.73
C ILE B 570 -35.95 -31.68 -17.33
N LEU B 571 -34.76 -31.98 -16.79
CA LEU B 571 -33.93 -33.06 -17.32
C LEU B 571 -34.27 -34.43 -16.76
N GLY B 572 -35.38 -34.55 -16.03
CA GLY B 572 -35.74 -35.82 -15.41
C GLY B 572 -34.75 -36.33 -14.36
N LYS B 573 -34.35 -35.44 -13.47
CA LYS B 573 -33.48 -35.80 -12.35
C LYS B 573 -34.17 -35.38 -11.04
N PRO B 574 -35.27 -36.08 -10.70
CA PRO B 574 -36.10 -35.73 -9.56
C PRO B 574 -35.41 -35.79 -8.19
N GLU B 575 -34.42 -36.66 -8.03
CA GLU B 575 -33.71 -36.81 -6.75
C GLU B 575 -32.67 -35.74 -6.57
N GLU B 576 -31.96 -35.40 -7.64
CA GLU B 576 -31.08 -34.25 -7.62
C GLU B 576 -31.92 -33.00 -7.36
N ALA B 577 -33.10 -32.94 -7.97
CA ALA B 577 -34.03 -31.84 -7.69
C ALA B 577 -34.43 -31.75 -6.21
N LYS B 578 -34.83 -32.87 -5.59
CA LYS B 578 -35.18 -32.87 -4.17
C LYS B 578 -34.00 -32.42 -3.31
N ARG B 579 -32.83 -32.95 -3.67
CA ARG B 579 -31.60 -32.64 -2.96
C ARG B 579 -31.32 -31.13 -3.01
N TYR B 580 -31.43 -30.53 -4.19
CA TYR B 580 -31.22 -29.09 -4.30
C TYR B 580 -32.24 -28.26 -3.49
N ARG B 581 -33.50 -28.66 -3.49
CA ARG B 581 -34.51 -27.95 -2.69
C ARG B 581 -34.23 -28.02 -1.20
N GLN B 582 -33.81 -29.20 -0.74
CA GLN B 582 -33.44 -29.45 0.63
C GLN B 582 -32.28 -28.58 1.04
N LEU B 583 -31.27 -28.51 0.19
CA LEU B 583 -30.12 -27.67 0.49
C LEU B 583 -30.58 -26.22 0.53
N ALA B 584 -31.54 -25.86 -0.31
CA ALA B 584 -32.01 -24.49 -0.37
C ALA B 584 -32.77 -24.20 0.89
N GLN B 585 -33.54 -25.15 1.41
CA GLN B 585 -34.28 -24.90 2.64
C GLN B 585 -33.36 -24.71 3.85
N GLN B 586 -32.28 -25.49 3.92
CA GLN B 586 -31.31 -25.33 4.99
C GLN B 586 -30.73 -23.92 4.93
N LEU B 587 -30.41 -23.48 3.71
CA LEU B 587 -29.86 -22.15 3.52
C LEU B 587 -30.83 -21.07 3.97
N ALA B 588 -32.09 -21.17 3.58
CA ALA B 588 -33.12 -20.19 4.01
C ALA B 588 -33.24 -20.11 5.53
N ASP B 589 -33.23 -21.27 6.19
CA ASP B 589 -33.28 -21.29 7.65
C ASP B 589 -32.09 -20.61 8.26
N TYR B 590 -30.91 -20.83 7.66
CA TYR B 590 -29.67 -20.29 8.17
C TYR B 590 -29.64 -18.77 7.94
N ILE B 591 -30.06 -18.38 6.75
CA ILE B 591 -30.19 -16.97 6.43
C ILE B 591 -31.11 -16.26 7.41
N ASN B 592 -32.29 -16.83 7.65
CA ASN B 592 -33.28 -16.17 8.50
C ASN B 592 -32.95 -16.25 9.97
N THR B 593 -32.40 -17.39 10.39
CA THR B 593 -31.99 -17.58 11.79
C THR B 593 -30.71 -16.83 12.14
N CYS B 594 -29.70 -16.95 11.30
CA CYS B 594 -28.36 -16.51 11.66
C CYS B 594 -28.04 -15.09 11.21
N MET B 595 -28.58 -14.69 10.06
CA MET B 595 -28.11 -13.49 9.40
C MET B 595 -29.06 -12.33 9.55
N PHE B 596 -30.30 -12.59 9.95
CA PHE B 596 -31.24 -11.53 10.21
C PHE B 596 -30.99 -10.95 11.60
N ASP B 597 -31.08 -9.63 11.67
CA ASP B 597 -30.88 -8.91 12.92
C ASP B 597 -32.12 -8.08 13.24
N PRO B 598 -32.99 -8.58 14.12
CA PRO B 598 -34.21 -7.89 14.51
C PRO B 598 -33.98 -6.48 15.04
N THR B 599 -32.94 -6.29 15.84
CA THR B 599 -32.67 -4.99 16.43
C THR B 599 -32.68 -3.90 15.35
N THR B 600 -31.97 -4.16 14.25
CA THR B 600 -31.82 -3.17 13.17
C THR B 600 -32.70 -3.44 11.95
N GLN B 601 -33.52 -4.50 12.03
CA GLN B 601 -34.50 -4.84 10.99
C GLN B 601 -33.85 -5.18 9.65
N PHE B 602 -32.75 -5.92 9.66
CA PHE B 602 -31.95 -6.05 8.45
C PHE B 602 -31.13 -7.33 8.50
N TYR B 603 -30.66 -7.77 7.34
CA TYR B 603 -29.75 -8.90 7.26
C TYR B 603 -28.33 -8.43 7.06
N TYR B 604 -27.38 -9.28 7.48
CA TYR B 604 -25.96 -9.01 7.43
C TYR B 604 -25.21 -10.31 7.25
N ASP B 605 -23.93 -10.19 6.88
CA ASP B 605 -23.00 -11.32 6.94
C ASP B 605 -22.84 -11.73 8.41
N VAL B 606 -22.41 -12.95 8.63
CA VAL B 606 -22.04 -13.38 9.98
C VAL B 606 -20.57 -13.73 9.99
N ARG B 607 -19.87 -13.45 11.08
CA ARG B 607 -18.54 -14.00 11.24
C ARG B 607 -18.66 -15.51 11.42
N ILE B 608 -17.63 -16.24 11.04
CA ILE B 608 -17.48 -17.60 11.52
C ILE B 608 -16.61 -17.51 12.75
N GLU B 609 -17.24 -17.52 13.92
CA GLU B 609 -16.53 -17.37 15.19
C GLU B 609 -15.72 -18.65 15.54
N ASP B 610 -14.84 -18.54 16.54
CA ASP B 610 -13.96 -19.66 16.95
C ASP B 610 -14.75 -20.92 17.22
N LYS B 611 -15.94 -20.75 17.77
CA LYS B 611 -16.86 -21.86 17.96
C LYS B 611 -18.27 -21.41 17.54
N PRO B 612 -19.06 -22.32 16.94
CA PRO B 612 -20.41 -21.92 16.57
C PRO B 612 -21.30 -21.57 17.78
N LEU B 613 -22.26 -20.67 17.56
CA LEU B 613 -23.28 -20.35 18.55
C LEU B 613 -24.13 -21.61 18.81
N ALA B 614 -24.83 -21.63 19.94
CA ALA B 614 -25.57 -22.84 20.33
C ALA B 614 -26.65 -23.23 19.32
N ASN B 615 -27.28 -22.24 18.68
CA ASN B 615 -28.27 -22.51 17.63
C ASN B 615 -27.69 -23.00 16.29
N GLY B 616 -26.39 -23.18 16.19
CA GLY B 616 -25.79 -23.71 14.96
C GLY B 616 -25.24 -22.64 14.01
N CYS B 617 -25.63 -21.38 14.20
CA CYS B 617 -25.02 -20.30 13.42
C CYS B 617 -23.55 -20.22 13.71
N ALA B 618 -22.78 -19.99 12.66
CA ALA B 618 -21.33 -19.85 12.76
C ALA B 618 -20.94 -18.66 13.62
N GLY B 619 -21.80 -17.64 13.64
CA GLY B 619 -21.56 -16.46 14.48
C GLY B 619 -22.67 -15.47 14.32
N LYS B 620 -22.46 -14.29 14.88
CA LYS B 620 -23.49 -13.24 14.94
C LYS B 620 -23.43 -12.38 13.70
N PRO B 621 -24.56 -11.79 13.31
CA PRO B 621 -24.58 -10.80 12.25
C PRO B 621 -23.53 -9.74 12.49
N ILE B 622 -22.85 -9.29 11.42
CA ILE B 622 -21.84 -8.25 11.56
C ILE B 622 -22.55 -6.89 11.41
N VAL B 623 -23.40 -6.59 12.39
CA VAL B 623 -24.25 -5.40 12.34
C VAL B 623 -23.42 -4.15 12.40
N GLU B 624 -22.28 -4.23 13.07
CA GLU B 624 -21.45 -3.06 13.29
C GLU B 624 -20.73 -2.56 12.03
N ARG B 625 -20.70 -3.36 10.95
CA ARG B 625 -20.12 -2.90 9.70
C ARG B 625 -21.13 -2.19 8.79
N GLY B 626 -22.37 -2.08 9.26
CA GLY B 626 -23.43 -1.31 8.61
C GLY B 626 -24.27 -2.10 7.62
N LYS B 627 -25.32 -1.44 7.15
CA LYS B 627 -26.25 -2.04 6.19
C LYS B 627 -25.79 -1.87 4.75
N GLY B 628 -26.04 -2.88 3.95
CA GLY B 628 -25.70 -2.84 2.52
C GLY B 628 -26.79 -3.55 1.74
N PRO B 629 -26.64 -3.57 0.42
CA PRO B 629 -27.64 -4.16 -0.46
C PRO B 629 -27.71 -5.67 -0.34
N GLU B 630 -26.68 -6.28 0.26
CA GLU B 630 -26.72 -7.71 0.56
C GLU B 630 -27.86 -7.99 1.54
N GLY B 631 -28.26 -6.96 2.29
CA GLY B 631 -29.34 -7.05 3.25
C GLY B 631 -30.71 -7.30 2.67
N TRP B 632 -30.90 -7.02 1.37
CA TRP B 632 -32.14 -7.44 0.70
C TRP B 632 -31.96 -8.59 -0.27
N SER B 633 -30.76 -9.12 -0.38
CA SER B 633 -30.55 -10.28 -1.21
C SER B 633 -31.44 -11.47 -0.82
N PRO B 634 -31.71 -11.66 0.49
CA PRO B 634 -32.62 -12.73 0.85
C PRO B 634 -34.03 -12.57 0.31
N LEU B 635 -34.48 -11.33 0.14
CA LEU B 635 -35.79 -11.03 -0.44
C LEU B 635 -35.81 -11.24 -1.95
N PHE B 636 -34.84 -10.65 -2.65
CA PHE B 636 -34.73 -10.86 -4.07
C PHE B 636 -34.72 -12.33 -4.40
N ASN B 637 -33.98 -13.09 -3.60
CA ASN B 637 -33.74 -14.51 -3.88
C ASN B 637 -34.82 -15.40 -3.35
N GLY B 638 -35.71 -14.82 -2.54
CA GLY B 638 -36.90 -15.54 -2.03
C GLY B 638 -36.62 -16.36 -0.79
N ALA B 639 -35.54 -16.06 -0.09
CA ALA B 639 -35.14 -16.82 1.08
C ALA B 639 -35.77 -16.28 2.36
N ALA B 640 -36.14 -15.01 2.34
CA ALA B 640 -36.60 -14.30 3.50
C ALA B 640 -37.97 -14.80 3.91
N THR B 641 -38.23 -14.80 5.21
CA THR B 641 -39.58 -14.98 5.73
C THR B 641 -40.29 -13.68 5.46
N GLN B 642 -41.62 -13.73 5.42
CA GLN B 642 -42.43 -12.54 5.21
C GLN B 642 -42.16 -11.52 6.31
N ALA B 643 -42.07 -12.00 7.55
CA ALA B 643 -41.86 -11.13 8.67
C ALA B 643 -40.54 -10.41 8.51
N ASN B 644 -39.47 -11.16 8.22
CA ASN B 644 -38.13 -10.55 8.05
C ASN B 644 -38.05 -9.62 6.84
N ALA B 645 -38.72 -10.03 5.78
CA ALA B 645 -38.84 -9.24 4.59
C ALA B 645 -39.56 -7.91 4.88
N ASP B 646 -40.62 -7.94 5.69
CA ASP B 646 -41.34 -6.72 6.07
C ASP B 646 -40.43 -5.75 6.80
N ALA B 647 -39.62 -6.30 7.68
CA ALA B 647 -38.68 -5.51 8.43
C ALA B 647 -37.72 -4.86 7.44
N VAL B 648 -37.24 -5.66 6.50
CA VAL B 648 -36.22 -5.17 5.58
C VAL B 648 -36.75 -4.03 4.71
N VAL B 649 -37.93 -4.24 4.16
CA VAL B 649 -38.57 -3.27 3.31
C VAL B 649 -38.78 -1.89 3.99
N LYS B 650 -39.03 -1.91 5.30
CA LYS B 650 -39.18 -0.67 6.06
C LYS B 650 -37.87 0.06 6.09
N VAL B 651 -36.78 -0.68 6.24
CA VAL B 651 -35.45 -0.09 6.15
C VAL B 651 -35.12 0.46 4.75
N MET B 652 -35.45 -0.29 3.71
CA MET B 652 -35.19 0.12 2.34
C MET B 652 -35.98 1.38 1.97
N LEU B 653 -37.20 1.49 2.51
CA LEU B 653 -38.05 2.65 2.24
C LEU B 653 -37.79 3.78 3.23
N ASP B 654 -36.85 3.59 4.15
CA ASP B 654 -36.50 4.62 5.08
C ASP B 654 -35.56 5.59 4.37
N PRO B 655 -35.96 6.87 4.26
CA PRO B 655 -35.17 7.87 3.53
C PRO B 655 -33.80 8.12 4.12
N LYS B 656 -33.62 7.79 5.40
CA LYS B 656 -32.33 7.96 6.06
C LYS B 656 -31.47 6.67 6.08
N GLU B 657 -31.92 5.63 5.36
CA GLU B 657 -31.14 4.41 5.17
C GLU B 657 -30.85 4.22 3.67
N PHE B 658 -31.83 3.74 2.90
CA PHE B 658 -31.66 3.49 1.45
C PHE B 658 -32.64 4.26 0.56
N ASN B 659 -33.67 4.86 1.13
CA ASN B 659 -34.67 5.44 0.27
C ASN B 659 -34.33 6.87 -0.14
N THR B 660 -33.19 6.97 -0.83
CA THR B 660 -32.53 8.21 -1.15
C THR B 660 -33.03 8.75 -2.51
N PHE B 661 -32.47 9.89 -2.93
CA PHE B 661 -32.90 10.57 -4.14
C PHE B 661 -32.88 9.61 -5.34
N VAL B 662 -31.79 8.88 -5.49
CA VAL B 662 -31.78 7.63 -6.25
C VAL B 662 -31.71 6.60 -5.16
N PRO B 663 -32.73 5.74 -5.03
CA PRO B 663 -32.77 4.86 -3.88
C PRO B 663 -32.03 3.54 -4.08
N LEU B 664 -31.79 2.86 -2.96
CA LEU B 664 -31.24 1.49 -2.90
C LEU B 664 -29.78 1.40 -3.31
N GLY B 665 -28.97 2.25 -2.68
CA GLY B 665 -27.52 2.29 -2.94
C GLY B 665 -26.77 1.19 -2.20
N THR B 666 -25.46 1.16 -2.38
CA THR B 666 -24.65 0.00 -2.01
C THR B 666 -24.18 0.04 -0.58
N ALA B 667 -24.60 1.06 0.15
CA ALA B 667 -24.47 1.09 1.61
C ALA B 667 -25.44 2.11 2.11
N ALA B 668 -25.96 1.89 3.31
CA ALA B 668 -26.96 2.78 3.87
C ALA B 668 -26.31 4.12 4.24
N LEU B 669 -27.08 5.20 4.21
CA LEU B 669 -26.52 6.49 4.66
C LEU B 669 -25.91 6.37 6.04
N THR B 670 -26.44 5.46 6.85
CA THR B 670 -25.97 5.24 8.22
C THR B 670 -24.77 4.31 8.34
N ASN B 671 -24.32 3.73 7.23
CA ASN B 671 -23.20 2.80 7.28
C ASN B 671 -21.93 3.57 7.67
N PRO B 672 -21.13 3.01 8.62
CA PRO B 672 -19.87 3.68 9.02
C PRO B 672 -18.90 3.93 7.88
N ALA B 673 -18.97 3.12 6.83
CA ALA B 673 -18.05 3.22 5.70
C ALA B 673 -18.70 3.88 4.49
N PHE B 674 -19.88 4.46 4.69
CA PHE B 674 -20.65 4.99 3.59
C PHE B 674 -19.98 6.19 2.93
N GLY B 675 -20.06 6.26 1.61
CA GLY B 675 -19.72 7.49 0.92
C GLY B 675 -20.51 7.50 -0.36
N ALA B 676 -21.10 8.64 -0.70
CA ALA B 676 -21.97 8.75 -1.84
C ALA B 676 -21.25 8.40 -3.14
N ASP B 677 -19.95 8.69 -3.14
CA ASP B 677 -19.00 8.49 -4.24
C ASP B 677 -18.25 7.13 -4.20
N ILE B 678 -18.43 6.37 -3.13
CA ILE B 678 -17.57 5.22 -2.87
C ILE B 678 -18.09 3.98 -3.58
N TYR B 679 -17.23 3.39 -4.39
CA TYR B 679 -17.59 2.40 -5.43
C TYR B 679 -18.72 1.49 -5.01
N TRP B 680 -18.49 0.75 -3.93
CA TRP B 680 -19.47 -0.20 -3.42
C TRP B 680 -19.79 0.06 -1.93
N ARG B 681 -19.68 1.33 -1.51
CA ARG B 681 -20.20 1.76 -0.22
C ARG B 681 -21.03 3.05 -0.34
N GLY B 682 -21.95 3.07 -1.28
CA GLY B 682 -22.92 4.15 -1.32
C GLY B 682 -23.47 4.47 -2.69
N ARG B 683 -22.61 4.37 -3.71
CA ARG B 683 -23.04 4.48 -5.09
C ARG B 683 -24.25 3.59 -5.38
N VAL B 684 -25.17 4.10 -6.19
CA VAL B 684 -26.31 3.33 -6.56
C VAL B 684 -26.01 2.56 -7.84
N TRP B 685 -25.91 1.26 -7.68
CA TRP B 685 -25.81 0.39 -8.81
C TRP B 685 -27.18 -0.11 -9.20
N VAL B 686 -27.42 -0.22 -10.49
CA VAL B 686 -28.73 -0.54 -10.99
C VAL B 686 -29.11 -1.97 -10.65
N ASP B 687 -28.13 -2.89 -10.62
CA ASP B 687 -28.41 -4.28 -10.30
C ASP B 687 -28.92 -4.40 -8.87
N GLN B 688 -28.19 -3.81 -7.93
CA GLN B 688 -28.59 -3.91 -6.51
C GLN B 688 -29.96 -3.27 -6.30
N PHE B 689 -30.20 -2.20 -7.06
CA PHE B 689 -31.49 -1.52 -7.05
C PHE B 689 -32.60 -2.43 -7.56
N TRP B 690 -32.34 -3.12 -8.67
CA TRP B 690 -33.33 -4.03 -9.23
C TRP B 690 -33.56 -5.23 -8.31
N PHE B 691 -32.49 -5.82 -7.77
CA PHE B 691 -32.62 -6.89 -6.79
C PHE B 691 -33.54 -6.43 -5.65
N GLY B 692 -33.33 -5.18 -5.23
CA GLY B 692 -34.17 -4.54 -4.24
C GLY B 692 -35.63 -4.50 -4.64
N LEU B 693 -35.92 -4.00 -5.83
CA LEU B 693 -37.28 -3.93 -6.32
C LEU B 693 -37.92 -5.28 -6.50
N LYS B 694 -37.16 -6.26 -7.00
CA LYS B 694 -37.66 -7.61 -7.13
C LYS B 694 -37.95 -8.22 -5.80
N GLY B 695 -37.06 -7.98 -4.86
CA GLY B 695 -37.28 -8.36 -3.46
C GLY B 695 -38.56 -7.79 -2.88
N MET B 696 -38.74 -6.49 -2.99
CA MET B 696 -39.94 -5.85 -2.50
C MET B 696 -41.18 -6.45 -3.16
N GLU B 697 -41.12 -6.55 -4.49
CA GLU B 697 -42.18 -7.14 -5.27
C GLU B 697 -42.50 -8.57 -4.80
N ARG B 698 -41.50 -9.41 -4.60
CA ARG B 698 -41.75 -10.80 -4.23
C ARG B 698 -42.46 -10.92 -2.88
N TYR B 699 -42.25 -9.95 -2.01
CA TYR B 699 -42.81 -9.98 -0.67
C TYR B 699 -43.99 -9.02 -0.48
N GLY B 700 -44.60 -8.62 -1.58
CA GLY B 700 -45.87 -7.93 -1.55
C GLY B 700 -45.80 -6.43 -1.58
N TYR B 701 -44.64 -5.88 -1.98
CA TYR B 701 -44.47 -4.42 -1.99
C TYR B 701 -44.25 -3.87 -3.39
N ARG B 702 -44.99 -4.40 -4.34
CA ARG B 702 -44.81 -4.02 -5.71
C ARG B 702 -45.18 -2.56 -5.90
N ASP B 703 -46.22 -2.09 -5.21
CA ASP B 703 -46.64 -0.66 -5.28
C ASP B 703 -45.49 0.25 -4.90
N ASP B 704 -44.77 -0.12 -3.86
CA ASP B 704 -43.64 0.68 -3.37
C ASP B 704 -42.47 0.61 -4.33
N ALA B 705 -42.22 -0.58 -4.89
CA ALA B 705 -41.23 -0.76 -5.94
C ALA B 705 -41.53 0.08 -7.20
N LEU B 706 -42.81 0.17 -7.58
CA LEU B 706 -43.22 1.02 -8.70
C LEU B 706 -42.94 2.50 -8.45
N LYS B 707 -43.13 2.95 -7.21
CA LYS B 707 -42.79 4.33 -6.88
C LYS B 707 -41.27 4.54 -6.83
N LEU B 708 -40.51 3.50 -6.50
CA LEU B 708 -39.06 3.61 -6.51
C LEU B 708 -38.52 3.56 -7.94
N ALA B 709 -39.07 2.68 -8.77
CA ALA B 709 -38.61 2.57 -10.15
C ALA B 709 -38.85 3.86 -10.93
N ASP B 710 -40.06 4.39 -10.87
CA ASP B 710 -40.36 5.66 -11.52
C ASP B 710 -39.44 6.76 -10.97
N THR B 711 -39.16 6.70 -9.67
CA THR B 711 -38.26 7.63 -9.04
C THR B 711 -36.84 7.50 -9.61
N PHE B 712 -36.42 6.26 -9.80
CA PHE B 712 -35.11 5.97 -10.34
C PHE B 712 -35.02 6.48 -11.77
N PHE B 713 -35.99 6.11 -12.60
CA PHE B 713 -36.00 6.56 -13.99
C PHE B 713 -35.91 8.06 -14.10
N ARG B 714 -36.60 8.76 -13.21
CA ARG B 714 -36.62 10.21 -13.26
C ARG B 714 -35.29 10.80 -12.80
N HIS B 715 -34.74 10.26 -11.73
CA HIS B 715 -33.64 10.92 -11.03
C HIS B 715 -32.24 10.50 -11.45
N ALA B 716 -32.11 9.36 -12.12
CA ALA B 716 -30.82 8.89 -12.59
C ALA B 716 -30.44 9.69 -13.82
N LYS B 717 -29.49 10.61 -13.64
CA LYS B 717 -29.25 11.64 -14.63
C LYS B 717 -28.89 11.04 -15.98
N GLY B 718 -29.53 11.59 -17.01
CA GLY B 718 -29.23 11.24 -18.38
C GLY B 718 -30.14 10.16 -18.92
N LEU B 719 -30.78 9.40 -18.04
CA LEU B 719 -31.37 8.13 -18.43
C LEU B 719 -32.54 8.31 -19.39
N THR B 720 -33.49 9.18 -19.02
CA THR B 720 -34.58 9.56 -19.93
C THR B 720 -34.18 10.61 -20.97
N ALA B 721 -33.00 11.20 -20.81
CA ALA B 721 -32.44 12.06 -21.85
C ALA B 721 -31.68 11.19 -22.86
N ASP B 722 -30.65 11.76 -23.50
CA ASP B 722 -29.78 11.03 -24.43
C ASP B 722 -28.45 10.62 -23.80
N GLY B 723 -28.40 10.60 -22.47
CA GLY B 723 -27.19 10.22 -21.78
C GLY B 723 -27.00 8.71 -21.88
N PRO B 724 -25.75 8.26 -21.76
CA PRO B 724 -25.52 6.82 -21.67
C PRO B 724 -26.03 6.22 -20.36
N ILE B 725 -26.25 4.91 -20.38
CA ILE B 725 -26.58 4.15 -19.17
C ILE B 725 -25.32 3.93 -18.35
N GLN B 726 -25.35 4.34 -17.09
CA GLN B 726 -24.15 4.29 -16.24
C GLN B 726 -24.17 3.06 -15.36
N ALA B 727 -22.97 2.67 -14.95
CA ALA B 727 -22.76 1.61 -13.96
C ALA B 727 -23.31 1.99 -12.61
N ASN B 728 -23.26 3.28 -12.30
CA ASN B 728 -23.76 3.73 -11.02
C ASN B 728 -24.19 5.18 -11.04
N TYR B 729 -24.97 5.52 -10.01
CA TYR B 729 -25.52 6.86 -9.85
C TYR B 729 -25.41 7.32 -8.39
N ASN B 730 -25.13 8.59 -8.17
CA ASN B 730 -25.06 9.14 -6.82
C ASN B 730 -26.43 9.03 -6.13
N PRO B 731 -26.47 8.46 -4.91
CA PRO B 731 -27.74 8.32 -4.18
C PRO B 731 -28.38 9.67 -3.80
N LEU B 732 -27.58 10.72 -3.62
CA LEU B 732 -28.12 12.00 -3.18
C LEU B 732 -28.49 12.92 -4.32
N THR B 733 -27.75 12.85 -5.42
CA THR B 733 -27.95 13.80 -6.52
C THR B 733 -28.36 13.16 -7.82
N GLY B 734 -28.28 11.83 -7.91
CA GLY B 734 -28.59 11.14 -9.15
C GLY B 734 -27.54 11.27 -10.24
N ALA B 735 -26.47 11.98 -9.92
CA ALA B 735 -25.41 12.25 -10.87
C ALA B 735 -24.76 10.93 -11.34
N GLN B 736 -24.28 10.98 -12.56
CA GLN B 736 -23.71 9.82 -13.22
C GLN B 736 -22.38 9.45 -12.62
N GLN B 737 -22.19 8.15 -12.38
CA GLN B 737 -20.93 7.63 -11.85
C GLN B 737 -20.46 6.44 -12.68
N GLY B 738 -19.16 6.16 -12.59
CA GLY B 738 -18.62 4.92 -13.13
C GLY B 738 -18.80 4.82 -14.63
N ALA B 739 -18.70 3.61 -15.14
CA ALA B 739 -18.60 3.41 -16.58
C ALA B 739 -19.85 3.87 -17.31
N PRO B 740 -19.70 4.62 -18.42
CA PRO B 740 -20.83 4.82 -19.31
C PRO B 740 -21.07 3.57 -20.18
N ASN B 741 -22.29 3.45 -20.70
CA ASN B 741 -22.67 2.30 -21.55
C ASN B 741 -22.46 0.97 -20.82
N PHE B 742 -22.94 0.91 -19.57
CA PHE B 742 -22.68 -0.22 -18.71
C PHE B 742 -23.70 -1.34 -18.89
N SER B 743 -23.20 -2.52 -19.27
CA SER B 743 -24.08 -3.60 -19.69
C SER B 743 -25.10 -4.00 -18.64
N TRP B 744 -24.70 -4.29 -17.39
CA TRP B 744 -25.76 -4.84 -16.50
C TRP B 744 -26.79 -3.80 -16.08
N SER B 745 -26.36 -2.55 -16.04
CA SER B 745 -27.29 -1.44 -15.84
C SER B 745 -28.37 -1.47 -16.90
N ALA B 746 -27.98 -1.60 -18.16
CA ALA B 746 -28.92 -1.68 -19.27
C ALA B 746 -29.79 -2.92 -19.18
N ALA B 747 -29.18 -4.04 -18.77
CA ALA B 747 -29.90 -5.28 -18.59
C ALA B 747 -31.03 -5.10 -17.59
N HIS B 748 -30.70 -4.58 -16.40
CA HIS B 748 -31.71 -4.39 -15.35
C HIS B 748 -32.72 -3.28 -15.67
N LEU B 749 -32.29 -2.23 -16.36
CA LEU B 749 -33.24 -1.21 -16.82
C LEU B 749 -34.19 -1.79 -17.86
N TYR B 750 -33.67 -2.65 -18.75
CA TYR B 750 -34.54 -3.35 -19.66
C TYR B 750 -35.60 -4.16 -18.89
N MET B 751 -35.20 -4.92 -17.88
CA MET B 751 -36.11 -5.74 -17.07
CA MET B 751 -36.15 -5.73 -17.14
C MET B 751 -37.18 -4.87 -16.39
N LEU B 752 -36.78 -3.70 -15.89
CA LEU B 752 -37.72 -2.77 -15.28
C LEU B 752 -38.76 -2.28 -16.29
N TYR B 753 -38.30 -1.92 -17.48
CA TYR B 753 -39.19 -1.56 -18.57
C TYR B 753 -40.20 -2.66 -18.82
N ASN B 754 -39.70 -3.88 -18.91
CA ASN B 754 -40.50 -5.02 -19.28
C ASN B 754 -41.46 -5.49 -18.18
N ASP B 755 -41.22 -5.10 -16.91
CA ASP B 755 -41.97 -5.63 -15.73
C ASP B 755 -42.39 -4.61 -14.67
N PHE B 756 -41.59 -3.58 -14.40
CA PHE B 756 -41.97 -2.59 -13.39
C PHE B 756 -42.46 -1.27 -13.99
N PHE B 757 -43.10 -1.35 -15.14
CA PHE B 757 -44.00 -0.30 -15.56
C PHE B 757 -45.24 -1.00 -16.06
N ARG B 758 -46.38 -0.59 -15.50
CA ARG B 758 -47.70 -1.15 -15.78
C ARG B 758 -48.81 -0.09 -15.74
N LYS B 759 -48.73 0.84 -14.79
CA LYS B 759 -49.60 2.00 -14.74
C LYS B 759 -51.07 1.69 -14.38
N GLN B 760 -51.81 2.75 -14.05
CA GLN B 760 -53.22 2.68 -13.62
C GLN B 760 -53.48 1.65 -12.51
C1 GLC C . 9.66 2.20 11.72
C2 GLC C . 10.33 3.56 11.66
C3 GLC C . 11.68 3.45 10.95
C4 GLC C . 12.50 2.47 11.74
C5 GLC C . 11.82 1.11 11.92
C6 GLC C . 12.58 0.32 12.98
O1 GLC C . 9.40 1.68 10.41
O2 GLC C . 9.47 4.43 10.94
O3 GLC C . 12.42 4.69 10.95
O4 GLC C . 13.81 2.43 11.19
O5 GLC C . 10.45 1.22 12.37
O6 GLC C . 12.27 -1.09 12.95
C1 GAL C . 14.10 1.67 10.04
C2 GAL C . 15.37 2.28 9.51
C3 GAL C . 15.94 1.46 8.36
C4 GAL C . 16.16 0.02 8.84
C5 GAL C . 14.80 -0.48 9.34
C6 GAL C . 14.81 -1.91 9.84
O2 GAL C . 14.99 3.57 9.06
O3 GAL C . 17.10 2.11 7.80
O4 GAL C . 17.14 -0.05 9.86
O5 GAL C . 14.31 0.31 10.40
O6 GAL C . 13.53 -2.13 10.46
C1 GLC D . -9.41 -1.71 -12.16
C2 GLC D . -10.86 -1.24 -12.03
C3 GLC D . -11.73 -2.39 -11.51
C4 GLC D . -11.53 -3.50 -12.51
C5 GLC D . -10.08 -3.95 -12.75
C6 GLC D . -10.09 -4.90 -13.94
O1 GLC D . -8.93 -2.11 -10.86
O2 GLC D . -10.91 -0.10 -11.17
O3 GLC D . -13.15 -2.12 -11.45
O4 GLC D . -12.37 -4.59 -12.17
O5 GLC D . -9.26 -2.81 -13.07
O6 GLC D . -8.95 -5.75 -13.98
C1 GAL D . -12.01 -5.43 -11.09
C2 GAL D . -13.37 -5.84 -10.58
C3 GAL D . -13.22 -6.87 -9.49
C4 GAL D . -12.38 -8.04 -9.98
C5 GAL D . -11.07 -7.53 -10.53
C6 GAL D . -10.25 -8.63 -11.11
O2 GAL D . -14.06 -4.65 -10.16
O3 GAL D . -14.52 -7.28 -9.08
O4 GAL D . -13.07 -8.70 -11.01
O5 GAL D . -11.30 -6.57 -11.56
O6 GAL D . -9.09 -8.03 -11.65
CA CA E . 31.50 -3.57 -7.55
MG MG F . 38.53 30.11 28.33
C2 BGC G . 17.29 6.13 9.94
C3 BGC G . 18.40 5.07 9.98
C4 BGC G . 18.82 4.84 11.43
C5 BGC G . 17.61 4.52 12.30
C6 BGC G . 17.96 4.33 13.77
C1 BGC G . 16.14 5.73 10.87
O1 BGC G . 15.11 6.73 10.82
O2 BGC G . 16.74 6.24 8.63
O3 BGC G . 19.55 5.47 9.23
O4 BGC G . 19.77 3.78 11.46
O5 BGC G . 16.64 5.58 12.18
O6 BGC G . 18.46 5.55 14.33
CA CA H . -19.64 -22.14 5.81
MG MG I . -4.20 -33.20 -3.87
C2 BGC J . -17.74 -4.41 -10.44
C3 BGC J . -17.72 -5.93 -10.55
C4 BGC J . -18.02 -6.35 -11.99
C5 BGC J . -16.85 -5.90 -12.85
C6 BGC J . -17.22 -5.89 -14.33
C1 BGC J . -17.11 -3.76 -11.69
O1 BGC J . -18.08 -3.24 -12.59
O2 BGC J . -17.02 -4.05 -9.26
O3 BGC J . -18.71 -6.47 -9.68
O4 BGC J . -18.09 -7.79 -12.12
O5 BGC J . -16.27 -4.66 -12.42
O6 BGC J . -18.36 -5.06 -14.57
#